data_3DER
#
_entry.id   3DER
#
_cell.length_a   190.690
_cell.length_b   190.690
_cell.length_c   283.106
_cell.angle_alpha   90.00
_cell.angle_beta   90.00
_cell.angle_gamma   120.00
#
_symmetry.space_group_name_H-M   'P 61 2 2'
#
loop_
_entity.id
_entity.type
_entity.pdbx_description
1 polymer 'Muconate cycloisomerase'
2 non-polymer 'MAGNESIUM ION'
3 non-polymer ALANINE
4 non-polymer LYSINE
5 water water
#
_entity_poly.entity_id   1
_entity_poly.type   'polypeptide(L)'
_entity_poly.pdbx_seq_one_letter_code
;MSRIVNVKLSLKRYEYEKPFHITGSVSSESRNVEVEIVLESGVKGYGEASPSFRVNGERVEALLAIENAVREMITGIDVR
NYARIFEITDRLFGFPSLKAAVQFATLDALSQELGTQVCYLLGGKRDEIETDKTVGIDTVENRVKEAKKIFEEGFRVIKI
KVGENLKEDIEAVEEIAKVTRGAKYIVDANMGYTQKEAVEFARAVYQKGIDIAVYEQPVRREDIEGLKFVRFHSPFPVAA
DESARTKFDVMRLVKEEAVDYVNIKLMKSGISDALAIVEIAESSGLKLMIGCMGESSLGINQSVHFALGTGAFEFHDLDS
HLMLKEEVFRGKFIQDGPRMRVKDQ
;
_entity_poly.pdbx_strand_id   A,B,C,D
#
# COMPACT_ATOMS: atom_id res chain seq x y z
N ARG A 3 -3.32 -31.98 4.73
CA ARG A 3 -4.63 -31.26 4.76
C ARG A 3 -5.24 -31.22 6.15
N ILE A 4 -6.03 -30.19 6.41
CA ILE A 4 -6.69 -30.02 7.70
C ILE A 4 -7.86 -31.03 7.78
N VAL A 5 -7.86 -31.86 8.82
CA VAL A 5 -8.94 -32.83 8.98
C VAL A 5 -9.93 -32.42 10.06
N ASN A 6 -9.53 -31.49 10.91
CA ASN A 6 -10.40 -31.00 11.96
C ASN A 6 -9.91 -29.69 12.60
N VAL A 7 -10.84 -28.97 13.20
CA VAL A 7 -10.55 -27.71 13.89
C VAL A 7 -11.38 -27.71 15.17
N LYS A 8 -10.77 -27.28 16.27
CA LYS A 8 -11.46 -27.24 17.55
C LYS A 8 -11.28 -25.88 18.24
N LEU A 9 -12.37 -25.33 18.73
CA LEU A 9 -12.37 -24.06 19.45
C LEU A 9 -12.64 -24.36 20.92
N SER A 10 -11.94 -23.65 21.81
CA SER A 10 -12.12 -23.89 23.24
C SER A 10 -11.99 -22.61 24.05
N LEU A 11 -12.91 -22.40 24.99
CA LEU A 11 -12.88 -21.24 25.85
C LEU A 11 -11.76 -21.36 26.89
N LYS A 12 -10.96 -20.31 27.02
CA LYS A 12 -9.86 -20.30 27.99
C LYS A 12 -9.88 -18.96 28.72
N ARG A 13 -10.07 -19.00 30.03
CA ARG A 13 -10.13 -17.78 30.83
C ARG A 13 -8.86 -17.56 31.64
N TYR A 14 -8.40 -16.31 31.67
CA TYR A 14 -7.19 -15.94 32.41
C TYR A 14 -7.55 -14.72 33.25
N GLU A 15 -7.12 -14.72 34.50
CA GLU A 15 -7.42 -13.60 35.38
C GLU A 15 -6.25 -12.65 35.44
N TYR A 16 -6.54 -11.35 35.44
CA TYR A 16 -5.50 -10.34 35.51
C TYR A 16 -4.96 -10.30 36.93
N GLU A 17 -3.66 -10.03 37.07
CA GLU A 17 -3.06 -9.96 38.39
C GLU A 17 -3.74 -8.83 39.17
N LYS A 18 -4.16 -7.81 38.44
CA LYS A 18 -4.87 -6.65 39.00
C LYS A 18 -5.76 -6.11 37.88
N PRO A 19 -6.89 -5.49 38.24
CA PRO A 19 -7.80 -4.95 37.22
C PRO A 19 -7.04 -4.03 36.25
N PHE A 20 -7.29 -4.21 34.97
CA PHE A 20 -6.63 -3.40 33.94
C PHE A 20 -7.59 -2.31 33.48
N HIS A 21 -7.26 -1.07 33.83
CA HIS A 21 -8.11 0.07 33.49
C HIS A 21 -7.57 0.95 32.35
N ILE A 22 -8.37 1.08 31.30
CA ILE A 22 -8.04 1.93 30.16
C ILE A 22 -9.28 2.77 29.90
N THR A 23 -9.15 3.80 29.06
CA THR A 23 -10.28 4.66 28.76
C THR A 23 -11.52 3.84 28.38
N GLY A 24 -12.59 4.03 29.12
CA GLY A 24 -13.84 3.33 28.86
C GLY A 24 -13.84 1.83 29.02
N SER A 25 -12.90 1.29 29.78
CA SER A 25 -12.86 -0.16 29.98
C SER A 25 -12.00 -0.64 31.15
N VAL A 26 -12.58 -1.50 31.97
CA VAL A 26 -11.89 -2.08 33.12
C VAL A 26 -12.05 -3.59 32.96
N SER A 27 -10.94 -4.31 32.88
CA SER A 27 -10.98 -5.75 32.71
C SER A 27 -10.31 -6.47 33.88
N SER A 28 -10.99 -7.48 34.39
CA SER A 28 -10.48 -8.25 35.52
C SER A 28 -10.16 -9.66 35.02
N GLU A 29 -10.73 -10.01 33.87
CA GLU A 29 -10.51 -11.31 33.27
C GLU A 29 -10.40 -11.22 31.76
N SER A 30 -9.58 -12.09 31.18
CA SER A 30 -9.42 -12.13 29.74
C SER A 30 -9.96 -13.47 29.27
N ARG A 31 -11.05 -13.41 28.52
CA ARG A 31 -11.68 -14.62 28.01
C ARG A 31 -11.32 -14.82 26.55
N ASN A 32 -10.47 -15.81 26.29
CA ASN A 32 -10.02 -16.10 24.94
C ASN A 32 -10.55 -17.41 24.39
N VAL A 33 -10.37 -17.59 23.09
CA VAL A 33 -10.79 -18.81 22.43
C VAL A 33 -9.56 -19.45 21.79
N GLU A 34 -9.19 -20.62 22.29
CA GLU A 34 -8.05 -21.33 21.75
C GLU A 34 -8.47 -22.09 20.50
N VAL A 35 -7.61 -22.03 19.48
CA VAL A 35 -7.89 -22.72 18.22
C VAL A 35 -6.85 -23.80 17.98
N GLU A 36 -7.32 -25.01 17.69
CA GLU A 36 -6.41 -26.11 17.41
C GLU A 36 -6.78 -26.67 16.04
N ILE A 37 -5.79 -26.79 15.18
CA ILE A 37 -6.01 -27.32 13.85
C ILE A 37 -5.28 -28.66 13.77
N VAL A 38 -5.96 -29.68 13.25
CA VAL A 38 -5.35 -31.01 13.13
C VAL A 38 -5.19 -31.41 11.67
N LEU A 39 -3.99 -31.82 11.31
CA LEU A 39 -3.65 -32.23 9.95
C LEU A 39 -3.67 -33.75 9.82
N GLU A 40 -3.91 -34.23 8.61
CA GLU A 40 -3.94 -35.66 8.37
C GLU A 40 -2.64 -36.33 8.81
N SER A 41 -1.55 -35.58 8.76
CA SER A 41 -0.24 -36.09 9.16
C SER A 41 -0.13 -36.29 10.67
N GLY A 42 -1.05 -35.69 11.41
CA GLY A 42 -1.00 -35.81 12.86
C GLY A 42 -0.53 -34.52 13.50
N VAL A 43 0.04 -33.63 12.67
CA VAL A 43 0.53 -32.34 13.15
C VAL A 43 -0.65 -31.53 13.67
N LYS A 44 -0.41 -30.79 14.74
CA LYS A 44 -1.44 -29.95 15.33
C LYS A 44 -0.94 -28.51 15.43
N GLY A 45 -1.70 -27.60 14.86
CA GLY A 45 -1.34 -26.18 14.90
C GLY A 45 -2.24 -25.47 15.90
N TYR A 46 -1.68 -24.52 16.65
CA TYR A 46 -2.44 -23.80 17.65
C TYR A 46 -2.44 -22.28 17.47
N GLY A 47 -3.56 -21.67 17.84
CA GLY A 47 -3.69 -20.22 17.77
C GLY A 47 -4.61 -19.78 18.89
N GLU A 48 -4.67 -18.48 19.17
CA GLU A 48 -5.54 -17.99 20.22
C GLU A 48 -6.22 -16.70 19.79
N ALA A 49 -7.52 -16.64 20.04
CA ALA A 49 -8.30 -15.46 19.73
C ALA A 49 -8.60 -14.75 21.03
N SER A 50 -8.35 -13.45 21.07
CA SER A 50 -8.63 -12.63 22.23
C SER A 50 -9.59 -11.58 21.68
N PRO A 51 -10.89 -11.94 21.59
CA PRO A 51 -11.92 -11.04 21.07
C PRO A 51 -12.08 -9.74 21.84
N SER A 52 -12.50 -8.71 21.13
CA SER A 52 -12.71 -7.40 21.72
C SER A 52 -14.05 -6.83 21.30
N PHE A 53 -14.92 -6.60 22.27
CA PHE A 53 -16.23 -6.04 22.00
C PHE A 53 -16.07 -4.55 21.68
N ARG A 54 -15.23 -3.89 22.45
CA ARG A 54 -14.97 -2.46 22.27
C ARG A 54 -14.39 -2.13 20.90
N VAL A 55 -13.37 -2.88 20.49
CA VAL A 55 -12.70 -2.60 19.22
C VAL A 55 -13.23 -3.34 18.01
N ASN A 56 -13.40 -4.65 18.12
CA ASN A 56 -13.89 -5.45 17.00
C ASN A 56 -15.39 -5.72 17.00
N GLY A 57 -16.05 -5.37 18.11
CA GLY A 57 -17.47 -5.61 18.23
C GLY A 57 -17.78 -7.07 18.48
N GLU A 58 -16.75 -7.85 18.78
CA GLU A 58 -16.89 -9.28 19.05
C GLU A 58 -17.32 -9.62 20.46
N ARG A 59 -17.88 -10.82 20.61
CA ARG A 59 -18.27 -11.33 21.92
C ARG A 59 -17.83 -12.79 21.91
N VAL A 60 -17.14 -13.20 22.98
CA VAL A 60 -16.63 -14.56 23.07
C VAL A 60 -17.68 -15.65 22.79
N GLU A 61 -18.90 -15.48 23.28
CA GLU A 61 -19.97 -16.47 23.06
C GLU A 61 -20.25 -16.61 21.57
N ALA A 62 -20.15 -15.50 20.85
CA ALA A 62 -20.39 -15.51 19.41
C ALA A 62 -19.31 -16.30 18.69
N LEU A 63 -18.05 -16.11 19.09
CA LEU A 63 -16.96 -16.85 18.46
C LEU A 63 -17.13 -18.35 18.65
N LEU A 64 -17.39 -18.76 19.90
CA LEU A 64 -17.57 -20.17 20.20
C LEU A 64 -18.74 -20.78 19.43
N ALA A 65 -19.76 -19.96 19.17
CA ALA A 65 -20.94 -20.42 18.44
C ALA A 65 -20.73 -20.79 16.98
N ILE A 66 -19.68 -20.29 16.35
CA ILE A 66 -19.48 -20.61 14.94
C ILE A 66 -18.39 -21.66 14.67
N GLU A 67 -18.05 -22.45 15.69
CA GLU A 67 -17.03 -23.48 15.55
C GLU A 67 -17.28 -24.37 14.33
N ASN A 68 -18.49 -24.91 14.20
CA ASN A 68 -18.83 -25.78 13.08
C ASN A 68 -18.62 -25.10 11.74
N ALA A 69 -19.01 -23.83 11.65
CA ALA A 69 -18.86 -23.08 10.40
C ALA A 69 -17.40 -22.95 10.00
N VAL A 70 -16.54 -22.66 10.98
CA VAL A 70 -15.12 -22.50 10.70
C VAL A 70 -14.56 -23.85 10.23
N ARG A 71 -14.94 -24.91 10.93
CA ARG A 71 -14.50 -26.24 10.58
C ARG A 71 -14.84 -26.56 9.13
N GLU A 72 -16.07 -26.27 8.73
CA GLU A 72 -16.51 -26.53 7.36
C GLU A 72 -15.74 -25.68 6.35
N MET A 73 -15.42 -24.45 6.73
CA MET A 73 -14.70 -23.54 5.85
C MET A 73 -13.29 -23.97 5.48
N ILE A 74 -12.55 -24.52 6.43
CA ILE A 74 -11.16 -24.89 6.16
C ILE A 74 -10.71 -26.34 6.11
N THR A 75 -11.50 -27.26 6.64
CA THR A 75 -11.08 -28.66 6.57
C THR A 75 -11.00 -29.08 5.11
N GLY A 76 -10.06 -29.94 4.79
CA GLY A 76 -9.92 -30.39 3.41
C GLY A 76 -8.89 -29.59 2.63
N ILE A 77 -8.37 -28.52 3.21
CA ILE A 77 -7.37 -27.70 2.53
C ILE A 77 -5.97 -27.98 3.06
N ASP A 78 -5.01 -28.06 2.15
CA ASP A 78 -3.62 -28.32 2.52
C ASP A 78 -3.01 -27.02 3.05
N VAL A 79 -2.35 -27.09 4.20
CA VAL A 79 -1.74 -25.89 4.75
C VAL A 79 -0.63 -25.30 3.88
N ARG A 80 -0.18 -26.06 2.88
CA ARG A 80 0.86 -25.52 2.01
C ARG A 80 0.21 -24.55 1.03
N ASN A 81 -1.11 -24.57 0.97
CA ASN A 81 -1.86 -23.63 0.12
C ASN A 81 -2.47 -22.64 1.10
N TYR A 82 -1.67 -22.21 2.08
CA TYR A 82 -2.16 -21.29 3.10
C TYR A 82 -2.82 -20.02 2.57
N ALA A 83 -2.49 -19.59 1.37
CA ALA A 83 -3.10 -18.40 0.81
C ALA A 83 -4.60 -18.63 0.61
N ARG A 84 -4.98 -19.89 0.35
CA ARG A 84 -6.38 -20.23 0.16
C ARG A 84 -7.10 -20.12 1.50
N ILE A 85 -6.44 -20.60 2.55
CA ILE A 85 -7.00 -20.54 3.89
C ILE A 85 -7.15 -19.07 4.30
N PHE A 86 -6.16 -18.26 3.95
CA PHE A 86 -6.19 -16.83 4.27
C PHE A 86 -7.37 -16.15 3.61
N GLU A 87 -7.55 -16.38 2.31
CA GLU A 87 -8.67 -15.77 1.59
C GLU A 87 -10.01 -16.18 2.18
N ILE A 88 -10.14 -17.46 2.51
CA ILE A 88 -11.38 -17.95 3.09
C ILE A 88 -11.65 -17.33 4.44
N THR A 89 -10.65 -17.34 5.33
CA THR A 89 -10.82 -16.76 6.65
C THR A 89 -10.97 -15.24 6.62
N ASP A 90 -10.63 -14.61 5.50
CA ASP A 90 -10.79 -13.15 5.39
C ASP A 90 -12.29 -12.86 5.45
N ARG A 91 -13.11 -13.86 5.16
CA ARG A 91 -14.56 -13.71 5.20
C ARG A 91 -15.06 -13.58 6.64
N LEU A 92 -14.17 -13.86 7.59
CA LEU A 92 -14.52 -13.77 9.01
C LEU A 92 -14.18 -12.38 9.53
N PHE A 93 -14.48 -11.35 8.76
CA PHE A 93 -14.16 -9.99 9.19
C PHE A 93 -14.95 -9.54 10.41
N GLY A 94 -16.02 -10.27 10.72
CA GLY A 94 -16.83 -9.96 11.89
C GLY A 94 -16.29 -10.70 13.10
N PHE A 95 -15.32 -11.57 12.85
CA PHE A 95 -14.68 -12.37 13.89
C PHE A 95 -13.16 -12.31 13.66
N PRO A 96 -12.60 -11.10 13.54
CA PRO A 96 -11.16 -10.93 13.30
C PRO A 96 -10.20 -11.65 14.23
N SER A 97 -10.52 -11.75 15.52
CA SER A 97 -9.60 -12.42 16.43
C SER A 97 -9.54 -13.91 16.13
N LEU A 98 -10.64 -14.44 15.63
CA LEU A 98 -10.72 -15.86 15.28
C LEU A 98 -10.00 -16.05 13.95
N LYS A 99 -10.18 -15.08 13.05
CA LYS A 99 -9.51 -15.09 11.76
C LYS A 99 -8.02 -15.20 12.02
N ALA A 100 -7.53 -14.41 12.97
CA ALA A 100 -6.12 -14.39 13.32
C ALA A 100 -5.66 -15.73 13.88
N ALA A 101 -6.39 -16.23 14.87
CA ALA A 101 -6.03 -17.50 15.49
C ALA A 101 -5.97 -18.64 14.47
N VAL A 102 -6.94 -18.70 13.57
CA VAL A 102 -6.95 -19.74 12.55
C VAL A 102 -5.79 -19.58 11.57
N GLN A 103 -5.55 -18.34 11.13
CA GLN A 103 -4.46 -18.11 10.19
C GLN A 103 -3.11 -18.44 10.81
N PHE A 104 -2.91 -18.10 12.08
CA PHE A 104 -1.62 -18.43 12.68
C PHE A 104 -1.50 -19.93 12.90
N ALA A 105 -2.58 -20.55 13.36
CA ALA A 105 -2.55 -22.00 13.60
C ALA A 105 -2.14 -22.69 12.30
N THR A 106 -2.59 -22.13 11.18
CA THR A 106 -2.26 -22.68 9.88
C THR A 106 -0.74 -22.61 9.65
N LEU A 107 -0.16 -21.44 9.90
CA LEU A 107 1.28 -21.30 9.71
C LEU A 107 2.05 -22.14 10.73
N ASP A 108 1.49 -22.26 11.93
CA ASP A 108 2.14 -23.04 12.97
C ASP A 108 2.25 -24.51 12.54
N ALA A 109 1.17 -25.03 11.95
CA ALA A 109 1.14 -26.41 11.49
C ALA A 109 2.05 -26.57 10.28
N LEU A 110 2.00 -25.60 9.37
CA LEU A 110 2.82 -25.65 8.18
C LEU A 110 4.31 -25.65 8.51
N SER A 111 4.73 -24.73 9.36
CA SER A 111 6.13 -24.66 9.75
C SER A 111 6.60 -25.98 10.34
N GLN A 112 5.76 -26.64 11.15
CA GLN A 112 6.13 -27.91 11.74
C GLN A 112 6.37 -28.93 10.62
N GLU A 113 5.48 -28.97 9.64
CA GLU A 113 5.63 -29.91 8.54
C GLU A 113 6.85 -29.64 7.69
N LEU A 114 7.26 -28.38 7.60
CA LEU A 114 8.43 -28.02 6.81
C LEU A 114 9.71 -28.12 7.62
N GLY A 115 9.57 -28.32 8.92
CA GLY A 115 10.74 -28.44 9.78
C GLY A 115 11.38 -27.13 10.21
N THR A 116 10.58 -26.07 10.28
CA THR A 116 11.11 -24.76 10.69
C THR A 116 10.11 -24.08 11.63
N GLN A 117 10.30 -22.79 11.87
CA GLN A 117 9.42 -22.02 12.75
C GLN A 117 8.67 -20.93 12.00
N VAL A 118 7.57 -20.44 12.55
CA VAL A 118 6.78 -19.42 11.90
C VAL A 118 7.58 -18.16 11.56
N CYS A 119 8.42 -17.72 12.48
CA CYS A 119 9.23 -16.52 12.24
C CYS A 119 10.09 -16.68 10.99
N TYR A 120 10.62 -17.89 10.77
CA TYR A 120 11.45 -18.11 9.59
C TYR A 120 10.62 -18.15 8.32
N LEU A 121 9.42 -18.71 8.42
CA LEU A 121 8.53 -18.77 7.27
C LEU A 121 8.24 -17.33 6.82
N LEU A 122 8.22 -16.41 7.78
CA LEU A 122 7.91 -15.01 7.48
C LEU A 122 9.11 -14.13 7.16
N GLY A 123 10.31 -14.71 7.08
CA GLY A 123 11.47 -13.91 6.75
C GLY A 123 12.68 -14.09 7.65
N GLY A 124 12.44 -14.42 8.92
CA GLY A 124 13.55 -14.62 9.85
C GLY A 124 14.42 -13.38 9.94
N LYS A 125 13.78 -12.21 9.87
CA LYS A 125 14.51 -10.95 9.90
C LYS A 125 15.32 -10.69 11.18
N ARG A 126 14.70 -10.88 12.34
CA ARG A 126 15.33 -10.63 13.63
C ARG A 126 15.41 -11.87 14.52
N ASP A 127 16.34 -11.86 15.47
CA ASP A 127 16.46 -12.99 16.38
C ASP A 127 15.94 -12.58 17.74
N GLU A 128 15.79 -11.27 17.94
CA GLU A 128 15.31 -10.77 19.22
C GLU A 128 14.55 -9.46 19.09
N ILE A 129 13.60 -9.27 19.99
CA ILE A 129 12.81 -8.05 20.05
C ILE A 129 12.62 -7.73 21.52
N GLU A 130 12.20 -6.50 21.81
CA GLU A 130 11.95 -6.11 23.18
C GLU A 130 10.56 -5.50 23.28
N THR A 131 9.85 -5.85 24.33
CA THR A 131 8.51 -5.32 24.54
C THR A 131 8.53 -4.28 25.65
N ASP A 132 7.54 -3.39 25.62
CA ASP A 132 7.39 -2.39 26.67
C ASP A 132 6.49 -3.09 27.68
N LYS A 133 6.04 -2.36 28.68
CA LYS A 133 5.10 -2.89 29.66
C LYS A 133 4.17 -1.73 29.98
N THR A 134 2.91 -2.05 30.19
CA THR A 134 1.89 -1.02 30.41
C THR A 134 1.53 -0.62 31.84
N VAL A 135 1.29 0.67 32.02
CA VAL A 135 0.87 1.24 33.29
C VAL A 135 -0.59 1.63 33.05
N GLY A 136 -1.51 0.88 33.65
CA GLY A 136 -2.92 1.18 33.48
C GLY A 136 -3.34 2.44 34.21
N ILE A 137 -4.56 2.90 33.94
CA ILE A 137 -5.08 4.10 34.58
C ILE A 137 -5.33 3.81 36.07
N ASP A 138 -4.88 4.73 36.92
CA ASP A 138 -5.04 4.60 38.35
C ASP A 138 -4.67 5.96 38.93
N THR A 139 -4.63 6.08 40.25
CA THR A 139 -4.25 7.35 40.87
C THR A 139 -2.83 7.64 40.43
N VAL A 140 -2.44 8.91 40.44
CA VAL A 140 -1.09 9.28 40.05
C VAL A 140 -0.09 8.51 40.91
N GLU A 141 -0.40 8.40 42.20
CA GLU A 141 0.47 7.70 43.13
C GLU A 141 0.68 6.24 42.75
N ASN A 142 -0.41 5.53 42.45
CA ASN A 142 -0.31 4.13 42.07
C ASN A 142 0.37 3.96 40.71
N ARG A 143 0.11 4.88 39.80
CA ARG A 143 0.71 4.83 38.47
C ARG A 143 2.22 4.97 38.62
N VAL A 144 2.65 5.94 39.41
CA VAL A 144 4.07 6.17 39.63
C VAL A 144 4.70 4.92 40.24
N LYS A 145 4.02 4.34 41.21
CA LYS A 145 4.52 3.14 41.87
C LYS A 145 4.71 2.01 40.85
N GLU A 146 3.73 1.80 39.99
CA GLU A 146 3.82 0.73 39.00
C GLU A 146 4.93 1.03 37.98
N ALA A 147 5.03 2.28 37.55
CA ALA A 147 6.07 2.67 36.60
C ALA A 147 7.45 2.37 37.16
N LYS A 148 7.68 2.73 38.42
CA LYS A 148 8.97 2.48 39.06
C LYS A 148 9.26 0.98 39.08
N LYS A 149 8.23 0.19 39.35
CA LYS A 149 8.37 -1.26 39.39
C LYS A 149 8.74 -1.82 38.02
N ILE A 150 8.01 -1.37 36.99
CA ILE A 150 8.27 -1.83 35.64
C ILE A 150 9.70 -1.47 35.26
N PHE A 151 10.12 -0.27 35.66
CA PHE A 151 11.47 0.19 35.36
C PHE A 151 12.53 -0.71 35.99
N GLU A 152 12.33 -1.07 37.26
CA GLU A 152 13.29 -1.92 37.95
C GLU A 152 13.35 -3.32 37.36
N GLU A 153 12.26 -3.75 36.72
CA GLU A 153 12.24 -5.07 36.11
C GLU A 153 13.06 -5.09 34.82
N GLY A 154 13.59 -3.93 34.43
CA GLY A 154 14.40 -3.86 33.24
C GLY A 154 13.76 -3.28 31.98
N PHE A 155 12.47 -3.00 32.03
CA PHE A 155 11.78 -2.45 30.87
C PHE A 155 12.24 -1.01 30.62
N ARG A 156 12.56 -0.70 29.37
CA ARG A 156 13.02 0.64 29.04
C ARG A 156 12.08 1.42 28.11
N VAL A 157 10.92 0.84 27.85
CA VAL A 157 9.87 1.48 27.08
C VAL A 157 8.66 1.23 27.96
N ILE A 158 8.06 2.31 28.45
CA ILE A 158 6.91 2.21 29.33
C ILE A 158 5.68 2.82 28.67
N LYS A 159 4.64 2.02 28.52
CA LYS A 159 3.40 2.46 27.91
C LYS A 159 2.46 2.96 29.00
N ILE A 160 2.06 4.22 28.89
CA ILE A 160 1.21 4.87 29.88
C ILE A 160 -0.20 5.16 29.38
N LYS A 161 -1.21 4.59 30.04
CA LYS A 161 -2.59 4.81 29.66
C LYS A 161 -3.11 6.14 30.21
N VAL A 162 -3.86 6.85 29.39
CA VAL A 162 -4.47 8.14 29.76
C VAL A 162 -5.78 8.23 29.00
N GLY A 163 -6.48 9.37 29.12
CA GLY A 163 -7.72 9.52 28.37
C GLY A 163 -8.97 9.95 29.11
N GLU A 164 -9.00 9.75 30.42
CA GLU A 164 -10.19 10.13 31.19
C GLU A 164 -10.10 11.41 32.01
N ASN A 165 -8.90 11.92 32.22
CA ASN A 165 -8.71 13.15 33.00
C ASN A 165 -7.44 13.85 32.52
N LEU A 166 -7.59 14.76 31.55
CA LEU A 166 -6.46 15.50 30.98
C LEU A 166 -5.47 16.05 32.00
N LYS A 167 -5.97 16.82 32.96
CA LYS A 167 -5.10 17.39 33.98
C LYS A 167 -4.30 16.33 34.73
N GLU A 168 -5.00 15.30 35.20
CA GLU A 168 -4.32 14.24 35.94
C GLU A 168 -3.42 13.40 35.04
N ASP A 169 -3.79 13.25 33.77
CA ASP A 169 -2.98 12.48 32.83
C ASP A 169 -1.65 13.17 32.63
N ILE A 170 -1.68 14.49 32.48
CA ILE A 170 -0.46 15.26 32.30
C ILE A 170 0.41 15.06 33.53
N GLU A 171 -0.18 15.28 34.70
CA GLU A 171 0.53 15.13 35.97
C GLU A 171 1.14 13.73 36.07
N ALA A 172 0.36 12.71 35.76
CA ALA A 172 0.82 11.32 35.82
C ALA A 172 2.06 11.08 34.94
N VAL A 173 2.02 11.55 33.70
CA VAL A 173 3.15 11.35 32.79
C VAL A 173 4.37 12.08 33.32
N GLU A 174 4.18 13.31 33.78
CA GLU A 174 5.28 14.10 34.31
C GLU A 174 5.91 13.43 35.54
N GLU A 175 5.09 12.90 36.43
CA GLU A 175 5.60 12.24 37.63
C GLU A 175 6.30 10.92 37.31
N ILE A 176 5.78 10.19 36.33
CA ILE A 176 6.39 8.92 35.94
C ILE A 176 7.76 9.15 35.29
N ALA A 177 7.85 10.20 34.46
CA ALA A 177 9.10 10.51 33.78
C ALA A 177 10.24 10.80 34.75
N LYS A 178 9.94 11.52 35.82
CA LYS A 178 10.94 11.88 36.82
C LYS A 178 11.59 10.70 37.51
N VAL A 179 10.84 9.62 37.68
CA VAL A 179 11.37 8.45 38.37
C VAL A 179 11.78 7.30 37.45
N THR A 180 11.78 7.53 36.15
CA THR A 180 12.17 6.48 35.21
C THR A 180 13.13 7.02 34.16
N ARG A 181 14.00 7.94 34.58
CA ARG A 181 14.96 8.54 33.66
C ARG A 181 15.73 7.47 32.90
N GLY A 182 15.73 7.60 31.57
CA GLY A 182 16.42 6.64 30.74
C GLY A 182 15.44 5.84 29.90
N ALA A 183 14.18 5.85 30.29
CA ALA A 183 13.15 5.10 29.58
C ALA A 183 12.47 5.96 28.53
N LYS A 184 11.88 5.30 27.53
CA LYS A 184 11.13 5.97 26.49
C LYS A 184 9.68 5.73 26.86
N TYR A 185 8.79 6.61 26.42
CA TYR A 185 7.39 6.50 26.76
C TYR A 185 6.43 6.45 25.60
N ILE A 186 5.42 5.60 25.74
CA ILE A 186 4.36 5.50 24.76
C ILE A 186 3.12 5.89 25.56
N VAL A 187 2.39 6.89 25.08
CA VAL A 187 1.17 7.32 25.76
C VAL A 187 -0.02 6.87 24.92
N ASP A 188 -0.97 6.19 25.56
CA ASP A 188 -2.14 5.66 24.84
C ASP A 188 -3.42 6.21 25.47
N ALA A 189 -4.16 7.01 24.70
CA ALA A 189 -5.40 7.60 25.19
C ALA A 189 -6.66 6.76 24.90
N ASN A 190 -6.51 5.71 24.11
CA ASN A 190 -7.65 4.86 23.73
C ASN A 190 -8.90 5.68 23.38
N MET A 191 -8.72 6.65 22.49
CA MET A 191 -9.80 7.51 22.00
C MET A 191 -10.43 8.47 23.00
N GLY A 192 -9.79 8.69 24.14
CA GLY A 192 -10.39 9.55 25.16
C GLY A 192 -10.42 11.06 25.01
N TYR A 193 -9.59 11.63 24.15
CA TYR A 193 -9.54 13.08 24.00
C TYR A 193 -10.18 13.65 22.75
N THR A 194 -10.58 14.92 22.83
CA THR A 194 -11.10 15.61 21.68
C THR A 194 -9.80 16.00 20.96
N GLN A 195 -9.90 16.47 19.73
CA GLN A 195 -8.71 16.86 18.97
C GLN A 195 -7.85 17.89 19.72
N LYS A 196 -8.51 18.94 20.22
CA LYS A 196 -7.84 20.02 20.94
C LYS A 196 -7.25 19.57 22.28
N GLU A 197 -7.95 18.70 22.99
CA GLU A 197 -7.43 18.22 24.26
C GLU A 197 -6.19 17.37 23.98
N ALA A 198 -6.25 16.58 22.92
CA ALA A 198 -5.12 15.73 22.54
C ALA A 198 -3.88 16.59 22.25
N VAL A 199 -4.10 17.70 21.55
CA VAL A 199 -3.00 18.61 21.23
C VAL A 199 -2.44 19.24 22.50
N GLU A 200 -3.32 19.70 23.38
CA GLU A 200 -2.89 20.33 24.62
C GLU A 200 -2.13 19.35 25.51
N PHE A 201 -2.54 18.09 25.53
CA PHE A 201 -1.84 17.11 26.35
C PHE A 201 -0.39 16.99 25.87
N ALA A 202 -0.22 16.86 24.56
CA ALA A 202 1.11 16.73 23.97
C ALA A 202 1.98 17.96 24.23
N ARG A 203 1.42 19.14 24.01
CA ARG A 203 2.18 20.37 24.23
C ARG A 203 2.60 20.57 25.68
N ALA A 204 1.70 20.23 26.61
CA ALA A 204 2.00 20.37 28.03
C ALA A 204 3.19 19.50 28.41
N VAL A 205 3.15 18.24 27.95
CA VAL A 205 4.23 17.29 28.23
C VAL A 205 5.52 17.74 27.55
N TYR A 206 5.39 18.20 26.30
CA TYR A 206 6.54 18.66 25.53
C TYR A 206 7.20 19.84 26.27
N GLN A 207 6.39 20.74 26.79
CA GLN A 207 6.90 21.90 27.51
C GLN A 207 7.70 21.55 28.75
N LYS A 208 7.43 20.40 29.34
CA LYS A 208 8.17 19.96 30.53
C LYS A 208 9.46 19.28 30.13
N GLY A 209 9.72 19.19 28.83
CA GLY A 209 10.93 18.56 28.36
C GLY A 209 10.85 17.05 28.22
N ILE A 210 9.63 16.52 28.26
CA ILE A 210 9.44 15.08 28.14
C ILE A 210 9.15 14.72 26.69
N ASP A 211 9.72 13.61 26.24
CA ASP A 211 9.53 13.15 24.88
C ASP A 211 8.65 11.89 24.87
N ILE A 212 7.67 11.86 23.98
CA ILE A 212 6.78 10.70 23.84
C ILE A 212 7.12 10.02 22.53
N ALA A 213 7.54 8.76 22.62
CA ALA A 213 7.93 7.99 21.44
C ALA A 213 6.76 7.76 20.50
N VAL A 214 5.62 7.39 21.07
CA VAL A 214 4.41 7.14 20.29
C VAL A 214 3.21 7.62 21.09
N TYR A 215 2.34 8.38 20.44
CA TYR A 215 1.13 8.93 21.06
C TYR A 215 -0.02 8.18 20.38
N GLU A 216 -0.50 7.12 21.04
CA GLU A 216 -1.55 6.26 20.50
C GLU A 216 -3.00 6.73 20.54
N GLN A 217 -3.67 6.57 19.40
CA GLN A 217 -5.09 6.88 19.19
C GLN A 217 -5.66 7.93 20.15
N PRO A 218 -5.27 9.19 19.99
CA PRO A 218 -5.79 10.22 20.88
C PRO A 218 -7.29 10.49 20.77
N VAL A 219 -7.84 10.35 19.56
CA VAL A 219 -9.26 10.65 19.33
C VAL A 219 -10.12 9.45 18.92
N ARG A 220 -11.42 9.69 18.79
CA ARG A 220 -12.39 8.66 18.40
C ARG A 220 -11.99 7.96 17.10
N ARG A 221 -12.35 6.68 16.99
CA ARG A 221 -11.97 5.87 15.82
C ARG A 221 -12.37 6.35 14.43
N GLU A 222 -13.51 7.01 14.30
CA GLU A 222 -13.95 7.46 12.98
C GLU A 222 -13.36 8.82 12.61
N ASP A 223 -12.75 9.48 13.59
CA ASP A 223 -12.20 10.81 13.37
C ASP A 223 -10.80 10.80 12.72
N ILE A 224 -10.76 10.36 11.46
CA ILE A 224 -9.49 10.33 10.72
C ILE A 224 -8.88 11.73 10.62
N GLU A 225 -9.72 12.72 10.34
CA GLU A 225 -9.27 14.10 10.21
C GLU A 225 -8.71 14.57 11.56
N GLY A 226 -9.28 14.05 12.64
CA GLY A 226 -8.84 14.41 13.97
C GLY A 226 -7.44 13.87 14.26
N LEU A 227 -7.20 12.64 13.82
CA LEU A 227 -5.89 12.02 14.00
C LEU A 227 -4.87 12.91 13.28
N LYS A 228 -5.22 13.30 12.06
CA LYS A 228 -4.32 14.14 11.28
C LYS A 228 -4.10 15.49 11.96
N PHE A 229 -5.18 16.07 12.49
CA PHE A 229 -5.07 17.35 13.17
C PHE A 229 -4.05 17.26 14.30
N VAL A 230 -4.15 16.21 15.10
CA VAL A 230 -3.20 16.04 16.21
C VAL A 230 -1.79 15.86 15.68
N ARG A 231 -1.65 15.07 14.62
CA ARG A 231 -0.34 14.83 14.03
C ARG A 231 0.31 16.12 13.55
N PHE A 232 -0.49 16.97 12.90
CA PHE A 232 0.01 18.21 12.36
C PHE A 232 0.11 19.39 13.32
N HIS A 233 -0.40 19.22 14.55
CA HIS A 233 -0.38 20.31 15.51
C HIS A 233 0.24 20.01 16.89
N SER A 234 0.87 18.84 17.03
CA SER A 234 1.53 18.47 18.28
C SER A 234 2.84 17.81 17.86
N PRO A 235 3.88 17.94 18.71
CA PRO A 235 5.23 17.41 18.45
C PRO A 235 5.58 15.92 18.41
N PHE A 236 4.71 15.03 18.89
CA PHE A 236 5.06 13.61 18.93
C PHE A 236 4.41 12.76 17.84
N PRO A 237 5.02 11.62 17.53
CA PRO A 237 4.46 10.75 16.49
C PRO A 237 3.10 10.25 16.94
N VAL A 238 2.11 10.34 16.05
CA VAL A 238 0.75 9.90 16.36
C VAL A 238 0.46 8.56 15.71
N ALA A 239 -0.16 7.67 16.47
CA ALA A 239 -0.48 6.35 15.97
C ALA A 239 -1.97 6.07 15.93
N ALA A 240 -2.37 5.25 14.97
CA ALA A 240 -3.75 4.84 14.85
C ALA A 240 -3.78 3.41 15.41
N ASP A 241 -4.73 3.12 16.28
CA ASP A 241 -4.85 1.77 16.80
C ASP A 241 -6.28 1.39 16.44
N GLU A 242 -7.24 1.84 17.24
CA GLU A 242 -8.64 1.54 16.96
C GLU A 242 -9.05 1.93 15.55
N SER A 243 -8.43 2.98 14.99
CA SER A 243 -8.76 3.42 13.63
C SER A 243 -8.14 2.54 12.54
N ALA A 244 -7.14 1.75 12.89
CA ALA A 244 -6.45 0.91 11.92
C ALA A 244 -6.68 -0.58 12.16
N ARG A 245 -7.77 -1.10 11.59
CA ARG A 245 -8.12 -2.51 11.76
C ARG A 245 -7.81 -3.37 10.53
N THR A 246 -8.07 -2.83 9.34
CA THR A 246 -7.84 -3.57 8.10
C THR A 246 -6.83 -2.90 7.17
N LYS A 247 -6.40 -3.65 6.15
CA LYS A 247 -5.44 -3.12 5.20
C LYS A 247 -6.05 -1.93 4.47
N PHE A 248 -7.37 -1.94 4.32
CA PHE A 248 -8.07 -0.85 3.66
C PHE A 248 -8.07 0.40 4.55
N ASP A 249 -8.18 0.21 5.86
CA ASP A 249 -8.16 1.36 6.77
C ASP A 249 -6.80 2.02 6.66
N VAL A 250 -5.75 1.21 6.58
CA VAL A 250 -4.39 1.74 6.49
C VAL A 250 -4.09 2.47 5.19
N MET A 251 -4.60 1.96 4.06
CA MET A 251 -4.37 2.64 2.79
C MET A 251 -5.01 4.02 2.87
N ARG A 252 -6.17 4.10 3.53
CA ARG A 252 -6.84 5.38 3.67
C ARG A 252 -6.03 6.31 4.56
N LEU A 253 -5.54 5.78 5.69
CA LEU A 253 -4.75 6.58 6.61
C LEU A 253 -3.51 7.16 5.90
N VAL A 254 -2.86 6.34 5.09
CA VAL A 254 -1.67 6.79 4.37
C VAL A 254 -2.04 7.86 3.35
N LYS A 255 -3.12 7.62 2.60
CA LYS A 255 -3.57 8.57 1.59
C LYS A 255 -3.88 9.92 2.24
N GLU A 256 -4.51 9.88 3.41
CA GLU A 256 -4.88 11.10 4.12
C GLU A 256 -3.74 11.72 4.93
N GLU A 257 -2.62 11.00 5.04
CA GLU A 257 -1.47 11.49 5.81
C GLU A 257 -1.90 11.77 7.24
N ALA A 258 -2.78 10.92 7.77
CA ALA A 258 -3.31 11.11 9.12
C ALA A 258 -2.41 10.73 10.28
N VAL A 259 -1.55 9.74 10.10
CA VAL A 259 -0.71 9.32 11.21
C VAL A 259 0.74 9.00 10.86
N ASP A 260 1.59 9.02 11.88
CA ASP A 260 3.00 8.69 11.75
C ASP A 260 3.15 7.19 11.95
N TYR A 261 2.28 6.63 12.78
CA TYR A 261 2.34 5.21 13.11
C TYR A 261 1.01 4.49 13.03
N VAL A 262 1.12 3.16 12.93
CA VAL A 262 -0.05 2.30 12.99
C VAL A 262 0.35 1.19 13.96
N ASN A 263 -0.51 0.93 14.93
CA ASN A 263 -0.28 -0.13 15.89
C ASN A 263 -0.98 -1.35 15.27
N ILE A 264 -0.21 -2.27 14.72
CA ILE A 264 -0.78 -3.47 14.11
C ILE A 264 -1.09 -4.48 15.20
N LYS A 265 -2.26 -5.09 15.12
CA LYS A 265 -2.63 -6.13 16.06
C LYS A 265 -3.22 -7.27 15.24
N LEU A 266 -2.68 -8.46 15.43
CA LEU A 266 -3.19 -9.62 14.72
C LEU A 266 -4.66 -9.78 15.07
N MET A 267 -5.02 -9.42 16.31
CA MET A 267 -6.41 -9.56 16.73
C MET A 267 -7.37 -8.65 15.95
N LYS A 268 -6.83 -7.63 15.29
CA LYS A 268 -7.68 -6.75 14.49
C LYS A 268 -7.60 -7.11 13.02
N SER A 269 -6.39 -7.43 12.57
CA SER A 269 -6.15 -7.68 11.16
C SER A 269 -6.01 -9.12 10.70
N GLY A 270 -5.59 -10.00 11.60
CA GLY A 270 -5.33 -11.37 11.18
C GLY A 270 -3.96 -11.30 10.54
N ILE A 271 -3.38 -12.43 10.17
CA ILE A 271 -2.07 -12.45 9.53
C ILE A 271 -2.13 -11.81 8.13
N SER A 272 -3.18 -12.13 7.39
CA SER A 272 -3.35 -11.62 6.04
C SER A 272 -3.29 -10.09 5.93
N ASP A 273 -4.13 -9.38 6.69
CA ASP A 273 -4.12 -7.93 6.62
C ASP A 273 -2.84 -7.36 7.26
N ALA A 274 -2.32 -8.01 8.29
CA ALA A 274 -1.10 -7.54 8.94
C ALA A 274 0.05 -7.55 7.94
N LEU A 275 0.12 -8.60 7.12
CA LEU A 275 1.18 -8.69 6.11
C LEU A 275 1.03 -7.58 5.08
N ALA A 276 -0.21 -7.25 4.73
CA ALA A 276 -0.47 -6.19 3.76
C ALA A 276 -0.05 -4.83 4.36
N ILE A 277 -0.40 -4.63 5.63
CA ILE A 277 -0.07 -3.39 6.32
C ILE A 277 1.44 -3.18 6.43
N VAL A 278 2.18 -4.26 6.71
CA VAL A 278 3.64 -4.18 6.79
C VAL A 278 4.18 -3.70 5.44
N GLU A 279 3.68 -4.29 4.34
CA GLU A 279 4.13 -3.90 3.01
C GLU A 279 3.76 -2.45 2.68
N ILE A 280 2.55 -2.03 3.05
CA ILE A 280 2.10 -0.67 2.81
C ILE A 280 3.02 0.30 3.57
N ALA A 281 3.30 -0.03 4.82
CA ALA A 281 4.16 0.82 5.64
C ALA A 281 5.58 0.92 5.06
N GLU A 282 6.12 -0.19 4.59
CA GLU A 282 7.47 -0.18 4.03
C GLU A 282 7.52 0.52 2.67
N SER A 283 6.36 0.74 2.08
CA SER A 283 6.27 1.42 0.80
C SER A 283 5.83 2.87 0.97
N SER A 284 5.84 3.34 2.21
CA SER A 284 5.39 4.70 2.49
C SER A 284 6.12 5.30 3.68
N GLY A 285 5.71 6.50 4.10
CA GLY A 285 6.37 7.14 5.23
C GLY A 285 5.89 6.59 6.57
N LEU A 286 4.92 5.69 6.53
CA LEU A 286 4.37 5.11 7.74
C LEU A 286 5.35 4.21 8.50
N LYS A 287 5.31 4.30 9.83
CA LYS A 287 6.15 3.46 10.69
C LYS A 287 5.17 2.60 11.49
N LEU A 288 5.65 1.48 12.03
CA LEU A 288 4.76 0.58 12.77
C LEU A 288 5.20 0.14 14.15
N MET A 289 4.22 -0.26 14.95
CA MET A 289 4.48 -0.84 16.26
C MET A 289 3.52 -2.02 16.25
N ILE A 290 3.79 -3.05 17.05
CA ILE A 290 2.88 -4.20 17.09
C ILE A 290 2.33 -4.31 18.51
N GLY A 291 1.02 -4.45 18.61
CA GLY A 291 0.40 -4.53 19.92
C GLY A 291 -0.36 -5.83 20.17
N CYS A 292 -1.20 -5.81 21.20
CA CYS A 292 -1.98 -6.97 21.58
C CYS A 292 -3.23 -6.53 22.33
N MET A 293 -4.06 -7.48 22.71
CA MET A 293 -5.27 -7.19 23.44
C MET A 293 -5.18 -7.92 24.77
N GLY A 294 -5.79 -9.10 24.85
CA GLY A 294 -5.76 -9.86 26.09
C GLY A 294 -5.18 -11.26 25.93
N GLU A 295 -4.28 -11.42 24.96
CA GLU A 295 -3.67 -12.72 24.73
C GLU A 295 -2.86 -13.27 25.90
N SER A 296 -2.85 -14.59 26.01
CA SER A 296 -2.07 -15.28 27.02
C SER A 296 -0.76 -15.60 26.30
N SER A 297 0.13 -16.34 26.93
CA SER A 297 1.42 -16.68 26.31
C SER A 297 1.27 -17.37 24.95
N LEU A 298 0.31 -18.27 24.82
CA LEU A 298 0.10 -18.96 23.55
C LEU A 298 -0.26 -17.92 22.49
N GLY A 299 -1.11 -16.97 22.89
CA GLY A 299 -1.54 -15.94 21.96
C GLY A 299 -0.47 -14.93 21.61
N ILE A 300 0.31 -14.49 22.60
CA ILE A 300 1.34 -13.50 22.36
C ILE A 300 2.41 -14.11 21.43
N ASN A 301 2.57 -15.43 21.52
CA ASN A 301 3.52 -16.13 20.67
C ASN A 301 3.29 -15.81 19.19
N GLN A 302 2.02 -15.68 18.80
CA GLN A 302 1.66 -15.38 17.41
C GLN A 302 2.29 -14.06 16.96
N SER A 303 2.22 -13.06 17.82
CA SER A 303 2.78 -11.75 17.52
C SER A 303 4.30 -11.75 17.61
N VAL A 304 4.86 -12.54 18.53
CA VAL A 304 6.31 -12.61 18.67
C VAL A 304 6.90 -13.15 17.36
N HIS A 305 6.33 -14.23 16.84
CA HIS A 305 6.84 -14.79 15.60
C HIS A 305 6.63 -13.85 14.42
N PHE A 306 5.52 -13.12 14.42
CA PHE A 306 5.25 -12.20 13.32
C PHE A 306 6.32 -11.09 13.34
N ALA A 307 6.59 -10.56 14.53
CA ALA A 307 7.57 -9.49 14.70
C ALA A 307 8.99 -9.94 14.37
N LEU A 308 9.39 -11.10 14.90
CA LEU A 308 10.73 -11.62 14.65
C LEU A 308 10.93 -11.89 13.16
N GLY A 309 9.93 -12.52 12.54
CA GLY A 309 10.03 -12.83 11.13
C GLY A 309 10.06 -11.63 10.20
N THR A 310 9.12 -10.71 10.36
CA THR A 310 9.08 -9.54 9.50
C THR A 310 10.08 -8.46 9.90
N GLY A 311 10.36 -8.36 11.19
CA GLY A 311 11.27 -7.34 11.70
C GLY A 311 10.80 -5.96 11.31
N ALA A 312 9.49 -5.80 11.15
CA ALA A 312 8.92 -4.53 10.71
C ALA A 312 8.54 -3.48 11.75
N PHE A 313 8.77 -3.76 13.03
CA PHE A 313 8.34 -2.84 14.07
C PHE A 313 9.37 -2.03 14.83
N GLU A 314 9.06 -0.76 15.05
CA GLU A 314 9.94 0.15 15.79
C GLU A 314 9.77 -0.08 17.28
N PHE A 315 8.55 -0.44 17.69
CA PHE A 315 8.23 -0.69 19.09
C PHE A 315 7.36 -1.91 19.19
N HIS A 316 7.43 -2.61 20.33
CA HIS A 316 6.64 -3.80 20.54
C HIS A 316 5.89 -3.69 21.87
N ASP A 317 4.57 -3.74 21.79
CA ASP A 317 3.75 -3.67 22.99
C ASP A 317 3.06 -5.04 23.10
N LEU A 318 3.86 -6.03 23.49
CA LEU A 318 3.41 -7.41 23.62
C LEU A 318 3.55 -7.85 25.09
N ASP A 319 2.73 -7.25 25.94
CA ASP A 319 2.80 -7.53 27.38
C ASP A 319 1.56 -8.11 28.03
N SER A 320 0.51 -8.38 27.26
CA SER A 320 -0.72 -8.91 27.83
C SER A 320 -0.51 -10.17 28.65
N HIS A 321 0.34 -11.08 28.19
CA HIS A 321 0.58 -12.32 28.91
C HIS A 321 1.29 -12.09 30.23
N LEU A 322 2.01 -10.97 30.32
CA LEU A 322 2.73 -10.63 31.54
C LEU A 322 1.79 -10.05 32.60
N MET A 323 0.58 -9.68 32.16
CA MET A 323 -0.42 -9.11 33.06
C MET A 323 -1.41 -10.15 33.55
N LEU A 324 -1.41 -11.31 32.90
CA LEU A 324 -2.32 -12.39 33.25
C LEU A 324 -1.68 -13.48 34.11
N LYS A 325 -2.50 -14.12 34.94
CA LYS A 325 -2.03 -15.21 35.79
C LYS A 325 -2.08 -16.48 34.94
N GLU A 326 -0.95 -17.12 34.76
CA GLU A 326 -0.89 -18.34 33.97
C GLU A 326 0.04 -19.36 34.62
N GLU A 327 -0.46 -20.58 34.80
CA GLU A 327 0.33 -21.64 35.42
C GLU A 327 1.57 -21.99 34.60
N VAL A 328 1.35 -22.48 33.39
CA VAL A 328 2.46 -22.87 32.53
C VAL A 328 2.62 -21.95 31.32
N PHE A 329 3.88 -21.63 31.01
CA PHE A 329 4.21 -20.79 29.86
C PHE A 329 3.94 -21.61 28.62
N ARG A 330 3.20 -21.05 27.66
CA ARG A 330 2.87 -21.79 26.46
C ARG A 330 3.32 -21.14 25.17
N GLY A 331 4.31 -20.25 25.25
CA GLY A 331 4.82 -19.61 24.06
C GLY A 331 5.92 -20.45 23.43
N LYS A 332 6.14 -20.26 22.13
CA LYS A 332 7.20 -20.97 21.42
C LYS A 332 8.33 -19.97 21.17
N PHE A 333 8.72 -19.30 22.25
CA PHE A 333 9.77 -18.30 22.22
C PHE A 333 10.32 -18.20 23.63
N ILE A 334 11.47 -17.55 23.77
CA ILE A 334 12.10 -17.39 25.08
C ILE A 334 11.85 -16.00 25.62
N GLN A 335 11.33 -15.92 26.84
CA GLN A 335 11.05 -14.64 27.46
C GLN A 335 12.15 -14.33 28.48
N ASP A 336 12.97 -13.33 28.18
CA ASP A 336 14.06 -12.95 29.07
C ASP A 336 13.82 -11.50 29.49
N GLY A 337 13.05 -11.32 30.57
CA GLY A 337 12.75 -9.97 30.99
C GLY A 337 11.96 -9.31 29.88
N PRO A 338 12.36 -8.13 29.40
CA PRO A 338 11.64 -7.45 28.32
C PRO A 338 12.01 -8.02 26.95
N ARG A 339 13.04 -8.84 26.92
CA ARG A 339 13.51 -9.45 25.68
C ARG A 339 12.79 -10.74 25.32
N MET A 340 12.54 -10.92 24.04
CA MET A 340 11.87 -12.10 23.53
C MET A 340 12.71 -12.62 22.37
N ARG A 341 13.14 -13.88 22.48
CA ARG A 341 13.98 -14.49 21.46
C ARG A 341 13.43 -15.79 20.90
N VAL A 342 13.90 -16.12 19.71
CA VAL A 342 13.49 -17.33 19.01
C VAL A 342 14.25 -18.52 19.57
N LYS A 343 13.60 -19.68 19.62
CA LYS A 343 14.21 -20.89 20.14
C LYS A 343 15.24 -21.46 19.16
N ARG B 3 23.65 -21.93 5.15
CA ARG B 3 24.38 -20.66 4.77
C ARG B 3 24.88 -20.67 3.34
N ILE B 4 24.81 -19.52 2.68
CA ILE B 4 25.28 -19.36 1.31
C ILE B 4 26.81 -19.46 1.30
N VAL B 5 27.36 -20.27 0.42
CA VAL B 5 28.81 -20.39 0.34
C VAL B 5 29.33 -19.91 -1.02
N ASN B 6 28.43 -19.83 -2.00
CA ASN B 6 28.84 -19.39 -3.33
C ASN B 6 27.67 -18.78 -4.11
N VAL B 7 27.99 -17.76 -4.90
CA VAL B 7 27.02 -17.09 -5.75
C VAL B 7 27.71 -16.96 -7.10
N LYS B 8 27.13 -17.57 -8.13
CA LYS B 8 27.73 -17.51 -9.46
C LYS B 8 26.85 -16.80 -10.50
N LEU B 9 27.48 -15.91 -11.26
CA LEU B 9 26.82 -15.17 -12.33
C LEU B 9 27.44 -15.65 -13.63
N SER B 10 26.61 -15.87 -14.65
CA SER B 10 27.13 -16.31 -15.94
C SER B 10 26.28 -15.83 -17.09
N LEU B 11 26.94 -15.44 -18.17
CA LEU B 11 26.27 -14.95 -19.36
C LEU B 11 25.63 -16.08 -20.14
N LYS B 12 24.37 -15.89 -20.52
CA LYS B 12 23.62 -16.87 -21.30
C LYS B 12 22.91 -16.11 -22.41
N ARG B 13 23.24 -16.42 -23.66
CA ARG B 13 22.64 -15.76 -24.80
C ARG B 13 21.58 -16.64 -25.46
N TYR B 14 20.45 -16.04 -25.82
CA TYR B 14 19.36 -16.76 -26.45
C TYR B 14 18.90 -15.95 -27.65
N GLU B 15 18.76 -16.58 -28.81
CA GLU B 15 18.31 -15.82 -29.97
C GLU B 15 16.82 -16.00 -30.18
N TYR B 16 16.18 -14.92 -30.61
CA TYR B 16 14.74 -14.93 -30.88
C TYR B 16 14.50 -15.71 -32.18
N GLU B 17 13.39 -16.45 -32.23
CA GLU B 17 13.07 -17.20 -33.43
C GLU B 17 12.92 -16.21 -34.58
N LYS B 18 12.49 -14.99 -34.24
CA LYS B 18 12.32 -13.90 -35.20
C LYS B 18 12.57 -12.59 -34.45
N PRO B 19 13.14 -11.58 -35.13
CA PRO B 19 13.41 -10.31 -34.46
C PRO B 19 12.17 -9.80 -33.73
N PHE B 20 12.35 -9.34 -32.50
CA PHE B 20 11.23 -8.84 -31.70
C PHE B 20 11.23 -7.32 -31.74
N HIS B 21 10.19 -6.76 -32.36
CA HIS B 21 10.06 -5.32 -32.51
C HIS B 21 8.96 -4.70 -31.64
N ILE B 22 9.34 -3.73 -30.82
CA ILE B 22 8.41 -3.00 -29.97
C ILE B 22 8.79 -1.53 -30.14
N THR B 23 7.95 -0.62 -29.68
CA THR B 23 8.25 0.79 -29.82
C THR B 23 9.67 1.11 -29.33
N GLY B 24 10.48 1.67 -30.22
CA GLY B 24 11.85 2.04 -29.88
C GLY B 24 12.82 0.92 -29.56
N SER B 25 12.55 -0.29 -30.03
CA SER B 25 13.46 -1.40 -29.74
C SER B 25 13.24 -2.65 -30.60
N VAL B 26 14.32 -3.14 -31.19
CA VAL B 26 14.28 -4.33 -32.01
C VAL B 26 15.36 -5.25 -31.45
N SER B 27 14.98 -6.46 -31.05
CA SER B 27 15.94 -7.41 -30.49
C SER B 27 15.90 -8.73 -31.23
N SER B 28 17.08 -9.26 -31.55
CA SER B 28 17.17 -10.54 -32.25
C SER B 28 17.83 -11.54 -31.29
N GLU B 29 18.39 -11.00 -30.20
CA GLU B 29 19.05 -11.81 -29.20
C GLU B 29 18.75 -11.30 -27.81
N SER B 30 18.66 -12.21 -26.85
CA SER B 30 18.39 -11.85 -25.46
C SER B 30 19.60 -12.29 -24.63
N ARG B 31 20.28 -11.33 -24.03
CA ARG B 31 21.45 -11.64 -23.22
C ARG B 31 21.08 -11.58 -21.75
N ASN B 32 21.09 -12.74 -21.10
CA ASN B 32 20.75 -12.83 -19.70
C ASN B 32 21.92 -13.22 -18.82
N VAL B 33 21.75 -13.03 -17.52
CA VAL B 33 22.77 -13.39 -16.57
C VAL B 33 22.17 -14.43 -15.64
N GLU B 34 22.65 -15.67 -15.75
CA GLU B 34 22.15 -16.73 -14.90
C GLU B 34 22.77 -16.64 -13.51
N VAL B 35 21.97 -16.86 -12.48
CA VAL B 35 22.47 -16.79 -11.12
C VAL B 35 22.27 -18.11 -10.39
N GLU B 36 23.35 -18.59 -9.77
CA GLU B 36 23.31 -19.82 -9.00
C GLU B 36 23.83 -19.54 -7.60
N ILE B 37 23.06 -19.95 -6.60
CA ILE B 37 23.44 -19.79 -5.21
C ILE B 37 23.65 -21.18 -4.64
N VAL B 38 24.80 -21.39 -4.01
CA VAL B 38 25.11 -22.69 -3.43
C VAL B 38 25.17 -22.56 -1.92
N LEU B 39 24.51 -23.48 -1.24
CA LEU B 39 24.46 -23.51 0.22
C LEU B 39 25.46 -24.51 0.79
N GLU B 40 25.81 -24.34 2.05
CA GLU B 40 26.76 -25.23 2.71
C GLU B 40 26.28 -26.68 2.64
N SER B 41 24.96 -26.84 2.61
CA SER B 41 24.35 -28.17 2.56
C SER B 41 24.51 -28.82 1.19
N GLY B 42 24.88 -28.03 0.19
CA GLY B 42 25.03 -28.55 -1.16
C GLY B 42 23.83 -28.19 -2.03
N VAL B 43 22.78 -27.68 -1.41
CA VAL B 43 21.58 -27.29 -2.16
C VAL B 43 21.95 -26.15 -3.11
N LYS B 44 21.36 -26.16 -4.31
CA LYS B 44 21.64 -25.12 -5.29
C LYS B 44 20.36 -24.46 -5.77
N GLY B 45 20.30 -23.13 -5.63
CA GLY B 45 19.14 -22.36 -6.08
C GLY B 45 19.52 -21.62 -7.36
N TYR B 46 18.56 -21.45 -8.26
CA TYR B 46 18.82 -20.77 -9.54
C TYR B 46 17.84 -19.65 -9.86
N GLY B 47 18.37 -18.60 -10.48
CA GLY B 47 17.57 -17.47 -10.90
C GLY B 47 18.13 -16.98 -12.21
N GLU B 48 17.47 -16.00 -12.82
CA GLU B 48 17.94 -15.45 -14.08
C GLU B 48 17.60 -13.98 -14.19
N ALA B 49 18.59 -13.19 -14.59
CA ALA B 49 18.40 -11.76 -14.77
C ALA B 49 18.36 -11.47 -16.27
N SER B 50 17.32 -10.75 -16.69
CA SER B 50 17.19 -10.36 -18.08
C SER B 50 17.21 -8.84 -18.02
N PRO B 51 18.42 -8.25 -17.91
CA PRO B 51 18.57 -6.79 -17.82
C PRO B 51 17.96 -6.00 -18.97
N SER B 52 17.56 -4.78 -18.67
CA SER B 52 16.94 -3.90 -19.67
C SER B 52 17.56 -2.52 -19.63
N PHE B 53 18.21 -2.14 -20.72
CA PHE B 53 18.82 -0.83 -20.79
C PHE B 53 17.73 0.22 -20.90
N ARG B 54 16.73 -0.07 -21.73
CA ARG B 54 15.61 0.83 -21.97
C ARG B 54 14.75 1.13 -20.74
N VAL B 55 14.41 0.10 -19.98
CA VAL B 55 13.56 0.27 -18.80
C VAL B 55 14.28 0.48 -17.48
N ASN B 56 15.28 -0.35 -17.20
CA ASN B 56 16.02 -0.24 -15.95
C ASN B 56 17.36 0.48 -16.05
N GLY B 57 17.78 0.78 -17.27
CA GLY B 57 19.04 1.45 -17.48
C GLY B 57 20.24 0.52 -17.29
N GLU B 58 19.98 -0.78 -17.23
CA GLU B 58 21.03 -1.78 -17.03
C GLU B 58 21.76 -2.19 -18.31
N ARG B 59 22.91 -2.81 -18.14
CA ARG B 59 23.71 -3.34 -19.24
C ARG B 59 24.29 -4.65 -18.72
N VAL B 60 24.19 -5.71 -19.52
CA VAL B 60 24.68 -7.02 -19.09
C VAL B 60 26.13 -7.01 -18.60
N GLU B 61 27.00 -6.26 -19.27
CA GLU B 61 28.40 -6.20 -18.88
C GLU B 61 28.53 -5.68 -17.45
N ALA B 62 27.70 -4.71 -17.10
CA ALA B 62 27.72 -4.11 -15.76
C ALA B 62 27.32 -5.12 -14.69
N LEU B 63 26.28 -5.90 -14.97
CA LEU B 63 25.84 -6.93 -14.03
C LEU B 63 26.94 -7.93 -13.77
N LEU B 64 27.53 -8.44 -14.85
CA LEU B 64 28.60 -9.43 -14.73
C LEU B 64 29.81 -8.90 -13.96
N ALA B 65 30.06 -7.61 -14.09
CA ALA B 65 31.20 -6.99 -13.42
C ALA B 65 31.10 -6.91 -11.90
N ILE B 66 29.90 -7.04 -11.35
CA ILE B 66 29.76 -6.94 -9.91
C ILE B 66 29.56 -8.26 -9.16
N GLU B 67 29.97 -9.37 -9.76
CA GLU B 67 29.82 -10.66 -9.10
C GLU B 67 30.51 -10.71 -7.73
N ASN B 68 31.73 -10.19 -7.64
CA ASN B 68 32.46 -10.22 -6.38
C ASN B 68 31.72 -9.43 -5.31
N ALA B 69 31.17 -8.28 -5.70
CA ALA B 69 30.43 -7.45 -4.75
C ALA B 69 29.22 -8.22 -4.21
N VAL B 70 28.50 -8.89 -5.11
CA VAL B 70 27.33 -9.65 -4.70
C VAL B 70 27.73 -10.76 -3.73
N ARG B 71 28.82 -11.45 -4.04
CA ARG B 71 29.31 -12.51 -3.17
C ARG B 71 29.58 -11.96 -1.77
N GLU B 72 30.25 -10.81 -1.72
CA GLU B 72 30.57 -10.21 -0.44
C GLU B 72 29.31 -9.78 0.33
N MET B 73 28.27 -9.41 -0.40
CA MET B 73 27.04 -8.97 0.24
C MET B 73 26.24 -10.06 0.94
N ILE B 74 26.18 -11.26 0.37
CA ILE B 74 25.35 -12.30 0.98
C ILE B 74 25.98 -13.64 1.35
N THR B 75 27.26 -13.83 1.05
CA THR B 75 27.90 -15.08 1.40
C THR B 75 27.93 -15.18 2.92
N GLY B 76 27.60 -16.36 3.46
CA GLY B 76 27.61 -16.53 4.90
C GLY B 76 26.25 -16.37 5.56
N ILE B 77 25.28 -15.84 4.82
CA ILE B 77 23.94 -15.66 5.37
C ILE B 77 23.11 -16.92 5.18
N ASP B 78 22.37 -17.30 6.20
CA ASP B 78 21.53 -18.49 6.11
C ASP B 78 20.25 -18.11 5.34
N VAL B 79 19.86 -18.92 4.37
CA VAL B 79 18.66 -18.60 3.60
C VAL B 79 17.37 -18.60 4.41
N ARG B 80 17.38 -19.16 5.62
CA ARG B 80 16.17 -19.13 6.43
C ARG B 80 15.92 -17.72 6.93
N ASN B 81 16.95 -16.87 6.85
CA ASN B 81 16.83 -15.47 7.24
C ASN B 81 16.74 -14.71 5.90
N TYR B 82 15.92 -15.22 4.99
CA TYR B 82 15.81 -14.62 3.67
C TYR B 82 15.43 -13.14 3.65
N ALA B 83 14.77 -12.66 4.68
CA ALA B 83 14.41 -11.24 4.73
C ALA B 83 15.67 -10.38 4.82
N ARG B 84 16.73 -10.92 5.43
CA ARG B 84 17.98 -10.17 5.55
C ARG B 84 18.62 -10.06 4.16
N ILE B 85 18.57 -11.15 3.41
CA ILE B 85 19.12 -11.21 2.06
C ILE B 85 18.31 -10.27 1.17
N PHE B 86 17.01 -10.19 1.42
CA PHE B 86 16.15 -9.30 0.63
C PHE B 86 16.50 -7.85 0.89
N GLU B 87 16.66 -7.48 2.15
CA GLU B 87 17.00 -6.10 2.49
C GLU B 87 18.34 -5.69 1.89
N ILE B 88 19.32 -6.59 1.98
CA ILE B 88 20.65 -6.32 1.44
C ILE B 88 20.60 -6.18 -0.08
N THR B 89 19.93 -7.09 -0.76
CA THR B 89 19.83 -7.02 -2.21
C THR B 89 18.97 -5.87 -2.72
N ASP B 90 18.15 -5.29 -1.84
CA ASP B 90 17.34 -4.14 -2.25
C ASP B 90 18.28 -2.98 -2.55
N ARG B 91 19.51 -3.04 -2.05
CA ARG B 91 20.49 -1.99 -2.29
C ARG B 91 20.95 -2.03 -3.75
N LEU B 92 20.62 -3.12 -4.44
CA LEU B 92 20.99 -3.27 -5.85
C LEU B 92 19.89 -2.69 -6.73
N PHE B 93 19.33 -1.55 -6.32
CA PHE B 93 18.26 -0.95 -7.10
C PHE B 93 18.72 -0.49 -8.47
N GLY B 94 20.03 -0.41 -8.66
CA GLY B 94 20.56 -0.01 -9.96
C GLY B 94 20.75 -1.24 -10.86
N PHE B 95 20.58 -2.43 -10.28
CA PHE B 95 20.71 -3.70 -11.01
C PHE B 95 19.50 -4.54 -10.64
N PRO B 96 18.29 -3.99 -10.83
CA PRO B 96 17.06 -4.71 -10.49
C PRO B 96 16.86 -6.13 -11.03
N SER B 97 17.33 -6.42 -12.24
CA SER B 97 17.15 -7.77 -12.76
C SER B 97 18.04 -8.77 -12.01
N LEU B 98 19.17 -8.29 -11.49
CA LEU B 98 20.09 -9.13 -10.73
C LEU B 98 19.52 -9.29 -9.33
N LYS B 99 18.95 -8.21 -8.81
CA LYS B 99 18.30 -8.20 -7.49
C LYS B 99 17.25 -9.32 -7.54
N ALA B 100 16.46 -9.33 -8.61
CA ALA B 100 15.40 -10.33 -8.80
C ALA B 100 15.94 -11.76 -8.85
N ALA B 101 16.97 -11.97 -9.68
CA ALA B 101 17.55 -13.30 -9.82
C ALA B 101 18.12 -13.83 -8.51
N VAL B 102 18.82 -12.97 -7.78
CA VAL B 102 19.41 -13.37 -6.51
C VAL B 102 18.33 -13.70 -5.47
N GLN B 103 17.30 -12.86 -5.41
CA GLN B 103 16.22 -13.08 -4.47
C GLN B 103 15.46 -14.37 -4.78
N PHE B 104 15.21 -14.64 -6.07
CA PHE B 104 14.50 -15.87 -6.38
C PHE B 104 15.38 -17.09 -6.11
N ALA B 105 16.65 -17.02 -6.51
CA ALA B 105 17.56 -18.14 -6.28
C ALA B 105 17.61 -18.43 -4.78
N THR B 106 17.48 -17.39 -3.97
CA THR B 106 17.49 -17.56 -2.53
C THR B 106 16.28 -18.40 -2.10
N LEU B 107 15.11 -18.05 -2.62
CA LEU B 107 13.90 -18.81 -2.28
C LEU B 107 13.92 -20.19 -2.90
N ASP B 108 14.50 -20.31 -4.09
CA ASP B 108 14.59 -21.62 -4.76
C ASP B 108 15.40 -22.55 -3.86
N ALA B 109 16.51 -22.04 -3.33
CA ALA B 109 17.37 -22.82 -2.45
C ALA B 109 16.66 -23.12 -1.13
N LEU B 110 16.06 -22.10 -0.52
CA LEU B 110 15.34 -22.28 0.74
C LEU B 110 14.22 -23.31 0.60
N SER B 111 13.41 -23.19 -0.45
CA SER B 111 12.31 -24.13 -0.66
C SER B 111 12.82 -25.56 -0.69
N GLN B 112 13.94 -25.79 -1.36
CA GLN B 112 14.51 -27.14 -1.43
C GLN B 112 14.91 -27.65 -0.04
N GLU B 113 15.48 -26.77 0.78
CA GLU B 113 15.88 -27.18 2.11
C GLU B 113 14.68 -27.50 2.97
N LEU B 114 13.53 -26.90 2.65
CA LEU B 114 12.31 -27.14 3.41
C LEU B 114 11.47 -28.26 2.79
N GLY B 115 11.97 -28.83 1.69
CA GLY B 115 11.26 -29.90 1.03
C GLY B 115 9.99 -29.47 0.33
N THR B 116 9.95 -28.24 -0.16
CA THR B 116 8.77 -27.74 -0.84
C THR B 116 9.17 -26.94 -2.09
N GLN B 117 8.26 -26.15 -2.63
CA GLN B 117 8.55 -25.36 -3.81
C GLN B 117 8.34 -23.87 -3.51
N VAL B 118 8.86 -23.00 -4.36
CA VAL B 118 8.72 -21.57 -4.14
C VAL B 118 7.26 -21.14 -4.15
N CYS B 119 6.48 -21.63 -5.12
CA CYS B 119 5.08 -21.25 -5.17
C CYS B 119 4.37 -21.51 -3.84
N TYR B 120 4.69 -22.62 -3.18
CA TYR B 120 4.05 -22.93 -1.90
C TYR B 120 4.56 -22.02 -0.80
N LEU B 121 5.84 -21.67 -0.86
CA LEU B 121 6.42 -20.78 0.13
C LEU B 121 5.71 -19.43 0.06
N LEU B 122 5.23 -19.08 -1.13
CA LEU B 122 4.53 -17.83 -1.36
C LEU B 122 3.02 -17.90 -1.18
N GLY B 123 2.51 -19.05 -0.76
CA GLY B 123 1.06 -19.15 -0.56
C GLY B 123 0.32 -20.27 -1.26
N GLY B 124 0.90 -20.81 -2.33
CA GLY B 124 0.26 -21.89 -3.06
C GLY B 124 -1.18 -21.58 -3.43
N LYS B 125 -1.45 -20.33 -3.77
CA LYS B 125 -2.81 -19.92 -4.13
C LYS B 125 -3.41 -20.65 -5.32
N ARG B 126 -2.66 -20.79 -6.41
CA ARG B 126 -3.17 -21.46 -7.60
C ARG B 126 -2.33 -22.66 -8.04
N ASP B 127 -2.94 -23.51 -8.86
CA ASP B 127 -2.24 -24.70 -9.37
C ASP B 127 -1.95 -24.53 -10.84
N GLU B 128 -2.62 -23.58 -11.48
CA GLU B 128 -2.41 -23.35 -12.90
C GLU B 128 -2.71 -21.91 -13.30
N ILE B 129 -1.99 -21.42 -14.29
CA ILE B 129 -2.18 -20.09 -14.82
C ILE B 129 -2.04 -20.22 -16.31
N GLU B 130 -2.48 -19.21 -17.05
CA GLU B 130 -2.39 -19.25 -18.49
C GLU B 130 -1.74 -17.96 -18.96
N THR B 131 -0.85 -18.07 -19.93
CA THR B 131 -0.17 -16.89 -20.45
C THR B 131 -0.68 -16.53 -21.85
N ASP B 132 -0.51 -15.26 -22.21
CA ASP B 132 -0.90 -14.80 -23.53
C ASP B 132 0.36 -15.03 -24.36
N LYS B 133 0.34 -14.55 -25.59
CA LYS B 133 1.50 -14.66 -26.46
C LYS B 133 1.50 -13.33 -27.23
N THR B 134 2.68 -12.79 -27.47
CA THR B 134 2.82 -11.51 -28.12
C THR B 134 3.02 -11.45 -29.63
N VAL B 135 2.38 -10.45 -30.24
CA VAL B 135 2.49 -10.20 -31.67
C VAL B 135 3.30 -8.91 -31.75
N GLY B 136 4.54 -9.01 -32.20
CA GLY B 136 5.39 -7.84 -32.30
C GLY B 136 4.99 -6.92 -33.43
N ILE B 137 5.62 -5.75 -33.48
CA ILE B 137 5.32 -4.78 -34.53
C ILE B 137 5.87 -5.31 -35.86
N ASP B 138 5.08 -5.16 -36.91
CA ASP B 138 5.44 -5.61 -38.25
C ASP B 138 4.36 -5.06 -39.17
N THR B 139 4.38 -5.45 -40.44
CA THR B 139 3.36 -5.00 -41.38
C THR B 139 2.04 -5.58 -40.90
N VAL B 140 0.93 -4.92 -41.21
CA VAL B 140 -0.37 -5.41 -40.80
C VAL B 140 -0.56 -6.86 -41.24
N GLU B 141 -0.07 -7.16 -42.44
CA GLU B 141 -0.17 -8.50 -43.00
C GLU B 141 0.56 -9.54 -42.15
N ASN B 142 1.79 -9.21 -41.74
CA ASN B 142 2.56 -10.14 -40.93
C ASN B 142 2.00 -10.25 -39.52
N ARG B 143 1.45 -9.15 -39.01
CA ARG B 143 0.85 -9.13 -37.68
C ARG B 143 -0.38 -10.03 -37.64
N VAL B 144 -1.25 -9.90 -38.64
CA VAL B 144 -2.46 -10.71 -38.70
C VAL B 144 -2.08 -12.18 -38.89
N LYS B 145 -1.02 -12.43 -39.64
CA LYS B 145 -0.54 -13.78 -39.89
C LYS B 145 -0.06 -14.40 -38.58
N GLU B 146 0.75 -13.66 -37.83
CA GLU B 146 1.27 -14.16 -36.55
C GLU B 146 0.13 -14.35 -35.55
N ALA B 147 -0.78 -13.39 -35.49
CA ALA B 147 -1.91 -13.45 -34.57
C ALA B 147 -2.71 -14.71 -34.84
N LYS B 148 -2.96 -14.98 -36.12
CA LYS B 148 -3.72 -16.15 -36.53
C LYS B 148 -2.99 -17.42 -36.10
N LYS B 149 -1.67 -17.41 -36.26
CA LYS B 149 -0.84 -18.56 -35.88
C LYS B 149 -0.93 -18.79 -34.38
N ILE B 150 -0.88 -17.70 -33.61
CA ILE B 150 -0.95 -17.79 -32.15
C ILE B 150 -2.31 -18.30 -31.70
N PHE B 151 -3.37 -17.80 -32.33
CA PHE B 151 -4.72 -18.21 -32.00
C PHE B 151 -4.87 -19.72 -32.23
N GLU B 152 -4.35 -20.18 -33.36
CA GLU B 152 -4.43 -21.60 -33.70
C GLU B 152 -3.66 -22.48 -32.72
N GLU B 153 -2.70 -21.89 -32.01
CA GLU B 153 -1.91 -22.65 -31.06
C GLU B 153 -2.64 -22.84 -29.73
N GLY B 154 -3.81 -22.21 -29.60
CA GLY B 154 -4.56 -22.36 -28.37
C GLY B 154 -4.58 -21.17 -27.42
N PHE B 155 -3.82 -20.13 -27.75
CA PHE B 155 -3.78 -18.94 -26.91
C PHE B 155 -5.08 -18.16 -27.07
N ARG B 156 -5.71 -17.82 -25.95
CA ARG B 156 -6.95 -17.07 -26.03
C ARG B 156 -6.84 -15.62 -25.53
N VAL B 157 -5.60 -15.20 -25.30
CA VAL B 157 -5.31 -13.83 -24.91
C VAL B 157 -4.12 -13.49 -25.79
N ILE B 158 -4.30 -12.49 -26.64
CA ILE B 158 -3.25 -12.09 -27.57
C ILE B 158 -2.77 -10.67 -27.29
N LYS B 159 -1.47 -10.53 -27.03
CA LYS B 159 -0.88 -9.23 -26.75
C LYS B 159 -0.37 -8.64 -28.06
N ILE B 160 -0.87 -7.45 -28.40
CA ILE B 160 -0.51 -6.78 -29.64
C ILE B 160 0.32 -5.52 -29.39
N LYS B 161 1.51 -5.47 -29.95
CA LYS B 161 2.38 -4.30 -29.81
C LYS B 161 2.02 -3.22 -30.80
N VAL B 162 2.04 -1.97 -30.32
CA VAL B 162 1.72 -0.80 -31.13
C VAL B 162 2.55 0.35 -30.60
N GLY B 163 2.33 1.55 -31.15
CA GLY B 163 3.04 2.71 -30.66
C GLY B 163 3.85 3.55 -31.63
N GLU B 164 4.12 3.03 -32.82
CA GLU B 164 4.91 3.78 -33.78
C GLU B 164 4.13 4.37 -34.95
N ASN B 165 2.92 3.89 -35.17
CA ASN B 165 2.09 4.38 -36.27
C ASN B 165 0.61 4.21 -35.90
N LEU B 166 0.02 5.23 -35.29
CA LEU B 166 -1.37 5.18 -34.86
C LEU B 166 -2.31 4.64 -35.95
N LYS B 167 -2.24 5.23 -37.13
CA LYS B 167 -3.09 4.79 -38.24
C LYS B 167 -2.99 3.28 -38.46
N GLU B 168 -1.77 2.81 -38.70
CA GLU B 168 -1.53 1.39 -38.93
C GLU B 168 -1.81 0.54 -37.70
N ASP B 169 -1.54 1.08 -36.52
CA ASP B 169 -1.79 0.35 -35.28
C ASP B 169 -3.27 0.04 -35.15
N ILE B 170 -4.11 1.04 -35.42
CA ILE B 170 -5.55 0.86 -35.34
C ILE B 170 -5.96 -0.23 -36.35
N GLU B 171 -5.49 -0.08 -37.58
CA GLU B 171 -5.79 -1.04 -38.64
C GLU B 171 -5.38 -2.46 -38.22
N ALA B 172 -4.16 -2.58 -37.68
CA ALA B 172 -3.63 -3.87 -37.26
C ALA B 172 -4.52 -4.56 -36.22
N VAL B 173 -4.94 -3.81 -35.20
CA VAL B 173 -5.78 -4.38 -34.16
C VAL B 173 -7.13 -4.80 -34.72
N GLU B 174 -7.70 -3.97 -35.60
CA GLU B 174 -8.99 -4.27 -36.20
C GLU B 174 -8.93 -5.53 -37.04
N GLU B 175 -7.87 -5.68 -37.84
CA GLU B 175 -7.73 -6.87 -38.68
C GLU B 175 -7.47 -8.12 -37.86
N ILE B 176 -6.66 -8.01 -36.82
CA ILE B 176 -6.36 -9.15 -35.97
C ILE B 176 -7.62 -9.65 -35.28
N ALA B 177 -8.43 -8.72 -34.79
CA ALA B 177 -9.66 -9.07 -34.09
C ALA B 177 -10.63 -9.91 -34.93
N LYS B 178 -10.77 -9.58 -36.20
CA LYS B 178 -11.70 -10.31 -37.05
C LYS B 178 -11.29 -11.75 -37.35
N VAL B 179 -10.00 -12.05 -37.26
CA VAL B 179 -9.53 -13.40 -37.52
C VAL B 179 -9.23 -14.21 -36.25
N THR B 180 -9.53 -13.64 -35.09
CA THR B 180 -9.28 -14.33 -33.83
C THR B 180 -10.46 -14.20 -32.87
N ARG B 181 -11.67 -14.26 -33.41
CA ARG B 181 -12.87 -14.15 -32.59
C ARG B 181 -12.86 -15.16 -31.45
N GLY B 182 -13.10 -14.67 -30.24
CA GLY B 182 -13.12 -15.54 -29.08
C GLY B 182 -11.94 -15.23 -28.18
N ALA B 183 -10.98 -14.47 -28.70
CA ALA B 183 -9.80 -14.12 -27.94
C ALA B 183 -9.90 -12.75 -27.29
N LYS B 184 -9.21 -12.58 -26.16
CA LYS B 184 -9.16 -11.31 -25.44
C LYS B 184 -7.90 -10.64 -25.96
N TYR B 185 -7.85 -9.31 -25.92
CA TYR B 185 -6.67 -8.60 -26.43
C TYR B 185 -6.04 -7.63 -25.45
N ILE B 186 -4.71 -7.63 -25.43
CA ILE B 186 -3.95 -6.73 -24.59
C ILE B 186 -3.14 -5.92 -25.59
N VAL B 187 -3.27 -4.60 -25.54
CA VAL B 187 -2.53 -3.74 -26.46
C VAL B 187 -1.45 -3.01 -25.67
N ASP B 188 -0.23 -3.07 -26.17
CA ASP B 188 0.92 -2.46 -25.50
C ASP B 188 1.64 -1.47 -26.42
N ALA B 189 1.60 -0.19 -26.05
CA ALA B 189 2.24 0.86 -26.85
C ALA B 189 3.67 1.16 -26.45
N ASN B 190 4.13 0.58 -25.34
CA ASN B 190 5.49 0.82 -24.83
C ASN B 190 5.88 2.29 -24.90
N MET B 191 5.02 3.16 -24.35
CA MET B 191 5.25 4.61 -24.27
C MET B 191 5.26 5.38 -25.61
N GLY B 192 4.83 4.73 -26.69
CA GLY B 192 4.85 5.39 -27.98
C GLY B 192 3.89 6.52 -28.29
N TYR B 193 2.75 6.58 -27.60
CA TYR B 193 1.77 7.64 -27.89
C TYR B 193 1.76 8.84 -26.95
N THR B 194 1.20 9.94 -27.45
CA THR B 194 1.03 11.15 -26.65
C THR B 194 -0.30 10.83 -25.97
N GLN B 195 -0.69 11.65 -24.99
CA GLN B 195 -1.96 11.43 -24.31
C GLN B 195 -3.14 11.36 -25.26
N LYS B 196 -3.26 12.38 -26.12
CA LYS B 196 -4.37 12.46 -27.08
C LYS B 196 -4.37 11.31 -28.08
N GLU B 197 -3.19 10.91 -28.55
CA GLU B 197 -3.10 9.82 -29.51
C GLU B 197 -3.58 8.55 -28.83
N ALA B 198 -3.13 8.34 -27.59
CA ALA B 198 -3.50 7.15 -26.82
C ALA B 198 -5.01 7.05 -26.70
N VAL B 199 -5.64 8.18 -26.41
CA VAL B 199 -7.09 8.25 -26.27
C VAL B 199 -7.74 7.94 -27.62
N GLU B 200 -7.24 8.57 -28.68
CA GLU B 200 -7.80 8.36 -30.01
C GLU B 200 -7.72 6.89 -30.41
N PHE B 201 -6.59 6.25 -30.10
CA PHE B 201 -6.42 4.84 -30.43
C PHE B 201 -7.52 4.01 -29.80
N ALA B 202 -7.69 4.16 -28.48
CA ALA B 202 -8.69 3.41 -27.74
C ALA B 202 -10.10 3.67 -28.27
N ARG B 203 -10.42 4.94 -28.53
CA ARG B 203 -11.74 5.27 -29.04
C ARG B 203 -11.98 4.70 -30.43
N ALA B 204 -10.97 4.78 -31.29
CA ALA B 204 -11.09 4.24 -32.64
C ALA B 204 -11.43 2.76 -32.56
N VAL B 205 -10.64 2.01 -31.79
CA VAL B 205 -10.86 0.58 -31.63
C VAL B 205 -12.20 0.28 -30.97
N TYR B 206 -12.55 1.07 -29.96
CA TYR B 206 -13.81 0.89 -29.25
C TYR B 206 -15.00 1.04 -30.20
N GLN B 207 -14.91 2.02 -31.10
CA GLN B 207 -15.99 2.28 -32.05
C GLN B 207 -16.28 1.12 -32.99
N LYS B 208 -15.29 0.26 -33.20
CA LYS B 208 -15.46 -0.89 -34.09
C LYS B 208 -16.01 -2.10 -33.33
N GLY B 209 -16.35 -1.88 -32.06
CA GLY B 209 -16.89 -2.96 -31.26
C GLY B 209 -15.84 -3.89 -30.70
N ILE B 210 -14.58 -3.48 -30.77
CA ILE B 210 -13.47 -4.28 -30.26
C ILE B 210 -13.20 -3.94 -28.80
N ASP B 211 -12.93 -4.97 -27.99
CA ASP B 211 -12.66 -4.76 -26.57
C ASP B 211 -11.19 -5.05 -26.28
N ILE B 212 -10.57 -4.18 -25.50
CA ILE B 212 -9.17 -4.37 -25.12
C ILE B 212 -9.14 -4.61 -23.61
N ALA B 213 -8.69 -5.79 -23.21
CA ALA B 213 -8.62 -6.18 -21.80
C ALA B 213 -7.67 -5.31 -20.97
N VAL B 214 -6.51 -5.01 -21.53
CA VAL B 214 -5.51 -4.17 -20.86
C VAL B 214 -4.81 -3.34 -21.92
N TYR B 215 -4.70 -2.04 -21.66
CA TYR B 215 -4.06 -1.10 -22.54
C TYR B 215 -2.79 -0.67 -21.81
N GLU B 216 -1.67 -1.29 -22.16
CA GLU B 216 -0.38 -1.06 -21.51
C GLU B 216 0.43 0.18 -21.87
N GLN B 217 0.88 0.87 -20.82
CA GLN B 217 1.72 2.05 -20.89
C GLN B 217 1.61 2.83 -22.20
N PRO B 218 0.50 3.54 -22.41
CA PRO B 218 0.36 4.29 -23.65
C PRO B 218 1.32 5.48 -23.78
N VAL B 219 1.68 6.09 -22.65
CA VAL B 219 2.55 7.26 -22.68
C VAL B 219 3.90 7.11 -22.00
N ARG B 220 4.73 8.15 -22.10
CA ARG B 220 6.08 8.16 -21.52
C ARG B 220 6.05 7.83 -20.04
N ARG B 221 7.13 7.20 -19.56
CA ARG B 221 7.23 6.76 -18.17
C ARG B 221 7.06 7.79 -17.06
N GLU B 222 7.54 9.01 -17.27
CA GLU B 222 7.41 10.04 -16.23
C GLU B 222 6.05 10.74 -16.27
N ASP B 223 5.28 10.49 -17.31
CA ASP B 223 3.99 11.15 -17.47
C ASP B 223 2.85 10.46 -16.71
N ILE B 224 2.92 10.51 -15.39
CA ILE B 224 1.89 9.89 -14.56
C ILE B 224 0.54 10.56 -14.82
N GLU B 225 0.53 11.88 -14.97
CA GLU B 225 -0.71 12.60 -15.23
C GLU B 225 -1.28 12.14 -16.56
N GLY B 226 -0.40 11.82 -17.50
CA GLY B 226 -0.83 11.36 -18.82
C GLY B 226 -1.49 9.99 -18.72
N LEU B 227 -0.92 9.11 -17.90
CA LEU B 227 -1.51 7.78 -17.73
C LEU B 227 -2.92 7.96 -17.18
N LYS B 228 -3.06 8.87 -16.21
CA LYS B 228 -4.35 9.15 -15.62
C LYS B 228 -5.30 9.74 -16.67
N PHE B 229 -4.80 10.66 -17.48
CA PHE B 229 -5.63 11.27 -18.51
C PHE B 229 -6.21 10.20 -19.44
N VAL B 230 -5.39 9.25 -19.85
CA VAL B 230 -5.86 8.20 -20.74
C VAL B 230 -6.87 7.31 -20.01
N ARG B 231 -6.61 7.02 -18.74
CA ARG B 231 -7.51 6.20 -17.95
C ARG B 231 -8.89 6.82 -17.86
N PHE B 232 -8.94 8.12 -17.59
CA PHE B 232 -10.19 8.85 -17.43
C PHE B 232 -10.90 9.28 -18.71
N HIS B 233 -10.23 9.15 -19.85
CA HIS B 233 -10.83 9.59 -21.11
C HIS B 233 -10.93 8.54 -22.22
N SER B 234 -10.68 7.28 -21.88
CA SER B 234 -10.79 6.20 -22.84
C SER B 234 -11.43 5.02 -22.10
N PRO B 235 -12.22 4.20 -22.82
CA PRO B 235 -12.93 3.03 -22.29
C PRO B 235 -12.24 1.80 -21.75
N PHE B 236 -10.96 1.60 -22.07
CA PHE B 236 -10.29 0.38 -21.61
C PHE B 236 -9.39 0.55 -20.39
N PRO B 237 -9.15 -0.55 -19.65
CA PRO B 237 -8.30 -0.49 -18.46
C PRO B 237 -6.89 -0.11 -18.88
N VAL B 238 -6.32 0.88 -18.21
CA VAL B 238 -4.97 1.33 -18.54
C VAL B 238 -3.98 0.77 -17.53
N ALA B 239 -2.85 0.29 -18.03
CA ALA B 239 -1.82 -0.28 -17.19
C ALA B 239 -0.51 0.49 -17.23
N ALA B 240 0.17 0.52 -16.09
CA ALA B 240 1.48 1.15 -16.01
C ALA B 240 2.45 -0.02 -16.09
N ASP B 241 3.49 0.12 -16.92
CA ASP B 241 4.51 -0.91 -17.01
C ASP B 241 5.81 -0.19 -16.70
N GLU B 242 6.35 0.51 -17.70
CA GLU B 242 7.58 1.24 -17.51
C GLU B 242 7.51 2.22 -16.34
N SER B 243 6.32 2.78 -16.08
CA SER B 243 6.16 3.73 -14.97
C SER B 243 6.12 3.06 -13.58
N ALA B 244 5.89 1.74 -13.57
CA ALA B 244 5.79 1.00 -12.31
C ALA B 244 6.96 0.04 -12.09
N ARG B 245 8.05 0.55 -11.51
CA ARG B 245 9.22 -0.29 -11.26
C ARG B 245 9.35 -0.70 -9.80
N THR B 246 9.09 0.25 -8.88
CA THR B 246 9.24 -0.04 -7.46
C THR B 246 7.92 0.04 -6.71
N LYS B 247 7.95 -0.39 -5.46
CA LYS B 247 6.76 -0.35 -4.62
C LYS B 247 6.36 1.10 -4.37
N PHE B 248 7.36 1.99 -4.38
CA PHE B 248 7.09 3.41 -4.17
C PHE B 248 6.40 3.99 -5.39
N ASP B 249 6.77 3.53 -6.58
CA ASP B 249 6.12 4.01 -7.79
C ASP B 249 4.64 3.65 -7.73
N VAL B 250 4.35 2.44 -7.28
CA VAL B 250 2.97 1.96 -7.21
C VAL B 250 2.14 2.71 -6.16
N MET B 251 2.70 2.96 -4.98
CA MET B 251 1.95 3.71 -3.97
C MET B 251 1.56 5.05 -4.57
N ARG B 252 2.48 5.66 -5.33
CA ARG B 252 2.19 6.94 -5.95
C ARG B 252 1.10 6.81 -7.01
N LEU B 253 1.17 5.77 -7.83
CA LEU B 253 0.17 5.57 -8.88
C LEU B 253 -1.21 5.40 -8.25
N VAL B 254 -1.27 4.66 -7.13
CA VAL B 254 -2.53 4.44 -6.43
C VAL B 254 -3.06 5.76 -5.86
N LYS B 255 -2.20 6.51 -5.19
CA LYS B 255 -2.63 7.78 -4.63
C LYS B 255 -3.16 8.72 -5.71
N GLU B 256 -2.51 8.72 -6.88
CA GLU B 256 -2.91 9.59 -7.98
C GLU B 256 -4.05 9.02 -8.80
N GLU B 257 -4.46 7.78 -8.51
CA GLU B 257 -5.55 7.12 -9.25
C GLU B 257 -5.22 7.15 -10.74
N ALA B 258 -3.95 6.97 -11.05
CA ALA B 258 -3.46 7.02 -12.42
C ALA B 258 -3.78 5.85 -13.33
N VAL B 259 -3.85 4.63 -12.79
CA VAL B 259 -4.10 3.47 -13.64
C VAL B 259 -5.04 2.44 -13.06
N ASP B 260 -5.57 1.59 -13.94
CA ASP B 260 -6.48 0.51 -13.54
C ASP B 260 -5.62 -0.71 -13.24
N TYR B 261 -4.49 -0.81 -13.95
CA TYR B 261 -3.57 -1.93 -13.82
C TYR B 261 -2.12 -1.57 -13.66
N VAL B 262 -1.37 -2.53 -13.13
CA VAL B 262 0.07 -2.41 -13.03
C VAL B 262 0.59 -3.75 -13.53
N ASN B 263 1.53 -3.68 -14.46
CA ASN B 263 2.15 -4.88 -15.00
C ASN B 263 3.39 -5.12 -14.14
N ILE B 264 3.30 -6.05 -13.18
CA ILE B 264 4.44 -6.37 -12.33
C ILE B 264 5.44 -7.24 -13.07
N LYS B 265 6.72 -6.91 -12.95
CA LYS B 265 7.78 -7.72 -13.53
C LYS B 265 8.85 -7.87 -12.47
N LEU B 266 9.27 -9.10 -12.23
CA LEU B 266 10.31 -9.34 -11.24
C LEU B 266 11.59 -8.64 -11.71
N MET B 267 11.77 -8.52 -13.02
CA MET B 267 12.97 -7.87 -13.56
C MET B 267 13.04 -6.38 -13.22
N LYS B 268 11.90 -5.79 -12.89
CA LYS B 268 11.87 -4.37 -12.53
C LYS B 268 11.90 -4.20 -11.01
N SER B 269 11.11 -5.03 -10.33
CA SER B 269 10.94 -4.93 -8.89
C SER B 269 11.64 -5.92 -7.98
N GLY B 270 12.05 -7.06 -8.51
CA GLY B 270 12.67 -8.06 -7.67
C GLY B 270 11.54 -8.70 -6.88
N ILE B 271 11.82 -9.72 -6.09
CA ILE B 271 10.78 -10.38 -5.30
C ILE B 271 10.24 -9.46 -4.20
N SER B 272 11.15 -8.78 -3.51
CA SER B 272 10.76 -7.90 -2.41
C SER B 272 9.72 -6.85 -2.79
N ASP B 273 10.01 -6.04 -3.79
CA ASP B 273 9.05 -5.03 -4.19
C ASP B 273 7.82 -5.64 -4.84
N ALA B 274 7.97 -6.78 -5.51
CA ALA B 274 6.82 -7.41 -6.16
C ALA B 274 5.80 -7.83 -5.10
N LEU B 275 6.28 -8.35 -3.98
CA LEU B 275 5.38 -8.75 -2.91
C LEU B 275 4.66 -7.53 -2.33
N ALA B 276 5.38 -6.41 -2.23
CA ALA B 276 4.79 -5.18 -1.71
C ALA B 276 3.70 -4.70 -2.67
N ILE B 277 3.97 -4.73 -3.96
CA ILE B 277 2.99 -4.30 -4.96
C ILE B 277 1.74 -5.20 -4.94
N VAL B 278 1.93 -6.50 -4.72
CA VAL B 278 0.79 -7.40 -4.65
C VAL B 278 -0.12 -6.97 -3.50
N GLU B 279 0.46 -6.73 -2.32
CA GLU B 279 -0.30 -6.30 -1.17
C GLU B 279 -0.95 -4.94 -1.37
N ILE B 280 -0.26 -4.02 -2.03
CA ILE B 280 -0.80 -2.70 -2.27
C ILE B 280 -2.04 -2.83 -3.17
N ALA B 281 -1.90 -3.62 -4.23
CA ALA B 281 -3.02 -3.81 -5.15
C ALA B 281 -4.22 -4.45 -4.46
N GLU B 282 -3.98 -5.47 -3.64
CA GLU B 282 -5.08 -6.14 -2.94
C GLU B 282 -5.70 -5.26 -1.87
N SER B 283 -5.03 -4.17 -1.52
CA SER B 283 -5.54 -3.24 -0.52
C SER B 283 -6.13 -1.98 -1.16
N SER B 284 -6.27 -2.00 -2.49
CA SER B 284 -6.82 -0.86 -3.23
C SER B 284 -7.62 -1.32 -4.43
N GLY B 285 -8.05 -0.38 -5.26
CA GLY B 285 -8.81 -0.74 -6.44
C GLY B 285 -7.93 -1.23 -7.57
N LEU B 286 -6.62 -1.18 -7.36
CA LEU B 286 -5.65 -1.60 -8.38
C LEU B 286 -5.73 -3.08 -8.73
N LYS B 287 -5.55 -3.38 -10.02
CA LYS B 287 -5.55 -4.76 -10.46
C LYS B 287 -4.18 -5.03 -11.08
N LEU B 288 -3.78 -6.29 -11.14
CA LEU B 288 -2.45 -6.63 -11.66
C LEU B 288 -2.39 -7.66 -12.76
N MET B 289 -1.28 -7.58 -13.51
CA MET B 289 -0.97 -8.55 -14.54
C MET B 289 0.51 -8.76 -14.28
N ILE B 290 1.06 -9.90 -14.67
CA ILE B 290 2.48 -10.14 -14.46
C ILE B 290 3.11 -10.28 -15.85
N GLY B 291 4.25 -9.62 -16.02
CA GLY B 291 4.93 -9.66 -17.31
C GLY B 291 6.35 -10.19 -17.26
N CYS B 292 7.08 -9.96 -18.34
CA CYS B 292 8.45 -10.42 -18.44
C CYS B 292 9.20 -9.52 -19.41
N MET B 293 10.50 -9.78 -19.56
CA MET B 293 11.32 -9.03 -20.49
C MET B 293 11.86 -10.02 -21.50
N GLY B 294 13.09 -10.50 -21.30
CA GLY B 294 13.67 -11.46 -22.22
C GLY B 294 14.12 -12.76 -21.56
N GLU B 295 13.47 -13.14 -20.46
CA GLU B 295 13.83 -14.37 -19.74
C GLU B 295 13.70 -15.65 -20.58
N SER B 296 14.58 -16.61 -20.28
CA SER B 296 14.54 -17.91 -20.94
C SER B 296 13.65 -18.74 -20.02
N SER B 297 13.53 -20.03 -20.26
CA SER B 297 12.66 -20.85 -19.41
C SER B 297 13.05 -20.81 -17.94
N LEU B 298 14.36 -20.77 -17.66
CA LEU B 298 14.81 -20.73 -16.27
C LEU B 298 14.33 -19.44 -15.61
N GLY B 299 14.40 -18.35 -16.34
CA GLY B 299 13.97 -17.06 -15.81
C GLY B 299 12.47 -16.93 -15.67
N ILE B 300 11.72 -17.47 -16.63
CA ILE B 300 10.27 -17.39 -16.58
C ILE B 300 9.76 -18.22 -15.40
N ASN B 301 10.51 -19.25 -15.04
CA ASN B 301 10.16 -20.12 -13.90
C ASN B 301 9.94 -19.25 -12.66
N GLN B 302 10.77 -18.21 -12.51
CA GLN B 302 10.68 -17.30 -11.37
C GLN B 302 9.29 -16.66 -11.27
N SER B 303 8.80 -16.17 -12.41
CA SER B 303 7.48 -15.53 -12.44
C SER B 303 6.33 -16.54 -12.36
N VAL B 304 6.53 -17.74 -12.90
CA VAL B 304 5.49 -18.76 -12.83
C VAL B 304 5.25 -19.10 -11.36
N HIS B 305 6.34 -19.30 -10.62
CA HIS B 305 6.19 -19.61 -9.20
C HIS B 305 5.59 -18.45 -8.40
N PHE B 306 5.92 -17.22 -8.80
CA PHE B 306 5.40 -16.05 -8.10
C PHE B 306 3.90 -15.93 -8.35
N ALA B 307 3.48 -16.14 -9.59
CA ALA B 307 2.06 -16.05 -9.94
C ALA B 307 1.25 -17.19 -9.31
N LEU B 308 1.76 -18.41 -9.39
CA LEU B 308 1.08 -19.56 -8.81
C LEU B 308 0.94 -19.38 -7.30
N GLY B 309 2.02 -18.96 -6.65
CA GLY B 309 1.98 -18.77 -5.22
C GLY B 309 1.05 -17.67 -4.73
N THR B 310 1.17 -16.48 -5.32
CA THR B 310 0.34 -15.36 -4.90
C THR B 310 -1.06 -15.40 -5.52
N GLY B 311 -1.15 -15.92 -6.73
CA GLY B 311 -2.44 -15.97 -7.43
C GLY B 311 -3.04 -14.58 -7.51
N ALA B 312 -2.18 -13.57 -7.57
CA ALA B 312 -2.65 -12.18 -7.60
C ALA B 312 -2.86 -11.53 -8.96
N PHE B 313 -2.74 -12.28 -10.04
CA PHE B 313 -2.87 -11.70 -11.38
C PHE B 313 -4.08 -12.08 -12.24
N GLU B 314 -4.68 -11.06 -12.85
CA GLU B 314 -5.83 -11.25 -13.72
C GLU B 314 -5.36 -11.73 -15.09
N PHE B 315 -4.14 -11.31 -15.45
CA PHE B 315 -3.57 -11.68 -16.73
C PHE B 315 -2.09 -11.98 -16.56
N HIS B 316 -1.59 -12.91 -17.36
CA HIS B 316 -0.19 -13.30 -17.29
C HIS B 316 0.43 -13.18 -18.67
N ASP B 317 1.48 -12.37 -18.77
CA ASP B 317 2.19 -12.19 -20.02
C ASP B 317 3.60 -12.74 -19.79
N LEU B 318 3.69 -14.07 -19.77
CA LEU B 318 4.95 -14.77 -19.52
C LEU B 318 5.28 -15.64 -20.72
N ASP B 319 5.60 -14.99 -21.84
CA ASP B 319 5.89 -15.68 -23.09
C ASP B 319 7.28 -15.50 -23.69
N SER B 320 8.16 -14.75 -23.01
CA SER B 320 9.49 -14.53 -23.55
C SER B 320 10.23 -15.82 -23.88
N HIS B 321 10.08 -16.84 -23.05
CA HIS B 321 10.76 -18.11 -23.30
C HIS B 321 10.17 -18.82 -24.51
N LEU B 322 8.93 -18.49 -24.86
CA LEU B 322 8.27 -19.10 -26.00
C LEU B 322 8.74 -18.47 -27.31
N MET B 323 9.36 -17.29 -27.20
CA MET B 323 9.84 -16.56 -28.36
C MET B 323 11.33 -16.79 -28.60
N LEU B 324 11.97 -17.53 -27.71
CA LEU B 324 13.39 -17.78 -27.82
C LEU B 324 13.72 -19.21 -28.23
N LYS B 325 14.84 -19.38 -28.92
CA LYS B 325 15.28 -20.70 -29.32
C LYS B 325 16.05 -21.26 -28.13
N GLU B 326 15.52 -22.33 -27.55
CA GLU B 326 16.16 -22.94 -26.40
C GLU B 326 16.14 -24.46 -26.56
N GLU B 327 17.33 -25.07 -26.53
CA GLU B 327 17.44 -26.51 -26.69
C GLU B 327 16.74 -27.32 -25.61
N VAL B 328 17.00 -27.01 -24.34
CA VAL B 328 16.37 -27.75 -23.25
C VAL B 328 15.57 -26.87 -22.31
N PHE B 329 14.38 -27.34 -21.96
CA PHE B 329 13.50 -26.62 -21.03
C PHE B 329 14.16 -26.68 -19.66
N ARG B 330 14.20 -25.56 -18.96
CA ARG B 330 14.84 -25.54 -17.66
C ARG B 330 13.97 -24.97 -16.53
N GLY B 331 12.67 -24.88 -16.77
CA GLY B 331 11.79 -24.36 -15.74
C GLY B 331 11.31 -25.46 -14.81
N LYS B 332 11.08 -25.11 -13.54
CA LYS B 332 10.57 -26.06 -12.57
C LYS B 332 9.05 -25.97 -12.57
N PHE B 333 8.47 -26.08 -13.76
CA PHE B 333 7.03 -26.01 -13.93
C PHE B 333 6.69 -26.74 -15.22
N ILE B 334 5.41 -26.99 -15.44
CA ILE B 334 4.96 -27.68 -16.64
C ILE B 334 4.36 -26.70 -17.63
N GLN B 335 4.86 -26.73 -18.86
CA GLN B 335 4.32 -25.86 -19.90
C GLN B 335 3.46 -26.72 -20.80
N ASP B 336 2.15 -26.44 -20.80
CA ASP B 336 1.19 -27.19 -21.60
C ASP B 336 0.43 -26.22 -22.48
N GLY B 337 1.02 -25.86 -23.61
CA GLY B 337 0.39 -24.90 -24.50
C GLY B 337 0.40 -23.57 -23.79
N PRO B 338 -0.74 -22.88 -23.68
CA PRO B 338 -0.81 -21.59 -23.00
C PRO B 338 -0.78 -21.77 -21.48
N ARG B 339 -1.04 -23.00 -21.04
CA ARG B 339 -1.07 -23.31 -19.61
C ARG B 339 0.27 -23.62 -18.98
N MET B 340 0.42 -23.19 -17.73
CA MET B 340 1.63 -23.42 -16.96
C MET B 340 1.17 -23.97 -15.62
N ARG B 341 1.74 -25.09 -15.23
CA ARG B 341 1.33 -25.75 -14.00
C ARG B 341 2.47 -26.15 -13.08
N VAL B 342 2.12 -26.40 -11.83
CA VAL B 342 3.08 -26.81 -10.82
C VAL B 342 3.32 -28.33 -10.93
N LYS B 343 4.57 -28.73 -10.73
CA LYS B 343 4.96 -30.13 -10.80
C LYS B 343 4.59 -30.89 -9.52
N ARG C 3 34.86 15.94 -34.60
CA ARG C 3 34.07 14.74 -34.20
C ARG C 3 34.82 13.89 -33.18
N ILE C 4 34.07 13.22 -32.32
CA ILE C 4 34.66 12.34 -31.32
C ILE C 4 35.19 11.08 -32.02
N VAL C 5 36.44 10.72 -31.75
CA VAL C 5 37.03 9.53 -32.35
C VAL C 5 37.32 8.46 -31.30
N ASN C 6 37.32 8.84 -30.04
CA ASN C 6 37.58 7.87 -28.97
C ASN C 6 37.18 8.38 -27.59
N VAL C 7 36.77 7.44 -26.75
CA VAL C 7 36.37 7.74 -25.37
C VAL C 7 37.06 6.71 -24.49
N LYS C 8 37.71 7.19 -23.43
CA LYS C 8 38.43 6.29 -22.53
C LYS C 8 38.04 6.50 -21.07
N LEU C 9 37.85 5.39 -20.36
CA LEU C 9 37.52 5.42 -18.93
C LEU C 9 38.69 4.81 -18.17
N SER C 10 39.00 5.37 -16.99
CA SER C 10 40.10 4.82 -16.21
C SER C 10 39.84 5.03 -14.72
N LEU C 11 40.12 3.99 -13.93
CA LEU C 11 39.93 4.06 -12.49
C LEU C 11 40.97 4.96 -11.86
N LYS C 12 40.52 5.84 -10.96
CA LYS C 12 41.41 6.75 -10.25
C LYS C 12 40.95 6.74 -8.79
N ARG C 13 41.85 6.31 -7.89
CA ARG C 13 41.53 6.23 -6.48
C ARG C 13 42.15 7.37 -5.69
N TYR C 14 41.38 7.93 -4.77
CA TYR C 14 41.84 9.03 -3.93
C TYR C 14 41.55 8.67 -2.48
N GLU C 15 42.51 8.94 -1.60
CA GLU C 15 42.33 8.63 -0.19
C GLU C 15 41.86 9.83 0.61
N TYR C 16 40.85 9.61 1.45
CA TYR C 16 40.35 10.67 2.32
C TYR C 16 41.43 10.88 3.39
N GLU C 17 41.66 12.13 3.79
CA GLU C 17 42.67 12.42 4.80
C GLU C 17 42.30 11.63 6.06
N LYS C 18 41.00 11.54 6.33
CA LYS C 18 40.49 10.79 7.48
C LYS C 18 39.14 10.22 7.08
N PRO C 19 38.76 9.06 7.62
CA PRO C 19 37.47 8.45 7.28
C PRO C 19 36.35 9.49 7.37
N PHE C 20 35.53 9.56 6.33
CA PHE C 20 34.42 10.50 6.27
C PHE C 20 33.12 9.82 6.69
N HIS C 21 32.62 10.21 7.86
CA HIS C 21 31.40 9.63 8.42
C HIS C 21 30.13 10.45 8.17
N ILE C 22 29.14 9.84 7.54
CA ILE C 22 27.85 10.49 7.34
C ILE C 22 26.83 9.41 7.71
N THR C 23 25.57 9.79 7.88
CA THR C 23 24.56 8.81 8.25
C THR C 23 24.62 7.58 7.35
N GLY C 24 24.77 6.43 8.00
CA GLY C 24 24.82 5.14 7.30
C GLY C 24 25.95 4.92 6.32
N SER C 25 27.06 5.64 6.48
CA SER C 25 28.17 5.48 5.55
C SER C 25 29.49 6.07 6.05
N VAL C 26 30.55 5.27 5.92
CA VAL C 26 31.89 5.72 6.29
C VAL C 26 32.76 5.43 5.09
N SER C 27 33.50 6.43 4.61
CA SER C 27 34.35 6.23 3.46
C SER C 27 35.78 6.65 3.75
N SER C 28 36.73 5.79 3.36
CA SER C 28 38.14 6.07 3.55
C SER C 28 38.80 6.32 2.20
N GLU C 29 38.19 5.80 1.14
CA GLU C 29 38.72 5.96 -0.20
C GLU C 29 37.61 6.32 -1.19
N SER C 30 37.92 7.22 -2.11
CA SER C 30 36.95 7.62 -3.13
C SER C 30 37.44 7.03 -4.44
N ARG C 31 36.66 6.12 -5.03
CA ARG C 31 37.05 5.50 -6.28
C ARG C 31 36.28 6.13 -7.43
N ASN C 32 37.00 6.89 -8.25
CA ASN C 32 36.37 7.59 -9.35
C ASN C 32 36.76 7.03 -10.71
N VAL C 33 36.01 7.43 -11.72
CA VAL C 33 36.29 7.00 -13.08
C VAL C 33 36.54 8.24 -13.92
N GLU C 34 37.78 8.39 -14.39
CA GLU C 34 38.12 9.56 -15.19
C GLU C 34 37.72 9.28 -16.64
N VAL C 35 37.17 10.30 -17.29
CA VAL C 35 36.72 10.16 -18.67
C VAL C 35 37.49 11.09 -19.59
N GLU C 36 37.96 10.55 -20.70
CA GLU C 36 38.70 11.32 -21.69
C GLU C 36 38.01 11.15 -23.03
N ILE C 37 37.68 12.26 -23.67
CA ILE C 37 37.06 12.23 -24.98
C ILE C 37 38.10 12.79 -25.94
N VAL C 38 38.34 12.06 -27.02
CA VAL C 38 39.33 12.48 -28.00
C VAL C 38 38.68 12.83 -29.32
N LEU C 39 38.99 14.02 -29.82
CA LEU C 39 38.44 14.51 -31.08
C LEU C 39 39.40 14.24 -32.24
N GLU C 40 38.84 14.18 -33.44
CA GLU C 40 39.62 13.95 -34.66
C GLU C 40 40.75 14.97 -34.73
N SER C 41 40.47 16.19 -34.28
CA SER C 41 41.45 17.27 -34.30
C SER C 41 42.58 17.08 -33.30
N GLY C 42 42.42 16.14 -32.38
CA GLY C 42 43.45 15.90 -31.39
C GLY C 42 43.13 16.56 -30.06
N VAL C 43 42.10 17.41 -30.05
CA VAL C 43 41.69 18.07 -28.83
C VAL C 43 41.17 16.99 -27.88
N LYS C 44 41.46 17.15 -26.59
CA LYS C 44 41.02 16.17 -25.60
C LYS C 44 40.22 16.83 -24.48
N GLY C 45 39.04 16.27 -24.21
CA GLY C 45 38.20 16.80 -23.15
C GLY C 45 38.22 15.82 -21.98
N TYR C 46 38.11 16.34 -20.76
CA TYR C 46 38.14 15.48 -19.58
C TYR C 46 37.00 15.72 -18.60
N GLY C 47 36.58 14.64 -17.95
CA GLY C 47 35.53 14.72 -16.96
C GLY C 47 35.85 13.69 -15.90
N GLU C 48 35.08 13.68 -14.81
CA GLU C 48 35.30 12.69 -13.76
C GLU C 48 33.99 12.23 -13.18
N ALA C 49 33.83 10.91 -13.10
CA ALA C 49 32.62 10.33 -12.51
C ALA C 49 32.99 9.91 -11.10
N SER C 50 32.16 10.27 -10.13
CA SER C 50 32.36 9.86 -8.75
C SER C 50 31.05 9.14 -8.43
N PRO C 51 30.95 7.85 -8.81
CA PRO C 51 29.77 7.02 -8.59
C PRO C 51 29.38 6.85 -7.12
N SER C 52 28.07 6.74 -6.88
CA SER C 52 27.56 6.56 -5.53
C SER C 52 26.64 5.36 -5.47
N PHE C 53 27.04 4.34 -4.71
CA PHE C 53 26.21 3.15 -4.59
C PHE C 53 24.98 3.52 -3.75
N ARG C 54 25.21 4.24 -2.66
CA ARG C 54 24.13 4.64 -1.77
C ARG C 54 23.06 5.50 -2.43
N VAL C 55 23.49 6.50 -3.20
CA VAL C 55 22.55 7.42 -3.83
C VAL C 55 22.08 7.05 -5.23
N ASN C 56 23.01 6.70 -6.10
CA ASN C 56 22.66 6.36 -7.49
C ASN C 56 22.59 4.86 -7.77
N GLY C 57 22.96 4.03 -6.79
CA GLY C 57 22.95 2.60 -6.99
C GLY C 57 24.09 2.10 -7.87
N GLU C 58 25.04 3.00 -8.15
CA GLU C 58 26.19 2.70 -9.00
C GLU C 58 27.33 1.95 -8.30
N ARG C 59 28.10 1.23 -9.09
CA ARG C 59 29.29 0.54 -8.59
C ARG C 59 30.40 0.85 -9.60
N VAL C 60 31.56 1.28 -9.11
CA VAL C 60 32.66 1.64 -9.99
C VAL C 60 32.99 0.56 -11.05
N GLU C 61 33.05 -0.70 -10.63
CA GLU C 61 33.36 -1.78 -11.57
C GLU C 61 32.37 -1.83 -12.74
N ALA C 62 31.12 -1.48 -12.46
CA ALA C 62 30.07 -1.48 -13.48
C ALA C 62 30.29 -0.34 -14.48
N LEU C 63 30.71 0.82 -13.99
CA LEU C 63 30.97 1.95 -14.89
C LEU C 63 32.10 1.55 -15.85
N LEU C 64 33.19 1.04 -15.28
CA LEU C 64 34.34 0.63 -16.08
C LEU C 64 33.98 -0.42 -17.13
N ALA C 65 33.05 -1.31 -16.80
CA ALA C 65 32.66 -2.37 -17.72
C ALA C 65 31.94 -1.91 -18.98
N ILE C 66 31.37 -0.71 -19.00
CA ILE C 66 30.65 -0.30 -20.19
C ILE C 66 31.37 0.74 -21.06
N GLU C 67 32.68 0.81 -20.91
CA GLU C 67 33.50 1.74 -21.68
C GLU C 67 33.19 1.63 -23.18
N ASN C 68 33.20 0.41 -23.71
CA ASN C 68 32.94 0.22 -25.12
C ASN C 68 31.57 0.73 -25.56
N ALA C 69 30.54 0.41 -24.77
CA ALA C 69 29.20 0.86 -25.09
C ALA C 69 29.13 2.38 -25.15
N VAL C 70 29.73 3.04 -24.17
CA VAL C 70 29.72 4.50 -24.13
C VAL C 70 30.43 5.04 -25.36
N ARG C 71 31.57 4.45 -25.70
CA ARG C 71 32.33 4.87 -26.87
C ARG C 71 31.46 4.79 -28.12
N GLU C 72 30.79 3.66 -28.30
CA GLU C 72 29.94 3.45 -29.47
C GLU C 72 28.77 4.42 -29.52
N MET C 73 28.31 4.86 -28.35
CA MET C 73 27.17 5.76 -28.29
C MET C 73 27.44 7.15 -28.84
N ILE C 74 28.65 7.66 -28.62
CA ILE C 74 28.94 9.02 -29.07
C ILE C 74 30.06 9.24 -30.09
N THR C 75 30.81 8.21 -30.45
CA THR C 75 31.87 8.42 -31.42
C THR C 75 31.26 8.83 -32.76
N GLY C 76 31.94 9.74 -33.45
CA GLY C 76 31.43 10.19 -34.73
C GLY C 76 30.58 11.45 -34.64
N ILE C 77 30.23 11.86 -33.42
CA ILE C 77 29.42 13.06 -33.24
C ILE C 77 30.32 14.26 -33.00
N ASP C 78 30.02 15.38 -33.65
CA ASP C 78 30.81 16.58 -33.47
C ASP C 78 30.35 17.22 -32.16
N VAL C 79 31.31 17.69 -31.36
CA VAL C 79 30.95 18.30 -30.08
C VAL C 79 30.17 19.60 -30.17
N ARG C 80 30.09 20.20 -31.36
CA ARG C 80 29.32 21.44 -31.46
C ARG C 80 27.83 21.10 -31.42
N ASN C 81 27.52 19.83 -31.65
CA ASN C 81 26.14 19.35 -31.59
C ASN C 81 26.01 18.69 -30.22
N TYR C 82 26.52 19.35 -29.18
CA TYR C 82 26.50 18.77 -27.84
C TYR C 82 25.12 18.35 -27.33
N ALA C 83 24.06 18.98 -27.82
CA ALA C 83 22.71 18.60 -27.39
C ALA C 83 22.39 17.17 -27.80
N ARG C 84 23.03 16.68 -28.87
CA ARG C 84 22.78 15.32 -29.30
C ARG C 84 23.48 14.36 -28.35
N ILE C 85 24.69 14.72 -27.94
CA ILE C 85 25.46 13.90 -27.00
C ILE C 85 24.72 13.90 -25.66
N PHE C 86 24.13 15.02 -25.31
CA PHE C 86 23.38 15.13 -24.04
C PHE C 86 22.16 14.19 -24.05
N GLU C 87 21.40 14.20 -25.15
CA GLU C 87 20.22 13.34 -25.23
C GLU C 87 20.57 11.85 -25.23
N ILE C 88 21.66 11.49 -25.90
CA ILE C 88 22.10 10.11 -25.96
C ILE C 88 22.57 9.66 -24.59
N THR C 89 23.41 10.46 -23.96
CA THR C 89 23.92 10.10 -22.64
C THR C 89 22.86 10.14 -21.55
N ASP C 90 21.73 10.79 -21.82
CA ASP C 90 20.63 10.81 -20.85
C ASP C 90 20.12 9.38 -20.70
N ARG C 91 20.47 8.51 -21.64
CA ARG C 91 20.04 7.12 -21.58
C ARG C 91 20.83 6.34 -20.53
N LEU C 92 21.92 6.95 -20.06
CA LEU C 92 22.76 6.35 -19.04
C LEU C 92 22.23 6.74 -17.66
N PHE C 93 20.91 6.72 -17.50
CA PHE C 93 20.33 7.09 -16.22
C PHE C 93 20.71 6.15 -15.09
N GLY C 94 21.22 4.98 -15.46
CA GLY C 94 21.66 4.00 -14.48
C GLY C 94 23.12 4.23 -14.11
N PHE C 95 23.77 5.15 -14.83
CA PHE C 95 25.16 5.49 -14.60
C PHE C 95 25.24 7.02 -14.65
N PRO C 96 24.45 7.71 -13.81
CA PRO C 96 24.43 9.18 -13.78
C PRO C 96 25.77 9.91 -13.66
N SER C 97 26.69 9.39 -12.86
CA SER C 97 27.99 10.04 -12.70
C SER C 97 28.81 9.96 -13.98
N LEU C 98 28.63 8.88 -14.74
CA LEU C 98 29.34 8.70 -16.00
C LEU C 98 28.70 9.65 -17.01
N LYS C 99 27.38 9.75 -16.94
CA LYS C 99 26.61 10.64 -17.78
C LYS C 99 27.15 12.06 -17.59
N ALA C 100 27.39 12.43 -16.35
CA ALA C 100 27.91 13.76 -16.03
C ALA C 100 29.32 13.98 -16.58
N ALA C 101 30.19 12.99 -16.37
CA ALA C 101 31.58 13.06 -16.82
C ALA C 101 31.67 13.21 -18.34
N VAL C 102 30.90 12.41 -19.06
CA VAL C 102 30.89 12.47 -20.52
C VAL C 102 30.34 13.80 -21.02
N GLN C 103 29.25 14.26 -20.41
CA GLN C 103 28.67 15.52 -20.82
C GLN C 103 29.63 16.67 -20.54
N PHE C 104 30.31 16.64 -19.40
CA PHE C 104 31.23 17.73 -19.13
C PHE C 104 32.46 17.64 -20.02
N ALA C 105 32.95 16.43 -20.26
CA ALA C 105 34.11 16.24 -21.11
C ALA C 105 33.80 16.82 -22.48
N THR C 106 32.55 16.69 -22.89
CA THR C 106 32.09 17.20 -24.17
C THR C 106 32.21 18.72 -24.23
N LEU C 107 31.73 19.40 -23.18
CA LEU C 107 31.80 20.86 -23.13
C LEU C 107 33.25 21.32 -22.98
N ASP C 108 34.05 20.52 -22.29
CA ASP C 108 35.46 20.83 -22.09
C ASP C 108 36.14 20.87 -23.47
N ALA C 109 35.88 19.84 -24.27
CA ALA C 109 36.44 19.76 -25.62
C ALA C 109 35.92 20.89 -26.50
N LEU C 110 34.62 21.14 -26.44
CA LEU C 110 33.99 22.19 -27.23
C LEU C 110 34.54 23.57 -26.90
N SER C 111 34.65 23.88 -25.61
CA SER C 111 35.17 25.17 -25.19
C SER C 111 36.60 25.38 -25.67
N GLN C 112 37.39 24.31 -25.70
CA GLN C 112 38.76 24.42 -26.16
C GLN C 112 38.75 24.81 -27.65
N GLU C 113 37.91 24.15 -28.42
CA GLU C 113 37.82 24.45 -29.85
C GLU C 113 37.41 25.90 -30.10
N LEU C 114 36.50 26.40 -29.27
CA LEU C 114 36.00 27.77 -29.41
C LEU C 114 36.90 28.80 -28.75
N GLY C 115 37.95 28.34 -28.08
CA GLY C 115 38.88 29.24 -27.42
C GLY C 115 38.34 29.94 -26.18
N THR C 116 37.47 29.26 -25.44
CA THR C 116 36.89 29.86 -24.24
C THR C 116 36.87 28.81 -23.11
N GLN C 117 36.07 29.04 -22.07
CA GLN C 117 35.99 28.09 -20.96
C GLN C 117 34.56 27.64 -20.79
N VAL C 118 34.36 26.49 -20.15
CA VAL C 118 33.01 25.96 -19.96
C VAL C 118 32.10 26.94 -19.23
N CYS C 119 32.62 27.60 -18.20
CA CYS C 119 31.81 28.56 -17.44
C CYS C 119 31.21 29.64 -18.34
N TYR C 120 31.98 30.07 -19.33
CA TYR C 120 31.50 31.11 -20.23
C TYR C 120 30.44 30.54 -21.17
N LEU C 121 30.64 29.30 -21.59
CA LEU C 121 29.68 28.64 -22.46
C LEU C 121 28.33 28.57 -21.75
N LEU C 122 28.37 28.50 -20.42
CA LEU C 122 27.15 28.40 -19.62
C LEU C 122 26.59 29.73 -19.14
N GLY C 123 27.16 30.84 -19.61
CA GLY C 123 26.63 32.13 -19.19
C GLY C 123 27.62 33.13 -18.61
N GLY C 124 28.72 32.64 -18.05
CA GLY C 124 29.71 33.52 -17.45
C GLY C 124 29.11 34.48 -16.43
N LYS C 125 28.11 34.01 -15.69
CA LYS C 125 27.43 34.84 -14.71
C LYS C 125 28.32 35.42 -13.60
N ARG C 126 29.17 34.57 -13.00
CA ARG C 126 30.03 35.01 -11.91
C ARG C 126 31.51 34.72 -12.13
N ASP C 127 32.37 35.49 -11.45
CA ASP C 127 33.81 35.29 -11.58
C ASP C 127 34.34 34.59 -10.34
N GLU C 128 33.54 34.57 -9.28
CA GLU C 128 33.95 33.92 -8.05
C GLU C 128 32.79 33.36 -7.25
N ILE C 129 33.05 32.24 -6.59
CA ILE C 129 32.07 31.59 -5.72
C ILE C 129 32.84 31.15 -4.49
N GLU C 130 32.12 30.83 -3.43
CA GLU C 130 32.75 30.42 -2.20
C GLU C 130 32.15 29.11 -1.70
N THR C 131 33.01 28.17 -1.30
CA THR C 131 32.51 26.88 -0.81
C THR C 131 32.56 26.80 0.70
N ASP C 132 31.72 25.95 1.25
CA ASP C 132 31.70 25.70 2.68
C ASP C 132 32.68 24.55 2.84
N LYS C 133 32.82 24.06 4.06
CA LYS C 133 33.66 22.88 4.29
C LYS C 133 32.86 22.06 5.28
N THR C 134 32.96 20.74 5.15
CA THR C 134 32.18 19.82 5.96
C THR C 134 32.81 19.21 7.22
N VAL C 135 32.00 19.11 8.27
CA VAL C 135 32.40 18.48 9.53
C VAL C 135 31.63 17.16 9.56
N GLY C 136 32.34 16.04 9.43
CA GLY C 136 31.68 14.75 9.44
C GLY C 136 31.25 14.34 10.82
N ILE C 137 30.44 13.29 10.90
CA ILE C 137 29.96 12.81 12.18
C ILE C 137 31.12 12.24 12.98
N ASP C 138 31.20 12.66 14.24
CA ASP C 138 32.24 12.20 15.14
C ASP C 138 31.75 12.59 16.53
N THR C 139 32.60 12.50 17.54
CA THR C 139 32.19 12.88 18.89
C THR C 139 32.02 14.40 18.89
N VAL C 140 31.26 14.92 19.85
CA VAL C 140 31.06 16.37 19.94
C VAL C 140 32.42 17.06 20.00
N GLU C 141 33.30 16.57 20.87
CA GLU C 141 34.63 17.16 20.99
C GLU C 141 35.38 17.24 19.66
N ASN C 142 35.44 16.13 18.94
CA ASN C 142 36.14 16.12 17.66
C ASN C 142 35.47 16.98 16.61
N ARG C 143 34.14 17.04 16.65
CA ARG C 143 33.39 17.86 15.71
C ARG C 143 33.70 19.33 15.97
N VAL C 144 33.71 19.70 17.25
CA VAL C 144 34.00 21.07 17.64
C VAL C 144 35.42 21.43 17.19
N LYS C 145 36.34 20.49 17.38
CA LYS C 145 37.72 20.68 17.01
C LYS C 145 37.84 20.95 15.51
N GLU C 146 37.19 20.12 14.71
CA GLU C 146 37.24 20.27 13.26
C GLU C 146 36.61 21.57 12.79
N ALA C 147 35.49 21.94 13.41
CA ALA C 147 34.78 23.17 13.05
C ALA C 147 35.66 24.40 13.30
N LYS C 148 36.36 24.40 14.44
CA LYS C 148 37.23 25.52 14.78
C LYS C 148 38.34 25.63 13.74
N LYS C 149 38.91 24.48 13.37
CA LYS C 149 39.97 24.44 12.38
C LYS C 149 39.47 25.05 11.06
N ILE C 150 38.30 24.59 10.63
CA ILE C 150 37.68 25.07 9.40
C ILE C 150 37.42 26.57 9.46
N PHE C 151 36.96 27.03 10.62
CA PHE C 151 36.68 28.44 10.81
C PHE C 151 37.99 29.23 10.70
N GLU C 152 39.04 28.69 11.29
CA GLU C 152 40.35 29.33 11.27
C GLU C 152 40.93 29.41 9.86
N GLU C 153 40.58 28.44 9.01
CA GLU C 153 41.08 28.41 7.64
C GLU C 153 40.39 29.44 6.75
N GLY C 154 39.43 30.17 7.31
CA GLY C 154 38.74 31.19 6.53
C GLY C 154 37.35 30.88 6.03
N PHE C 155 36.87 29.65 6.26
CA PHE C 155 35.53 29.26 5.81
C PHE C 155 34.48 29.91 6.71
N ARG C 156 33.45 30.49 6.09
CA ARG C 156 32.40 31.13 6.87
C ARG C 156 31.02 30.46 6.73
N VAL C 157 31.01 29.32 6.04
CA VAL C 157 29.80 28.52 5.91
C VAL C 157 30.33 27.14 6.28
N ILE C 158 29.80 26.59 7.36
CA ILE C 158 30.24 25.28 7.81
C ILE C 158 29.10 24.27 7.72
N LYS C 159 29.37 23.16 7.03
CA LYS C 159 28.37 22.11 6.85
C LYS C 159 28.58 21.05 7.92
N ILE C 160 27.54 20.84 8.73
CA ILE C 160 27.61 19.89 9.83
C ILE C 160 26.75 18.65 9.58
N LYS C 161 27.41 17.49 9.60
CA LYS C 161 26.72 16.22 9.39
C LYS C 161 26.08 15.77 10.69
N VAL C 162 24.84 15.29 10.60
CA VAL C 162 24.08 14.78 11.74
C VAL C 162 23.21 13.64 11.21
N GLY C 163 22.35 13.09 12.06
CA GLY C 163 21.45 12.04 11.60
C GLY C 163 21.45 10.71 12.33
N GLU C 164 22.45 10.44 13.16
CA GLU C 164 22.51 9.15 13.85
C GLU C 164 22.22 9.21 15.35
N ASN C 165 22.28 10.40 15.93
CA ASN C 165 22.02 10.55 17.36
C ASN C 165 21.45 11.95 17.59
N LEU C 166 20.12 12.05 17.59
CA LEU C 166 19.45 13.34 17.75
C LEU C 166 19.96 14.19 18.90
N LYS C 167 20.02 13.61 20.10
CA LYS C 167 20.47 14.36 21.27
C LYS C 167 21.88 14.88 21.09
N GLU C 168 22.79 14.02 20.62
CA GLU C 168 24.16 14.43 20.43
C GLU C 168 24.31 15.43 19.28
N ASP C 169 23.52 15.25 18.23
CA ASP C 169 23.56 16.16 17.09
C ASP C 169 23.22 17.58 17.53
N ILE C 170 22.16 17.70 18.33
CA ILE C 170 21.75 19.00 18.84
C ILE C 170 22.90 19.62 19.62
N GLU C 171 23.51 18.83 20.50
CA GLU C 171 24.62 19.30 21.31
C GLU C 171 25.78 19.74 20.42
N ALA C 172 26.12 18.91 19.44
CA ALA C 172 27.22 19.20 18.53
C ALA C 172 27.03 20.54 17.82
N VAL C 173 25.84 20.77 17.26
CA VAL C 173 25.56 22.01 16.55
C VAL C 173 25.64 23.20 17.50
N GLU C 174 25.12 23.04 18.72
CA GLU C 174 25.15 24.12 19.69
C GLU C 174 26.59 24.45 20.08
N GLU C 175 27.40 23.43 20.32
CA GLU C 175 28.80 23.64 20.70
C GLU C 175 29.62 24.24 19.57
N ILE C 176 29.34 23.83 18.34
CA ILE C 176 30.05 24.35 17.19
C ILE C 176 29.73 25.83 16.98
N ALA C 177 28.45 26.16 17.12
CA ALA C 177 27.98 27.54 16.97
C ALA C 177 28.68 28.48 17.94
N LYS C 178 28.91 28.00 19.17
CA LYS C 178 29.55 28.80 20.20
C LYS C 178 30.99 29.22 19.88
N VAL C 179 31.72 28.39 19.15
CA VAL C 179 33.10 28.70 18.81
C VAL C 179 33.36 29.10 17.36
N THR C 180 32.30 29.43 16.63
CA THR C 180 32.45 29.84 15.24
C THR C 180 31.56 31.05 14.95
N ARG C 181 31.45 31.92 15.93
CA ARG C 181 30.63 33.13 15.80
C ARG C 181 30.96 33.86 14.50
N GLY C 182 29.94 34.09 13.68
CA GLY C 182 30.13 34.77 12.42
C GLY C 182 29.93 33.85 11.24
N ALA C 183 29.97 32.55 11.48
CA ALA C 183 29.80 31.58 10.41
C ALA C 183 28.33 31.21 10.24
N LYS C 184 27.96 30.81 9.04
CA LYS C 184 26.61 30.36 8.76
C LYS C 184 26.72 28.84 8.80
N TYR C 185 25.59 28.16 9.00
CA TYR C 185 25.65 26.71 9.11
C TYR C 185 24.68 25.97 8.21
N ILE C 186 25.15 24.87 7.64
CA ILE C 186 24.30 24.02 6.83
C ILE C 186 24.31 22.70 7.57
N VAL C 187 23.13 22.17 7.89
CA VAL C 187 23.03 20.90 8.60
C VAL C 187 22.48 19.87 7.64
N ASP C 188 23.19 18.74 7.53
CA ASP C 188 22.83 17.67 6.62
C ASP C 188 22.64 16.35 7.37
N ALA C 189 21.41 15.85 7.37
CA ALA C 189 21.09 14.60 8.08
C ALA C 189 21.23 13.34 7.24
N ASN C 190 21.46 13.50 5.94
CA ASN C 190 21.55 12.37 5.04
C ASN C 190 20.47 11.30 5.31
N MET C 191 19.23 11.76 5.39
CA MET C 191 18.06 10.89 5.58
C MET C 191 17.94 10.23 6.96
N GLY C 192 18.78 10.61 7.91
CA GLY C 192 18.74 9.95 9.21
C GLY C 192 17.59 10.13 10.17
N TYR C 193 16.80 11.19 10.04
CA TYR C 193 15.70 11.42 10.98
C TYR C 193 14.31 11.09 10.47
N THR C 194 13.39 10.90 11.41
CA THR C 194 11.99 10.67 11.09
C THR C 194 11.48 12.10 10.96
N GLN C 195 10.28 12.29 10.43
CA GLN C 195 9.72 13.63 10.29
C GLN C 195 9.71 14.39 11.61
N LYS C 196 9.23 13.75 12.67
CA LYS C 196 9.15 14.37 13.99
C LYS C 196 10.51 14.69 14.59
N GLU C 197 11.47 13.76 14.45
CA GLU C 197 12.80 14.00 14.98
C GLU C 197 13.43 15.19 14.25
N ALA C 198 13.23 15.24 12.95
CA ALA C 198 13.80 16.32 12.13
C ALA C 198 13.27 17.66 12.59
N VAL C 199 11.98 17.70 12.90
CA VAL C 199 11.35 18.91 13.37
C VAL C 199 11.91 19.28 14.74
N GLU C 200 12.05 18.28 15.61
CA GLU C 200 12.56 18.54 16.95
C GLU C 200 13.99 19.05 16.92
N PHE C 201 14.81 18.50 16.04
CA PHE C 201 16.19 18.96 15.92
C PHE C 201 16.18 20.45 15.61
N ALA C 202 15.46 20.83 14.56
CA ALA C 202 15.39 22.23 14.15
C ALA C 202 14.84 23.14 15.25
N ARG C 203 13.75 22.75 15.89
CA ARG C 203 13.18 23.57 16.96
C ARG C 203 14.13 23.74 18.14
N ALA C 204 14.84 22.67 18.48
CA ALA C 204 15.79 22.71 19.59
C ALA C 204 16.90 23.74 19.33
N VAL C 205 17.48 23.66 18.14
CA VAL C 205 18.55 24.57 17.74
C VAL C 205 18.01 26.00 17.68
N TYR C 206 16.82 26.15 17.11
CA TYR C 206 16.17 27.45 16.99
C TYR C 206 15.98 28.09 18.36
N GLN C 207 15.54 27.29 19.32
CA GLN C 207 15.32 27.79 20.67
C GLN C 207 16.60 28.30 21.32
N LYS C 208 17.74 27.77 20.87
CA LYS C 208 19.03 28.18 21.40
C LYS C 208 19.49 29.47 20.73
N GLY C 209 18.71 29.94 19.76
CA GLY C 209 19.03 31.17 19.06
C GLY C 209 19.97 30.98 17.88
N ILE C 210 20.14 29.74 17.45
CA ILE C 210 21.02 29.44 16.34
C ILE C 210 20.24 29.41 15.02
N ASP C 211 20.86 29.92 13.96
CA ASP C 211 20.20 29.93 12.67
C ASP C 211 20.88 28.93 11.72
N ILE C 212 20.07 28.14 11.04
CA ILE C 212 20.59 27.16 10.09
C ILE C 212 20.20 27.66 8.70
N ALA C 213 21.21 27.88 7.85
CA ALA C 213 21.00 28.39 6.50
C ALA C 213 20.26 27.40 5.61
N VAL C 214 20.67 26.14 5.66
CA VAL C 214 20.05 25.08 4.88
C VAL C 214 20.04 23.80 5.70
N TYR C 215 18.88 23.14 5.74
CA TYR C 215 18.69 21.90 6.49
C TYR C 215 18.49 20.82 5.42
N GLU C 216 19.56 20.11 5.10
CA GLU C 216 19.55 19.08 4.05
C GLU C 216 18.95 17.74 4.36
N GLN C 217 18.14 17.26 3.40
CA GLN C 217 17.50 15.96 3.45
C GLN C 217 17.37 15.37 4.84
N PRO C 218 16.43 15.89 5.64
CA PRO C 218 16.27 15.35 7.00
C PRO C 218 15.69 13.93 7.02
N VAL C 219 14.86 13.61 6.03
CA VAL C 219 14.21 12.31 5.98
C VAL C 219 14.56 11.42 4.79
N ARG C 220 14.01 10.20 4.80
CA ARG C 220 14.27 9.23 3.74
C ARG C 220 13.91 9.77 2.36
N ARG C 221 14.63 9.29 1.35
CA ARG C 221 14.48 9.76 -0.02
C ARG C 221 13.12 9.67 -0.70
N GLU C 222 12.33 8.65 -0.38
CA GLU C 222 11.01 8.49 -1.00
C GLU C 222 9.94 9.28 -0.25
N ASP C 223 10.29 9.78 0.91
CA ASP C 223 9.33 10.50 1.75
C ASP C 223 9.17 11.97 1.43
N ILE C 224 8.61 12.25 0.25
CA ILE C 224 8.37 13.62 -0.20
C ILE C 224 7.46 14.36 0.76
N GLU C 225 6.39 13.71 1.18
CA GLU C 225 5.46 14.34 2.13
C GLU C 225 6.19 14.64 3.43
N GLY C 226 7.19 13.83 3.74
CA GLY C 226 7.96 14.04 4.97
C GLY C 226 8.81 15.29 4.86
N LEU C 227 9.40 15.52 3.69
CA LEU C 227 10.22 16.71 3.51
C LEU C 227 9.30 17.91 3.68
N LYS C 228 8.12 17.84 3.07
CA LYS C 228 7.16 18.94 3.17
C LYS C 228 6.78 19.15 4.63
N PHE C 229 6.54 18.08 5.36
CA PHE C 229 6.18 18.22 6.76
C PHE C 229 7.25 18.99 7.53
N VAL C 230 8.51 18.65 7.32
CA VAL C 230 9.57 19.35 8.03
C VAL C 230 9.63 20.82 7.60
N ARG C 231 9.48 21.07 6.31
CA ARG C 231 9.49 22.43 5.80
C ARG C 231 8.40 23.28 6.43
N PHE C 232 7.20 22.74 6.52
CA PHE C 232 6.06 23.47 7.06
C PHE C 232 5.97 23.54 8.57
N HIS C 233 6.76 22.75 9.28
CA HIS C 233 6.67 22.73 10.74
C HIS C 233 7.96 23.08 11.49
N SER C 234 8.98 23.56 10.78
CA SER C 234 10.22 23.96 11.42
C SER C 234 10.69 25.23 10.72
N PRO C 235 11.39 26.11 11.45
CA PRO C 235 11.91 27.41 10.98
C PRO C 235 12.99 27.54 9.91
N PHE C 236 13.73 26.49 9.61
CA PHE C 236 14.81 26.64 8.64
C PHE C 236 14.50 26.12 7.24
N PRO C 237 15.18 26.68 6.23
CA PRO C 237 14.96 26.23 4.85
C PRO C 237 15.37 24.77 4.74
N VAL C 238 14.48 23.95 4.16
CA VAL C 238 14.73 22.53 4.01
C VAL C 238 15.14 22.21 2.57
N ALA C 239 16.17 21.38 2.42
CA ALA C 239 16.64 21.01 1.09
C ALA C 239 16.50 19.53 0.79
N ALA C 240 16.26 19.23 -0.48
CA ALA C 240 16.19 17.84 -0.92
C ALA C 240 17.53 17.59 -1.59
N ASP C 241 18.17 16.48 -1.24
CA ASP C 241 19.43 16.13 -1.88
C ASP C 241 19.17 14.76 -2.50
N GLU C 242 19.21 13.72 -1.66
CA GLU C 242 18.95 12.38 -2.15
C GLU C 242 17.61 12.27 -2.87
N SER C 243 16.62 13.05 -2.45
CA SER C 243 15.31 13.00 -3.10
C SER C 243 15.28 13.70 -4.44
N ALA C 244 16.32 14.48 -4.74
CA ALA C 244 16.37 15.23 -5.99
C ALA C 244 17.51 14.78 -6.89
N ARG C 245 17.24 13.79 -7.74
CA ARG C 245 18.25 13.29 -8.64
C ARG C 245 18.05 13.75 -10.08
N THR C 246 16.80 13.78 -10.53
CA THR C 246 16.49 14.18 -11.90
C THR C 246 15.62 15.41 -11.99
N LYS C 247 15.52 15.95 -13.21
CA LYS C 247 14.69 17.12 -13.44
C LYS C 247 13.24 16.76 -13.14
N PHE C 248 12.89 15.49 -13.34
CA PHE C 248 11.52 15.05 -13.08
C PHE C 248 11.26 15.04 -11.58
N ASP C 249 12.26 14.64 -10.79
CA ASP C 249 12.11 14.63 -9.33
C ASP C 249 11.85 16.06 -8.88
N VAL C 250 12.61 17.00 -9.43
CA VAL C 250 12.45 18.39 -9.01
C VAL C 250 11.10 18.99 -9.39
N MET C 251 10.59 18.67 -10.57
CA MET C 251 9.28 19.20 -10.95
C MET C 251 8.24 18.71 -9.94
N ARG C 252 8.36 17.45 -9.51
CA ARG C 252 7.43 16.90 -8.53
C ARG C 252 7.60 17.63 -7.19
N LEU C 253 8.84 17.83 -6.76
CA LEU C 253 9.11 18.52 -5.49
C LEU C 253 8.49 19.91 -5.50
N VAL C 254 8.57 20.60 -6.65
CA VAL C 254 8.01 21.92 -6.77
C VAL C 254 6.48 21.87 -6.73
N LYS C 255 5.90 20.94 -7.46
CA LYS C 255 4.45 20.78 -7.50
C LYS C 255 3.91 20.53 -6.08
N GLU C 256 4.60 19.68 -5.34
CA GLU C 256 4.21 19.32 -3.97
C GLU C 256 4.58 20.37 -2.93
N GLU C 257 5.35 21.38 -3.32
CA GLU C 257 5.79 22.42 -2.38
C GLU C 257 6.52 21.77 -1.21
N ALA C 258 7.29 20.72 -1.50
CA ALA C 258 8.01 19.98 -0.46
C ALA C 258 9.27 20.58 0.13
N VAL C 259 10.00 21.38 -0.63
CA VAL C 259 11.25 21.94 -0.14
C VAL C 259 11.50 23.40 -0.50
N ASP C 260 12.40 24.03 0.25
CA ASP C 260 12.79 25.42 0.00
C ASP C 260 14.01 25.40 -0.91
N TYR C 261 14.81 24.33 -0.80
CA TYR C 261 16.03 24.17 -1.56
C TYR C 261 16.17 22.80 -2.23
N VAL C 262 17.02 22.78 -3.25
CA VAL C 262 17.39 21.54 -3.91
C VAL C 262 18.92 21.62 -3.99
N ASN C 263 19.59 20.56 -3.56
CA ASN C 263 21.03 20.49 -3.64
C ASN C 263 21.30 19.80 -4.97
N ILE C 264 21.74 20.57 -5.95
CA ILE C 264 22.05 19.97 -7.25
C ILE C 264 23.45 19.41 -7.25
N LYS C 265 23.58 18.21 -7.81
CA LYS C 265 24.87 17.56 -7.96
C LYS C 265 24.96 17.01 -9.36
N LEU C 266 26.03 17.36 -10.07
CA LEU C 266 26.21 16.86 -11.42
C LEU C 266 26.27 15.33 -11.37
N MET C 267 26.80 14.77 -10.29
CA MET C 267 26.91 13.31 -10.16
C MET C 267 25.55 12.61 -10.08
N LYS C 268 24.50 13.35 -9.73
CA LYS C 268 23.16 12.76 -9.69
C LYS C 268 22.41 13.07 -10.99
N SER C 269 22.56 14.30 -11.46
CA SER C 269 21.82 14.76 -12.62
C SER C 269 22.51 14.88 -13.97
N GLY C 270 23.83 14.97 -13.97
CA GLY C 270 24.53 15.18 -15.22
C GLY C 270 24.33 16.65 -15.54
N ILE C 271 24.96 17.15 -16.60
CA ILE C 271 24.80 18.55 -16.94
C ILE C 271 23.39 18.85 -17.49
N SER C 272 22.86 17.94 -18.29
CA SER C 272 21.53 18.13 -18.88
C SER C 272 20.43 18.34 -17.83
N ASP C 273 20.30 17.41 -16.88
CA ASP C 273 19.26 17.60 -15.88
C ASP C 273 19.60 18.77 -14.95
N ALA C 274 20.88 19.02 -14.72
CA ALA C 274 21.27 20.14 -13.84
C ALA C 274 20.79 21.46 -14.43
N LEU C 275 20.96 21.64 -15.74
CA LEU C 275 20.52 22.87 -16.39
C LEU C 275 19.00 23.00 -16.30
N ALA C 276 18.29 21.88 -16.43
CA ALA C 276 16.83 21.89 -16.33
C ALA C 276 16.40 22.31 -14.94
N ILE C 277 17.08 21.77 -13.93
CA ILE C 277 16.76 22.10 -12.54
C ILE C 277 17.03 23.57 -12.25
N VAL C 278 18.11 24.12 -12.82
CA VAL C 278 18.39 25.54 -12.60
C VAL C 278 17.22 26.36 -13.14
N GLU C 279 16.75 26.05 -14.35
CA GLU C 279 15.65 26.79 -14.95
C GLU C 279 14.36 26.62 -14.15
N ILE C 280 14.11 25.40 -13.68
CA ILE C 280 12.90 25.16 -12.89
C ILE C 280 12.93 26.02 -11.64
N ALA C 281 14.06 26.03 -10.96
CA ALA C 281 14.20 26.82 -9.73
C ALA C 281 14.02 28.31 -9.99
N GLU C 282 14.60 28.81 -11.08
CA GLU C 282 14.47 30.23 -11.39
C GLU C 282 13.05 30.60 -11.81
N SER C 283 12.23 29.60 -12.14
CA SER C 283 10.86 29.83 -12.55
C SER C 283 9.87 29.49 -11.44
N SER C 284 10.38 29.30 -10.22
CA SER C 284 9.52 28.95 -9.09
C SER C 284 10.09 29.52 -7.80
N GLY C 285 9.48 29.21 -6.67
CA GLY C 285 9.99 29.75 -5.42
C GLY C 285 11.19 29.00 -4.88
N LEU C 286 11.64 27.99 -5.62
CA LEU C 286 12.76 27.15 -5.21
C LEU C 286 14.13 27.82 -5.27
N LYS C 287 14.97 27.55 -4.27
CA LYS C 287 16.33 28.08 -4.27
C LYS C 287 17.30 26.90 -4.41
N LEU C 288 18.56 27.18 -4.70
CA LEU C 288 19.51 26.11 -4.94
C LEU C 288 20.86 26.21 -4.27
N MET C 289 21.47 25.05 -4.09
CA MET C 289 22.83 24.96 -3.57
C MET C 289 23.42 23.91 -4.49
N ILE C 290 24.73 23.95 -4.70
CA ILE C 290 25.35 22.94 -5.54
C ILE C 290 26.27 22.13 -4.64
N GLY C 291 26.19 20.81 -4.75
CA GLY C 291 27.02 19.97 -3.91
C GLY C 291 27.95 19.05 -4.68
N CYS C 292 28.44 18.03 -3.99
CA CYS C 292 29.35 17.09 -4.59
C CYS C 292 29.33 15.76 -3.84
N MET C 293 30.00 14.77 -4.40
CA MET C 293 30.08 13.46 -3.79
C MET C 293 31.53 13.22 -3.38
N GLY C 294 32.28 12.48 -4.18
CA GLY C 294 33.67 12.22 -3.86
C GLY C 294 34.64 12.64 -4.97
N GLU C 295 34.32 13.72 -5.66
CA GLU C 295 35.17 14.21 -6.76
C GLU C 295 36.54 14.71 -6.30
N SER C 296 37.55 14.51 -7.15
CA SER C 296 38.89 15.00 -6.88
C SER C 296 38.89 16.41 -7.47
N SER C 297 40.05 17.07 -7.55
CA SER C 297 40.07 18.42 -8.09
C SER C 297 39.56 18.48 -9.54
N LEU C 298 39.88 17.48 -10.36
CA LEU C 298 39.40 17.47 -11.74
C LEU C 298 37.87 17.38 -11.77
N GLY C 299 37.32 16.57 -10.88
CA GLY C 299 35.87 16.43 -10.83
C GLY C 299 35.16 17.65 -10.29
N ILE C 300 35.70 18.24 -9.24
CA ILE C 300 35.08 19.41 -8.65
C ILE C 300 35.11 20.56 -9.64
N ASN C 301 36.09 20.55 -10.54
CA ASN C 301 36.22 21.59 -11.57
C ASN C 301 34.94 21.66 -12.39
N GLN C 302 34.32 20.51 -12.62
CA GLN C 302 33.09 20.44 -13.39
C GLN C 302 32.02 21.28 -12.72
N SER C 303 31.86 21.14 -11.41
CA SER C 303 30.87 21.92 -10.67
C SER C 303 31.25 23.38 -10.50
N VAL C 304 32.55 23.66 -10.40
CA VAL C 304 33.00 25.04 -10.26
C VAL C 304 32.58 25.82 -11.51
N HIS C 305 32.85 25.27 -12.69
CA HIS C 305 32.48 25.93 -13.93
C HIS C 305 30.96 26.04 -14.07
N PHE C 306 30.24 25.00 -13.63
CA PHE C 306 28.79 25.04 -13.73
C PHE C 306 28.25 26.18 -12.87
N ALA C 307 28.76 26.31 -11.65
CA ALA C 307 28.30 27.36 -10.74
C ALA C 307 28.72 28.75 -11.21
N LEU C 308 29.96 28.91 -11.65
CA LEU C 308 30.43 30.21 -12.14
C LEU C 308 29.60 30.64 -13.35
N GLY C 309 29.39 29.71 -14.28
CA GLY C 309 28.64 30.01 -15.48
C GLY C 309 27.19 30.39 -15.26
N THR C 310 26.45 29.54 -14.54
CA THR C 310 25.04 29.79 -14.28
C THR C 310 24.79 30.78 -13.16
N GLY C 311 25.71 30.84 -12.18
CA GLY C 311 25.55 31.73 -11.05
C GLY C 311 24.22 31.51 -10.33
N ALA C 312 23.70 30.29 -10.44
CA ALA C 312 22.40 29.95 -9.85
C ALA C 312 22.32 29.52 -8.40
N PHE C 313 23.45 29.47 -7.69
CA PHE C 313 23.43 28.97 -6.32
C PHE C 313 23.63 29.95 -5.16
N GLU C 314 22.83 29.76 -4.10
CA GLU C 314 22.91 30.58 -2.89
C GLU C 314 24.07 30.09 -2.03
N PHE C 315 24.32 28.78 -2.09
CA PHE C 315 25.39 28.15 -1.33
C PHE C 315 26.10 27.14 -2.20
N HIS C 316 27.39 26.96 -1.93
CA HIS C 316 28.20 26.00 -2.68
C HIS C 316 28.88 25.04 -1.71
N ASP C 317 28.61 23.75 -1.88
CA ASP C 317 29.24 22.73 -1.06
C ASP C 317 30.11 21.90 -1.99
N LEU C 318 31.26 22.47 -2.35
CA LEU C 318 32.20 21.83 -3.27
C LEU C 318 33.53 21.66 -2.56
N ASP C 319 33.56 20.77 -1.57
CA ASP C 319 34.75 20.55 -0.76
C ASP C 319 35.33 19.14 -0.79
N SER C 320 34.77 18.25 -1.61
CA SER C 320 35.28 16.88 -1.66
C SER C 320 36.78 16.83 -1.96
N HIS C 321 37.22 17.62 -2.93
CA HIS C 321 38.63 17.61 -3.29
C HIS C 321 39.49 18.10 -2.12
N LEU C 322 38.91 18.91 -1.24
CA LEU C 322 39.65 19.42 -0.08
C LEU C 322 39.81 18.37 1.00
N MET C 323 38.98 17.33 0.95
CA MET C 323 39.02 16.25 1.94
C MET C 323 39.85 15.06 1.47
N LEU C 324 40.21 15.06 0.19
CA LEU C 324 40.99 13.98 -0.39
C LEU C 324 42.46 14.36 -0.57
N LYS C 325 43.33 13.37 -0.43
CA LYS C 325 44.75 13.59 -0.61
C LYS C 325 45.02 13.56 -2.12
N GLU C 326 45.68 14.59 -2.63
CA GLU C 326 46.00 14.63 -4.04
C GLU C 326 47.35 15.34 -4.25
N GLU C 327 48.26 14.68 -4.95
CA GLU C 327 49.59 15.24 -5.19
C GLU C 327 49.56 16.51 -6.02
N VAL C 328 48.87 16.47 -7.15
CA VAL C 328 48.80 17.63 -8.02
C VAL C 328 47.37 18.11 -8.26
N PHE C 329 47.17 19.42 -8.12
CA PHE C 329 45.88 20.05 -8.34
C PHE C 329 45.58 19.96 -9.84
N ARG C 330 44.41 19.44 -10.19
CA ARG C 330 44.05 19.29 -11.60
C ARG C 330 42.81 20.06 -12.03
N GLY C 331 42.42 21.05 -11.24
CA GLY C 331 41.25 21.85 -11.61
C GLY C 331 41.61 22.97 -12.56
N LYS C 332 40.64 23.43 -13.33
CA LYS C 332 40.86 24.53 -14.26
C LYS C 332 40.23 25.77 -13.64
N PHE C 333 40.57 25.99 -12.38
CA PHE C 333 40.06 27.12 -11.63
C PHE C 333 41.09 27.45 -10.56
N ILE C 334 40.93 28.59 -9.92
CA ILE C 334 41.87 29.01 -8.89
C ILE C 334 41.24 28.85 -7.51
N GLN C 335 41.89 28.08 -6.65
CA GLN C 335 41.40 27.87 -5.29
C GLN C 335 42.18 28.77 -4.35
N ASP C 336 41.48 29.72 -3.74
CA ASP C 336 42.08 30.67 -2.81
C ASP C 336 41.33 30.54 -1.49
N GLY C 337 41.72 29.56 -0.69
CA GLY C 337 41.04 29.33 0.56
C GLY C 337 39.65 28.84 0.20
N PRO C 338 38.59 29.42 0.78
CA PRO C 338 37.22 28.98 0.46
C PRO C 338 36.76 29.53 -0.89
N ARG C 339 37.52 30.49 -1.42
CA ARG C 339 37.18 31.11 -2.70
C ARG C 339 37.67 30.34 -3.92
N MET C 340 36.84 30.33 -4.96
CA MET C 340 37.16 29.67 -6.21
C MET C 340 36.89 30.68 -7.31
N ARG C 341 37.91 30.98 -8.11
CA ARG C 341 37.78 31.96 -9.17
C ARG C 341 38.15 31.44 -10.54
N VAL C 342 37.62 32.08 -11.57
CA VAL C 342 37.87 31.71 -12.94
C VAL C 342 39.29 32.10 -13.35
N LYS C 343 39.86 31.35 -14.29
CA LYS C 343 41.22 31.62 -14.78
C LYS C 343 41.22 32.90 -15.62
N ARG D 3 -40.77 0.21 31.76
CA ARG D 3 -39.38 -0.33 31.63
C ARG D 3 -39.35 -1.74 31.03
N ILE D 4 -38.24 -2.05 30.38
CA ILE D 4 -38.05 -3.37 29.79
C ILE D 4 -37.75 -4.38 30.90
N VAL D 5 -38.44 -5.50 30.91
CA VAL D 5 -38.20 -6.51 31.93
C VAL D 5 -37.61 -7.78 31.33
N ASN D 6 -37.70 -7.91 30.01
CA ASN D 6 -37.14 -9.08 29.35
C ASN D 6 -36.96 -8.88 27.86
N VAL D 7 -35.98 -9.59 27.31
CA VAL D 7 -35.68 -9.54 25.88
C VAL D 7 -35.50 -10.98 25.42
N LYS D 8 -36.20 -11.35 24.35
CA LYS D 8 -36.09 -12.72 23.86
C LYS D 8 -35.79 -12.85 22.38
N LEU D 9 -34.79 -13.67 22.08
CA LEU D 9 -34.39 -13.95 20.71
C LEU D 9 -34.87 -15.34 20.37
N SER D 10 -35.36 -15.52 19.15
CA SER D 10 -35.83 -16.83 18.73
C SER D 10 -35.52 -17.03 17.25
N LEU D 11 -34.95 -18.18 16.94
CA LEU D 11 -34.58 -18.53 15.58
C LEU D 11 -35.81 -18.75 14.70
N LYS D 12 -35.79 -18.18 13.50
CA LYS D 12 -36.89 -18.30 12.55
C LYS D 12 -36.29 -18.57 11.17
N ARG D 13 -36.56 -19.75 10.62
CA ARG D 13 -36.03 -20.08 9.31
C ARG D 13 -37.10 -20.05 8.23
N TYR D 14 -36.82 -19.32 7.15
CA TYR D 14 -37.74 -19.18 6.03
C TYR D 14 -37.10 -19.73 4.77
N GLU D 15 -37.93 -20.16 3.82
CA GLU D 15 -37.43 -20.72 2.57
C GLU D 15 -37.83 -19.87 1.37
N TYR D 16 -36.89 -19.72 0.44
CA TYR D 16 -37.15 -18.96 -0.78
C TYR D 16 -37.98 -19.83 -1.71
N GLU D 17 -38.94 -19.24 -2.39
CA GLU D 17 -39.78 -19.98 -3.31
C GLU D 17 -38.90 -20.69 -4.34
N LYS D 18 -37.79 -20.04 -4.67
CA LYS D 18 -36.81 -20.60 -5.61
C LYS D 18 -35.46 -20.01 -5.19
N PRO D 19 -34.37 -20.74 -5.44
CA PRO D 19 -33.04 -20.24 -5.06
C PRO D 19 -32.82 -18.80 -5.55
N PHE D 20 -32.36 -17.94 -4.65
CA PHE D 20 -32.11 -16.53 -4.99
C PHE D 20 -30.63 -16.35 -5.33
N HIS D 21 -30.37 -16.11 -6.61
CA HIS D 21 -29.01 -15.94 -7.12
C HIS D 21 -28.58 -14.51 -7.40
N ILE D 22 -27.52 -14.07 -6.73
CA ILE D 22 -26.96 -12.74 -6.93
C ILE D 22 -25.46 -12.97 -7.08
N THR D 23 -24.72 -11.94 -7.49
CA THR D 23 -23.28 -12.09 -7.65
C THR D 23 -22.62 -12.69 -6.41
N GLY D 24 -21.91 -13.79 -6.61
CA GLY D 24 -21.21 -14.47 -5.54
C GLY D 24 -22.04 -15.06 -4.42
N SER D 25 -23.33 -15.33 -4.68
CA SER D 25 -24.17 -15.88 -3.62
C SER D 25 -25.47 -16.49 -4.13
N VAL D 26 -25.79 -17.68 -3.63
CA VAL D 26 -27.03 -18.36 -3.98
C VAL D 26 -27.66 -18.78 -2.66
N SER D 27 -28.88 -18.31 -2.41
CA SER D 27 -29.58 -18.61 -1.17
C SER D 27 -30.90 -19.34 -1.41
N SER D 28 -31.13 -20.39 -0.64
CA SER D 28 -32.37 -21.15 -0.76
C SER D 28 -33.16 -20.93 0.53
N GLU D 29 -32.48 -20.45 1.56
CA GLU D 29 -33.14 -20.19 2.83
C GLU D 29 -32.66 -18.88 3.47
N SER D 30 -33.47 -18.37 4.39
CA SER D 30 -33.16 -17.14 5.12
C SER D 30 -33.34 -17.42 6.60
N ARG D 31 -32.24 -17.44 7.33
CA ARG D 31 -32.27 -17.70 8.77
C ARG D 31 -32.29 -16.39 9.55
N ASN D 32 -33.44 -16.08 10.16
CA ASN D 32 -33.57 -14.83 10.90
C ASN D 32 -33.70 -15.03 12.41
N VAL D 33 -33.67 -13.93 13.14
CA VAL D 33 -33.81 -13.97 14.58
C VAL D 33 -34.87 -12.95 14.98
N GLU D 34 -35.96 -13.43 15.56
CA GLU D 34 -37.02 -12.54 15.99
C GLU D 34 -36.71 -12.04 17.38
N VAL D 35 -36.95 -10.75 17.61
CA VAL D 35 -36.68 -10.16 18.92
C VAL D 35 -37.98 -9.72 19.55
N GLU D 36 -38.13 -10.03 20.82
CA GLU D 36 -39.32 -9.63 21.57
C GLU D 36 -38.87 -8.90 22.82
N ILE D 37 -39.37 -7.67 23.00
CA ILE D 37 -39.04 -6.91 24.18
C ILE D 37 -40.30 -6.85 25.02
N VAL D 38 -40.19 -7.21 26.29
CA VAL D 38 -41.33 -7.21 27.18
C VAL D 38 -41.20 -6.12 28.25
N LEU D 39 -42.24 -5.30 28.36
CA LEU D 39 -42.27 -4.21 29.33
C LEU D 39 -42.95 -4.68 30.62
N GLU D 40 -42.58 -4.04 31.73
CA GLU D 40 -43.14 -4.37 33.04
C GLU D 40 -44.66 -4.31 33.00
N SER D 41 -45.18 -3.51 32.09
CA SER D 41 -46.62 -3.33 31.94
C SER D 41 -47.29 -4.42 31.10
N GLY D 42 -46.50 -5.31 30.53
CA GLY D 42 -47.08 -6.37 29.71
C GLY D 42 -46.99 -6.10 28.21
N VAL D 43 -46.75 -4.83 27.85
CA VAL D 43 -46.62 -4.47 26.43
C VAL D 43 -45.46 -5.25 25.82
N LYS D 44 -45.62 -5.69 24.58
CA LYS D 44 -44.57 -6.46 23.90
C LYS D 44 -44.24 -5.90 22.54
N GLY D 45 -42.95 -5.58 22.34
CA GLY D 45 -42.51 -5.05 21.07
C GLY D 45 -41.76 -6.12 20.29
N TYR D 46 -41.89 -6.09 18.96
CA TYR D 46 -41.24 -7.09 18.11
C TYR D 46 -40.42 -6.49 16.98
N GLY D 47 -39.34 -7.19 16.65
CA GLY D 47 -38.46 -6.79 15.57
C GLY D 47 -37.87 -8.07 15.00
N GLU D 48 -37.23 -7.97 13.84
CA GLU D 48 -36.61 -9.12 13.23
C GLU D 48 -35.22 -8.79 12.70
N ALA D 49 -34.28 -9.69 12.94
CA ALA D 49 -32.91 -9.53 12.46
C ALA D 49 -32.70 -10.55 11.35
N SER D 50 -32.23 -10.08 10.20
CA SER D 50 -31.93 -10.94 9.07
C SER D 50 -30.44 -10.72 8.82
N PRO D 51 -29.60 -11.42 9.59
CA PRO D 51 -28.14 -11.31 9.49
C PRO D 51 -27.57 -11.65 8.12
N SER D 52 -26.48 -10.99 7.77
CA SER D 52 -25.81 -11.21 6.49
C SER D 52 -24.33 -11.48 6.70
N PHE D 53 -23.88 -12.65 6.27
CA PHE D 53 -22.47 -13.00 6.40
C PHE D 53 -21.67 -12.24 5.36
N ARG D 54 -22.20 -12.19 4.14
CA ARG D 54 -21.55 -11.53 3.02
C ARG D 54 -21.37 -10.02 3.23
N VAL D 55 -22.42 -9.35 3.69
CA VAL D 55 -22.38 -7.90 3.89
C VAL D 55 -21.95 -7.43 5.28
N ASN D 56 -22.55 -7.98 6.33
CA ASN D 56 -22.22 -7.56 7.69
C ASN D 56 -21.27 -8.47 8.43
N GLY D 57 -20.92 -9.61 7.84
CA GLY D 57 -20.01 -10.55 8.49
C GLY D 57 -20.68 -11.34 9.62
N GLU D 58 -22.00 -11.23 9.72
CA GLU D 58 -22.75 -11.92 10.77
C GLU D 58 -23.05 -13.38 10.45
N ARG D 59 -23.38 -14.14 11.49
CA ARG D 59 -23.79 -15.55 11.36
C ARG D 59 -24.92 -15.70 12.37
N VAL D 60 -26.05 -16.24 11.92
CA VAL D 60 -27.20 -16.39 12.81
C VAL D 60 -26.91 -17.04 14.17
N GLU D 61 -26.10 -18.09 14.18
CA GLU D 61 -25.77 -18.78 15.43
C GLU D 61 -25.09 -17.84 16.41
N ALA D 62 -24.36 -16.86 15.87
CA ALA D 62 -23.65 -15.89 16.70
C ALA D 62 -24.66 -14.94 17.35
N LEU D 63 -25.63 -14.47 16.58
CA LEU D 63 -26.64 -13.58 17.13
C LEU D 63 -27.37 -14.24 18.30
N LEU D 64 -27.78 -15.49 18.11
CA LEU D 64 -28.49 -16.23 19.14
C LEU D 64 -27.67 -16.41 20.41
N ALA D 65 -26.37 -16.60 20.25
CA ALA D 65 -25.47 -16.81 21.39
C ALA D 65 -25.32 -15.64 22.34
N ILE D 66 -25.65 -14.43 21.89
CA ILE D 66 -25.49 -13.27 22.76
C ILE D 66 -26.78 -12.75 23.35
N GLU D 67 -27.83 -13.58 23.31
CA GLU D 67 -29.12 -13.19 23.85
C GLU D 67 -29.02 -12.61 25.26
N ASN D 68 -28.31 -13.28 26.16
CA ASN D 68 -28.20 -12.81 27.53
C ASN D 68 -27.52 -11.46 27.63
N ALA D 69 -26.51 -11.25 26.79
CA ALA D 69 -25.79 -9.98 26.79
C ALA D 69 -26.74 -8.87 26.38
N VAL D 70 -27.48 -9.09 25.30
CA VAL D 70 -28.43 -8.10 24.80
C VAL D 70 -29.48 -7.78 25.87
N ARG D 71 -29.96 -8.81 26.54
CA ARG D 71 -30.96 -8.63 27.59
C ARG D 71 -30.39 -7.74 28.70
N GLU D 72 -29.19 -8.08 29.13
CA GLU D 72 -28.51 -7.34 30.20
C GLU D 72 -28.22 -5.89 29.81
N MET D 73 -28.01 -5.65 28.53
CA MET D 73 -27.71 -4.29 28.05
C MET D 73 -28.87 -3.32 28.17
N ILE D 74 -30.10 -3.77 27.94
CA ILE D 74 -31.23 -2.86 27.99
C ILE D 74 -32.34 -3.07 29.02
N THR D 75 -32.31 -4.19 29.75
CA THR D 75 -33.36 -4.39 30.75
C THR D 75 -33.30 -3.30 31.81
N GLY D 76 -34.46 -2.83 32.26
CA GLY D 76 -34.49 -1.80 33.27
C GLY D 76 -34.65 -0.40 32.70
N ILE D 77 -34.49 -0.25 31.40
CA ILE D 77 -34.63 1.05 30.75
C ILE D 77 -36.06 1.24 30.24
N ASP D 78 -36.60 2.45 30.43
CA ASP D 78 -37.96 2.73 29.96
C ASP D 78 -37.89 3.06 28.48
N VAL D 79 -38.78 2.48 27.68
CA VAL D 79 -38.75 2.73 26.24
C VAL D 79 -38.98 4.18 25.84
N ARG D 80 -39.47 5.02 26.77
CA ARG D 80 -39.68 6.41 26.40
C ARG D 80 -38.32 7.12 26.32
N ASN D 81 -37.28 6.48 26.86
CA ASN D 81 -35.92 7.01 26.81
C ASN D 81 -35.22 6.21 25.72
N TYR D 82 -35.89 6.04 24.58
CA TYR D 82 -35.34 5.24 23.50
C TYR D 82 -33.94 5.63 23.00
N ALA D 83 -33.61 6.91 23.10
CA ALA D 83 -32.29 7.37 22.64
C ALA D 83 -31.18 6.67 23.42
N ARG D 84 -31.45 6.32 24.68
CA ARG D 84 -30.47 5.65 25.51
C ARG D 84 -30.28 4.22 25.00
N ILE D 85 -31.41 3.57 24.68
CA ILE D 85 -31.36 2.21 24.16
C ILE D 85 -30.64 2.23 22.80
N PHE D 86 -30.91 3.24 21.99
CA PHE D 86 -30.27 3.34 20.69
C PHE D 86 -28.75 3.45 20.85
N GLU D 87 -28.31 4.32 21.76
CA GLU D 87 -26.89 4.51 21.99
C GLU D 87 -26.24 3.22 22.48
N ILE D 88 -26.87 2.57 23.44
CA ILE D 88 -26.34 1.31 23.98
C ILE D 88 -26.22 0.26 22.90
N THR D 89 -27.27 0.11 22.08
CA THR D 89 -27.25 -0.90 21.04
C THR D 89 -26.36 -0.54 19.86
N ASP D 90 -25.90 0.70 19.78
CA ASP D 90 -24.99 1.08 18.71
C ASP D 90 -23.66 0.34 18.93
N ARG D 91 -23.45 -0.17 20.14
CA ARG D 91 -22.23 -0.91 20.47
C ARG D 91 -22.26 -2.28 19.80
N LEU D 92 -23.44 -2.67 19.31
CA LEU D 92 -23.60 -3.95 18.63
C LEU D 92 -23.29 -3.80 17.14
N PHE D 93 -22.27 -3.02 16.83
CA PHE D 93 -21.92 -2.81 15.43
C PHE D 93 -21.44 -4.09 14.73
N GLY D 94 -21.14 -5.12 15.53
CA GLY D 94 -20.72 -6.40 14.97
C GLY D 94 -21.96 -7.27 14.71
N PHE D 95 -23.11 -6.81 15.18
CA PHE D 95 -24.38 -7.53 15.03
C PHE D 95 -25.43 -6.51 14.61
N PRO D 96 -25.20 -5.79 13.49
CA PRO D 96 -26.10 -4.78 12.97
C PRO D 96 -27.56 -5.15 12.77
N SER D 97 -27.81 -6.36 12.28
CA SER D 97 -29.18 -6.80 12.07
C SER D 97 -29.91 -6.94 13.41
N LEU D 98 -29.18 -7.32 14.44
CA LEU D 98 -29.78 -7.48 15.77
C LEU D 98 -30.00 -6.09 16.36
N LYS D 99 -29.07 -5.19 16.08
CA LYS D 99 -29.16 -3.82 16.54
C LYS D 99 -30.47 -3.24 15.99
N ALA D 100 -30.72 -3.48 14.71
CA ALA D 100 -31.91 -3.01 14.04
C ALA D 100 -33.18 -3.55 14.69
N ALA D 101 -33.19 -4.86 14.93
CA ALA D 101 -34.35 -5.52 15.53
C ALA D 101 -34.66 -5.00 16.93
N VAL D 102 -33.63 -4.84 17.75
CA VAL D 102 -33.83 -4.35 19.10
C VAL D 102 -34.33 -2.91 19.09
N GLN D 103 -33.76 -2.09 18.22
CA GLN D 103 -34.19 -0.70 18.13
C GLN D 103 -35.63 -0.56 17.65
N PHE D 104 -36.01 -1.35 16.64
CA PHE D 104 -37.38 -1.26 16.16
C PHE D 104 -38.35 -1.80 17.21
N ALA D 105 -38.00 -2.92 17.83
CA ALA D 105 -38.86 -3.51 18.85
C ALA D 105 -39.11 -2.46 19.92
N THR D 106 -38.10 -1.65 20.20
CA THR D 106 -38.22 -0.60 21.19
C THR D 106 -39.26 0.42 20.78
N LEU D 107 -39.20 0.87 19.52
CA LEU D 107 -40.16 1.84 19.03
C LEU D 107 -41.55 1.21 18.87
N ASP D 108 -41.59 -0.08 18.57
CA ASP D 108 -42.86 -0.77 18.43
C ASP D 108 -43.57 -0.76 19.79
N ALA D 109 -42.83 -1.07 20.84
CA ALA D 109 -43.38 -1.08 22.19
C ALA D 109 -43.79 0.32 22.64
N LEU D 110 -42.93 1.30 22.36
CA LEU D 110 -43.21 2.68 22.74
C LEU D 110 -44.46 3.19 22.05
N SER D 111 -44.55 2.97 20.74
CA SER D 111 -45.71 3.43 19.98
C SER D 111 -46.99 2.81 20.54
N GLN D 112 -46.90 1.58 21.02
CA GLN D 112 -48.07 0.91 21.59
C GLN D 112 -48.50 1.63 22.86
N GLU D 113 -47.54 1.97 23.72
CA GLU D 113 -47.86 2.68 24.95
C GLU D 113 -48.49 4.03 24.65
N LEU D 114 -48.03 4.67 23.58
CA LEU D 114 -48.53 5.99 23.21
C LEU D 114 -49.83 5.94 22.41
N GLY D 115 -50.26 4.74 22.03
CA GLY D 115 -51.47 4.61 21.26
C GLY D 115 -51.33 5.02 19.81
N THR D 116 -50.11 4.95 19.28
CA THR D 116 -49.90 5.32 17.89
C THR D 116 -49.10 4.23 17.18
N GLN D 117 -48.54 4.56 16.01
CA GLN D 117 -47.75 3.61 15.24
C GLN D 117 -46.34 4.13 15.01
N VAL D 118 -45.39 3.22 14.77
CA VAL D 118 -44.01 3.61 14.54
C VAL D 118 -43.89 4.65 13.42
N CYS D 119 -44.56 4.42 12.29
CA CYS D 119 -44.49 5.37 11.19
C CYS D 119 -44.87 6.78 11.63
N TYR D 120 -45.80 6.91 12.57
CA TYR D 120 -46.19 8.24 13.04
C TYR D 120 -45.15 8.81 13.99
N LEU D 121 -44.57 7.94 14.82
CA LEU D 121 -43.54 8.37 15.75
C LEU D 121 -42.37 8.95 14.94
N LEU D 122 -42.20 8.47 13.72
CA LEU D 122 -41.12 8.91 12.84
C LEU D 122 -41.47 10.03 11.88
N GLY D 123 -42.66 10.60 12.00
CA GLY D 123 -43.04 11.69 11.13
C GLY D 123 -44.35 11.57 10.37
N GLY D 124 -44.79 10.34 10.12
CA GLY D 124 -46.03 10.10 9.38
C GLY D 124 -46.08 10.88 8.08
N LYS D 125 -44.98 10.92 7.35
CA LYS D 125 -44.91 11.69 6.11
C LYS D 125 -45.76 11.16 4.97
N ARG D 126 -45.79 9.84 4.79
CA ARG D 126 -46.56 9.22 3.71
C ARG D 126 -47.53 8.17 4.21
N ASP D 127 -48.57 7.93 3.42
CA ASP D 127 -49.57 6.92 3.77
C ASP D 127 -49.37 5.68 2.93
N GLU D 128 -48.69 5.83 1.80
CA GLU D 128 -48.45 4.71 0.93
C GLU D 128 -47.11 4.79 0.20
N ILE D 129 -46.50 3.63 -0.01
CA ILE D 129 -45.23 3.52 -0.73
C ILE D 129 -45.38 2.29 -1.63
N GLU D 130 -44.59 2.25 -2.69
CA GLU D 130 -44.63 1.12 -3.62
C GLU D 130 -43.26 0.48 -3.76
N THR D 131 -43.21 -0.84 -3.67
CA THR D 131 -41.96 -1.57 -3.80
C THR D 131 -41.78 -2.16 -5.18
N ASP D 132 -40.53 -2.41 -5.52
CA ASP D 132 -40.22 -3.03 -6.80
C ASP D 132 -40.21 -4.52 -6.47
N LYS D 133 -39.82 -5.34 -7.44
CA LYS D 133 -39.70 -6.77 -7.21
C LYS D 133 -38.44 -7.18 -7.96
N THR D 134 -37.70 -8.12 -7.40
CA THR D 134 -36.43 -8.55 -7.95
C THR D 134 -36.37 -9.76 -8.88
N VAL D 135 -35.57 -9.63 -9.92
CA VAL D 135 -35.35 -10.70 -10.89
C VAL D 135 -33.92 -11.19 -10.65
N GLY D 136 -33.79 -12.32 -9.96
CA GLY D 136 -32.49 -12.88 -9.67
C GLY D 136 -31.75 -13.32 -10.92
N ILE D 137 -30.46 -13.64 -10.78
CA ILE D 137 -29.67 -14.08 -11.91
C ILE D 137 -30.12 -15.48 -12.37
N ASP D 138 -30.24 -15.64 -13.68
CA ASP D 138 -30.67 -16.91 -14.27
C ASP D 138 -30.38 -16.77 -15.77
N THR D 139 -30.84 -17.74 -16.55
CA THR D 139 -30.64 -17.67 -17.99
C THR D 139 -31.46 -16.50 -18.49
N VAL D 140 -31.08 -15.93 -19.64
CA VAL D 140 -31.84 -14.81 -20.18
C VAL D 140 -33.30 -15.21 -20.31
N GLU D 141 -33.55 -16.48 -20.68
CA GLU D 141 -34.92 -16.96 -20.83
C GLU D 141 -35.73 -16.90 -19.56
N ASN D 142 -35.20 -17.47 -18.48
CA ASN D 142 -35.90 -17.48 -17.22
C ASN D 142 -36.05 -16.08 -16.63
N ARG D 143 -35.08 -15.22 -16.90
CA ARG D 143 -35.13 -13.85 -16.41
C ARG D 143 -36.28 -13.09 -17.08
N VAL D 144 -36.34 -13.18 -18.40
CA VAL D 144 -37.39 -12.51 -19.15
C VAL D 144 -38.74 -13.04 -18.67
N LYS D 145 -38.80 -14.34 -18.41
CA LYS D 145 -40.03 -14.97 -17.95
C LYS D 145 -40.47 -14.37 -16.62
N GLU D 146 -39.57 -14.39 -15.63
CA GLU D 146 -39.86 -13.84 -14.32
C GLU D 146 -40.20 -12.36 -14.40
N ALA D 147 -39.54 -11.66 -15.32
CA ALA D 147 -39.78 -10.23 -15.50
C ALA D 147 -41.22 -9.97 -15.94
N LYS D 148 -41.66 -10.68 -16.99
CA LYS D 148 -43.02 -10.53 -17.50
C LYS D 148 -44.02 -10.82 -16.39
N LYS D 149 -43.75 -11.88 -15.63
CA LYS D 149 -44.61 -12.30 -14.53
C LYS D 149 -44.74 -11.18 -13.51
N ILE D 150 -43.62 -10.60 -13.12
CA ILE D 150 -43.63 -9.51 -12.15
C ILE D 150 -44.40 -8.32 -12.71
N PHE D 151 -44.17 -8.01 -13.97
CA PHE D 151 -44.85 -6.90 -14.63
C PHE D 151 -46.35 -7.14 -14.66
N GLU D 152 -46.74 -8.38 -14.97
CA GLU D 152 -48.14 -8.76 -15.05
C GLU D 152 -48.79 -8.65 -13.68
N GLU D 153 -47.97 -8.79 -12.63
CA GLU D 153 -48.46 -8.71 -11.27
C GLU D 153 -48.68 -7.26 -10.82
N GLY D 154 -48.40 -6.31 -11.71
CA GLY D 154 -48.62 -4.91 -11.39
C GLY D 154 -47.41 -4.07 -11.03
N PHE D 155 -46.26 -4.71 -10.77
CA PHE D 155 -45.05 -3.98 -10.42
C PHE D 155 -44.57 -3.12 -11.59
N ARG D 156 -44.26 -1.86 -11.31
CA ARG D 156 -43.80 -0.95 -12.37
C ARG D 156 -42.34 -0.54 -12.21
N VAL D 157 -41.68 -1.10 -11.21
CA VAL D 157 -40.27 -0.86 -10.97
C VAL D 157 -39.72 -2.27 -10.81
N ILE D 158 -38.86 -2.67 -11.74
CA ILE D 158 -38.30 -4.01 -11.71
C ILE D 158 -36.80 -3.98 -11.44
N LYS D 159 -36.39 -4.64 -10.36
CA LYS D 159 -34.98 -4.71 -9.99
C LYS D 159 -34.33 -5.94 -10.64
N ILE D 160 -33.30 -5.69 -11.45
CA ILE D 160 -32.61 -6.76 -12.17
C ILE D 160 -31.19 -7.03 -11.67
N LYS D 161 -30.93 -8.27 -11.27
CA LYS D 161 -29.60 -8.64 -10.78
C LYS D 161 -28.65 -8.96 -11.94
N VAL D 162 -27.40 -8.50 -11.81
CA VAL D 162 -26.37 -8.75 -12.81
C VAL D 162 -25.03 -8.79 -12.07
N GLY D 163 -23.94 -8.95 -12.82
CA GLY D 163 -22.64 -8.96 -12.17
C GLY D 163 -21.69 -10.12 -12.42
N GLU D 164 -22.17 -11.19 -13.06
CA GLU D 164 -21.31 -12.35 -13.31
C GLU D 164 -20.99 -12.61 -14.77
N ASN D 165 -21.73 -11.98 -15.68
CA ASN D 165 -21.52 -12.17 -17.11
C ASN D 165 -21.94 -10.90 -17.84
N LEU D 166 -21.01 -9.97 -18.04
CA LEU D 166 -21.31 -8.71 -18.69
C LEU D 166 -22.14 -8.85 -19.97
N LYS D 167 -21.67 -9.70 -20.88
CA LYS D 167 -22.35 -9.95 -22.16
C LYS D 167 -23.81 -10.35 -21.96
N GLU D 168 -24.02 -11.39 -21.16
CA GLU D 168 -25.36 -11.88 -20.90
C GLU D 168 -26.19 -10.88 -20.09
N ASP D 169 -25.56 -10.18 -19.15
CA ASP D 169 -26.28 -9.20 -18.35
C ASP D 169 -26.87 -8.12 -19.26
N ILE D 170 -26.07 -7.62 -20.19
CA ILE D 170 -26.53 -6.61 -21.13
C ILE D 170 -27.72 -7.16 -21.92
N GLU D 171 -27.57 -8.40 -22.37
CA GLU D 171 -28.63 -9.04 -23.15
C GLU D 171 -29.91 -9.20 -22.33
N ALA D 172 -29.75 -9.66 -21.08
CA ALA D 172 -30.88 -9.87 -20.20
C ALA D 172 -31.68 -8.58 -19.98
N VAL D 173 -30.99 -7.50 -19.66
CA VAL D 173 -31.64 -6.21 -19.44
C VAL D 173 -32.38 -5.75 -20.68
N GLU D 174 -31.73 -5.85 -21.83
CA GLU D 174 -32.35 -5.44 -23.08
C GLU D 174 -33.59 -6.26 -23.39
N GLU D 175 -33.51 -7.57 -23.20
CA GLU D 175 -34.65 -8.44 -23.46
C GLU D 175 -35.80 -8.15 -22.50
N ILE D 176 -35.46 -7.91 -21.24
CA ILE D 176 -36.45 -7.60 -20.22
C ILE D 176 -37.19 -6.31 -20.52
N ALA D 177 -36.45 -5.30 -20.96
CA ALA D 177 -37.02 -4.00 -21.27
C ALA D 177 -38.07 -4.05 -22.40
N LYS D 178 -37.83 -4.93 -23.37
CA LYS D 178 -38.73 -5.06 -24.50
C LYS D 178 -40.09 -5.66 -24.14
N VAL D 179 -40.13 -6.46 -23.09
CA VAL D 179 -41.37 -7.10 -22.67
C VAL D 179 -41.99 -6.49 -21.42
N THR D 180 -41.45 -5.37 -20.95
CA THR D 180 -42.00 -4.72 -19.76
C THR D 180 -42.15 -3.22 -19.97
N ARG D 181 -42.34 -2.84 -21.23
CA ARG D 181 -42.49 -1.42 -21.60
C ARG D 181 -43.46 -0.69 -20.67
N GLY D 182 -42.97 0.41 -20.09
CA GLY D 182 -43.79 1.18 -19.18
C GLY D 182 -43.26 1.08 -17.76
N ALA D 183 -42.35 0.13 -17.55
CA ALA D 183 -41.75 -0.06 -16.23
C ALA D 183 -40.40 0.63 -16.12
N LYS D 184 -39.98 0.91 -14.89
CA LYS D 184 -38.67 1.52 -14.64
C LYS D 184 -37.77 0.37 -14.17
N TYR D 185 -36.46 0.54 -14.31
CA TYR D 185 -35.54 -0.52 -13.93
C TYR D 185 -34.40 -0.12 -12.99
N ILE D 186 -34.15 -0.99 -12.01
CA ILE D 186 -33.05 -0.83 -11.07
C ILE D 186 -32.13 -2.01 -11.36
N VAL D 187 -30.88 -1.73 -11.68
CA VAL D 187 -29.92 -2.80 -11.95
C VAL D 187 -28.95 -2.89 -10.78
N ASP D 188 -28.81 -4.09 -10.22
CA ASP D 188 -27.94 -4.31 -9.09
C ASP D 188 -26.88 -5.35 -9.45
N ALA D 189 -25.61 -4.93 -9.41
CA ALA D 189 -24.51 -5.83 -9.76
C ALA D 189 -23.89 -6.51 -8.55
N ASN D 190 -24.24 -6.05 -7.36
CA ASN D 190 -23.71 -6.62 -6.12
C ASN D 190 -22.19 -6.77 -6.14
N MET D 191 -21.51 -5.71 -6.58
CA MET D 191 -20.04 -5.66 -6.62
C MET D 191 -19.38 -6.54 -7.68
N GLY D 192 -20.16 -7.05 -8.63
CA GLY D 192 -19.60 -7.94 -9.63
C GLY D 192 -18.73 -7.41 -10.75
N TYR D 193 -18.75 -6.11 -11.01
CA TYR D 193 -17.95 -5.56 -12.10
C TYR D 193 -16.74 -4.73 -11.68
N THR D 194 -15.82 -4.56 -12.62
CA THR D 194 -14.65 -3.72 -12.40
C THR D 194 -15.20 -2.35 -12.78
N GLN D 195 -14.46 -1.29 -12.48
CA GLN D 195 -14.91 0.05 -12.82
C GLN D 195 -15.27 0.19 -14.30
N LYS D 196 -14.36 -0.24 -15.17
CA LYS D 196 -14.57 -0.14 -16.61
C LYS D 196 -15.71 -1.02 -17.12
N GLU D 197 -15.85 -2.23 -16.57
CA GLU D 197 -16.93 -3.11 -17.00
C GLU D 197 -18.26 -2.45 -16.63
N ALA D 198 -18.30 -1.87 -15.43
CA ALA D 198 -19.51 -1.21 -14.94
C ALA D 198 -19.92 -0.07 -15.86
N VAL D 199 -18.94 0.68 -16.35
CA VAL D 199 -19.21 1.77 -17.27
C VAL D 199 -19.70 1.25 -18.61
N GLU D 200 -19.04 0.21 -19.12
CA GLU D 200 -19.43 -0.36 -20.41
C GLU D 200 -20.86 -0.91 -20.38
N PHE D 201 -21.22 -1.56 -19.29
CA PHE D 201 -22.57 -2.10 -19.14
C PHE D 201 -23.58 -0.97 -19.31
N ALA D 202 -23.39 0.08 -18.51
CA ALA D 202 -24.27 1.24 -18.55
C ALA D 202 -24.37 1.87 -19.93
N ARG D 203 -23.23 2.07 -20.59
CA ARG D 203 -23.22 2.66 -21.92
C ARG D 203 -23.93 1.80 -22.95
N ALA D 204 -23.72 0.48 -22.86
CA ALA D 204 -24.35 -0.45 -23.80
C ALA D 204 -25.87 -0.35 -23.66
N VAL D 205 -26.36 -0.42 -22.43
CA VAL D 205 -27.79 -0.33 -22.18
C VAL D 205 -28.31 1.03 -22.63
N TYR D 206 -27.55 2.07 -22.32
CA TYR D 206 -27.93 3.43 -22.70
C TYR D 206 -28.08 3.56 -24.21
N GLN D 207 -27.09 3.09 -24.95
CA GLN D 207 -27.11 3.15 -26.42
C GLN D 207 -28.32 2.44 -27.02
N LYS D 208 -28.90 1.53 -26.26
CA LYS D 208 -30.06 0.78 -26.73
C LYS D 208 -31.33 1.56 -26.43
N GLY D 209 -31.16 2.77 -25.89
CA GLY D 209 -32.29 3.61 -25.57
C GLY D 209 -33.00 3.23 -24.29
N ILE D 210 -32.34 2.40 -23.48
CA ILE D 210 -32.92 1.95 -22.21
C ILE D 210 -32.43 2.84 -21.06
N ASP D 211 -33.32 3.13 -20.11
CA ASP D 211 -32.95 3.95 -18.97
C ASP D 211 -32.97 3.16 -17.67
N ILE D 212 -31.91 3.31 -16.88
CA ILE D 212 -31.81 2.62 -15.59
C ILE D 212 -32.03 3.66 -14.49
N ALA D 213 -33.07 3.49 -13.69
CA ALA D 213 -33.40 4.42 -12.62
C ALA D 213 -32.32 4.48 -11.55
N VAL D 214 -31.80 3.31 -11.17
CA VAL D 214 -30.75 3.21 -10.17
C VAL D 214 -29.84 2.03 -10.50
N TYR D 215 -28.53 2.29 -10.51
CA TYR D 215 -27.50 1.31 -10.81
C TYR D 215 -26.79 1.04 -9.49
N GLU D 216 -27.16 -0.07 -8.84
CA GLU D 216 -26.61 -0.44 -7.54
C GLU D 216 -25.25 -1.10 -7.46
N GLN D 217 -24.45 -0.62 -6.51
CA GLN D 217 -23.12 -1.13 -6.20
C GLN D 217 -22.43 -1.90 -7.32
N PRO D 218 -22.05 -1.20 -8.39
CA PRO D 218 -21.37 -1.90 -9.49
C PRO D 218 -20.01 -2.50 -9.14
N VAL D 219 -19.29 -1.90 -8.19
CA VAL D 219 -17.96 -2.38 -7.85
C VAL D 219 -17.77 -2.86 -6.41
N ARG D 220 -16.58 -3.37 -6.10
CA ARG D 220 -16.27 -3.86 -4.76
C ARG D 220 -16.53 -2.82 -3.66
N ARG D 221 -16.87 -3.29 -2.48
CA ARG D 221 -17.23 -2.43 -1.36
C ARG D 221 -16.22 -1.39 -0.88
N GLU D 222 -14.94 -1.72 -0.90
CA GLU D 222 -13.92 -0.79 -0.42
C GLU D 222 -13.52 0.20 -1.51
N ASP D 223 -13.97 -0.07 -2.73
CA ASP D 223 -13.63 0.78 -3.87
C ASP D 223 -14.47 2.03 -4.05
N ILE D 224 -14.35 2.95 -3.10
CA ILE D 224 -15.09 4.21 -3.14
C ILE D 224 -14.75 5.01 -4.40
N GLU D 225 -13.46 5.06 -4.75
CA GLU D 225 -13.05 5.80 -5.93
C GLU D 225 -13.67 5.17 -7.17
N GLY D 226 -13.87 3.86 -7.11
CA GLY D 226 -14.48 3.14 -8.22
C GLY D 226 -15.93 3.52 -8.42
N LEU D 227 -16.67 3.64 -7.32
CA LEU D 227 -18.07 4.03 -7.39
C LEU D 227 -18.14 5.40 -8.06
N LYS D 228 -17.25 6.29 -7.63
CA LYS D 228 -17.20 7.63 -8.17
C LYS D 228 -16.86 7.62 -9.65
N PHE D 229 -15.93 6.75 -10.04
CA PHE D 229 -15.54 6.67 -11.43
C PHE D 229 -16.76 6.28 -12.27
N VAL D 230 -17.51 5.30 -11.80
CA VAL D 230 -18.68 4.86 -12.54
C VAL D 230 -19.72 5.99 -12.62
N ARG D 231 -19.90 6.70 -11.52
CA ARG D 231 -20.85 7.80 -11.46
C ARG D 231 -20.50 8.90 -12.47
N PHE D 232 -19.22 9.25 -12.54
CA PHE D 232 -18.76 10.31 -13.42
C PHE D 232 -18.54 9.95 -14.90
N HIS D 233 -18.56 8.66 -15.23
CA HIS D 233 -18.32 8.25 -16.60
C HIS D 233 -19.44 7.43 -17.27
N SER D 234 -20.58 7.31 -16.60
CA SER D 234 -21.73 6.59 -17.16
C SER D 234 -22.98 7.44 -16.86
N PRO D 235 -24.00 7.35 -17.73
CA PRO D 235 -25.28 8.09 -17.66
C PRO D 235 -26.32 7.84 -16.58
N PHE D 236 -26.28 6.72 -15.87
CA PHE D 236 -27.29 6.45 -14.86
C PHE D 236 -26.89 6.72 -13.42
N PRO D 237 -27.88 6.97 -12.54
CA PRO D 237 -27.63 7.23 -11.12
C PRO D 237 -26.96 6.00 -10.50
N VAL D 238 -25.85 6.22 -9.80
CA VAL D 238 -25.12 5.11 -9.17
C VAL D 238 -25.39 5.09 -7.68
N ALA D 239 -25.67 3.90 -7.15
CA ALA D 239 -25.95 3.77 -5.73
C ALA D 239 -24.92 2.94 -4.99
N ALA D 240 -24.74 3.26 -3.71
CA ALA D 240 -23.85 2.51 -2.85
C ALA D 240 -24.79 1.65 -2.00
N ASP D 241 -24.48 0.36 -1.88
CA ASP D 241 -25.28 -0.52 -1.03
C ASP D 241 -24.28 -1.13 -0.05
N GLU D 242 -23.55 -2.15 -0.50
CA GLU D 242 -22.55 -2.79 0.35
C GLU D 242 -21.56 -1.78 0.94
N SER D 243 -21.25 -0.73 0.17
CA SER D 243 -20.31 0.30 0.64
C SER D 243 -20.91 1.26 1.68
N ALA D 244 -22.23 1.23 1.84
CA ALA D 244 -22.89 2.12 2.79
C ALA D 244 -23.59 1.40 3.94
N ARG D 245 -22.83 1.08 4.98
CA ARG D 245 -23.39 0.38 6.13
C ARG D 245 -23.68 1.30 7.31
N THR D 246 -22.79 2.25 7.57
CA THR D 246 -22.96 3.16 8.69
C THR D 246 -23.10 4.62 8.26
N LYS D 247 -23.53 5.45 9.20
CA LYS D 247 -23.66 6.88 8.93
C LYS D 247 -22.30 7.47 8.59
N PHE D 248 -21.24 6.90 9.14
CA PHE D 248 -19.88 7.39 8.86
C PHE D 248 -19.51 7.07 7.42
N ASP D 249 -19.90 5.89 6.93
CA ASP D 249 -19.62 5.52 5.55
C ASP D 249 -20.28 6.53 4.62
N VAL D 250 -21.53 6.88 4.92
CA VAL D 250 -22.27 7.82 4.08
C VAL D 250 -21.66 9.24 4.10
N MET D 251 -21.21 9.70 5.27
CA MET D 251 -20.58 11.02 5.31
C MET D 251 -19.38 11.03 4.36
N ARG D 252 -18.63 9.93 4.34
CA ARG D 252 -17.46 9.82 3.47
C ARG D 252 -17.88 9.79 2.00
N LEU D 253 -18.92 9.01 1.69
CA LEU D 253 -19.43 8.92 0.32
C LEU D 253 -19.84 10.31 -0.16
N VAL D 254 -20.49 11.08 0.70
CA VAL D 254 -20.93 12.43 0.34
C VAL D 254 -19.73 13.35 0.14
N LYS D 255 -18.78 13.31 1.07
CA LYS D 255 -17.59 14.14 0.97
C LYS D 255 -16.83 13.82 -0.33
N GLU D 256 -16.74 12.53 -0.64
CA GLU D 256 -16.06 12.03 -1.83
C GLU D 256 -16.87 12.21 -3.11
N GLU D 257 -18.14 12.59 -2.99
CA GLU D 257 -19.03 12.75 -4.15
C GLU D 257 -19.02 11.47 -4.99
N ALA D 258 -19.00 10.34 -4.30
CA ALA D 258 -18.93 9.04 -4.95
C ALA D 258 -20.21 8.46 -5.54
N VAL D 259 -21.37 8.81 -4.98
CA VAL D 259 -22.60 8.24 -5.50
C VAL D 259 -23.79 9.20 -5.59
N ASP D 260 -24.77 8.83 -6.41
CA ASP D 260 -25.98 9.64 -6.56
C ASP D 260 -27.00 9.13 -5.54
N TYR D 261 -26.91 7.85 -5.21
CA TYR D 261 -27.82 7.21 -4.27
C TYR D 261 -27.12 6.38 -3.21
N VAL D 262 -27.84 6.12 -2.13
CA VAL D 262 -27.40 5.23 -1.07
C VAL D 262 -28.60 4.33 -0.83
N ASN D 263 -28.36 3.03 -0.79
CA ASN D 263 -29.43 2.08 -0.52
C ASN D 263 -29.39 1.85 0.98
N ILE D 264 -30.30 2.49 1.71
CA ILE D 264 -30.37 2.34 3.15
C ILE D 264 -31.05 1.03 3.53
N LYS D 265 -30.44 0.29 4.43
CA LYS D 265 -31.04 -0.95 4.93
C LYS D 265 -30.93 -0.96 6.44
N LEU D 266 -32.06 -1.17 7.10
CA LEU D 266 -32.06 -1.21 8.55
C LEU D 266 -31.13 -2.34 9.01
N MET D 267 -31.08 -3.41 8.23
CA MET D 267 -30.23 -4.56 8.59
C MET D 267 -28.74 -4.21 8.61
N LYS D 268 -28.37 -3.14 7.92
CA LYS D 268 -26.97 -2.69 7.89
C LYS D 268 -26.72 -1.61 8.92
N SER D 269 -27.63 -0.64 8.99
CA SER D 269 -27.48 0.52 9.85
C SER D 269 -28.24 0.57 11.18
N GLY D 270 -29.34 -0.18 11.27
CA GLY D 270 -30.15 -0.11 12.47
C GLY D 270 -30.99 1.15 12.28
N ILE D 271 -31.88 1.46 13.21
CA ILE D 271 -32.71 2.66 13.10
C ILE D 271 -31.88 3.92 13.34
N SER D 272 -30.98 3.85 14.31
CA SER D 272 -30.15 5.01 14.66
C SER D 272 -29.36 5.53 13.46
N ASP D 273 -28.51 4.70 12.87
CA ASP D 273 -27.73 5.14 11.71
C ASP D 273 -28.63 5.45 10.51
N ALA D 274 -29.75 4.73 10.38
CA ALA D 274 -30.64 5.00 9.26
C ALA D 274 -31.20 6.42 9.33
N LEU D 275 -31.59 6.84 10.53
CA LEU D 275 -32.11 8.19 10.72
C LEU D 275 -31.03 9.22 10.37
N ALA D 276 -29.79 8.94 10.74
CA ALA D 276 -28.69 9.87 10.45
C ALA D 276 -28.50 9.97 8.94
N ILE D 277 -28.56 8.83 8.27
CA ILE D 277 -28.37 8.80 6.82
C ILE D 277 -29.47 9.57 6.11
N VAL D 278 -30.70 9.47 6.59
CA VAL D 278 -31.80 10.21 5.99
C VAL D 278 -31.51 11.71 6.08
N GLU D 279 -31.09 12.16 7.25
CA GLU D 279 -30.79 13.57 7.45
C GLU D 279 -29.61 14.03 6.57
N ILE D 280 -28.56 13.23 6.52
CA ILE D 280 -27.39 13.55 5.71
C ILE D 280 -27.80 13.70 4.24
N ALA D 281 -28.63 12.77 3.76
CA ALA D 281 -29.08 12.81 2.37
C ALA D 281 -29.92 14.05 2.10
N GLU D 282 -30.81 14.38 3.03
CA GLU D 282 -31.67 15.55 2.84
C GLU D 282 -30.88 16.86 2.96
N SER D 283 -29.67 16.78 3.50
CA SER D 283 -28.81 17.95 3.68
C SER D 283 -27.73 18.01 2.60
N SER D 284 -27.84 17.15 1.59
CA SER D 284 -26.85 17.11 0.52
C SER D 284 -27.51 16.76 -0.80
N GLY D 285 -26.71 16.53 -1.83
CA GLY D 285 -27.27 16.19 -3.13
C GLY D 285 -27.64 14.72 -3.23
N LEU D 286 -27.38 13.97 -2.17
CA LEU D 286 -27.66 12.54 -2.14
C LEU D 286 -29.14 12.17 -2.13
N LYS D 287 -29.51 11.13 -2.88
CA LYS D 287 -30.89 10.64 -2.91
C LYS D 287 -30.89 9.25 -2.30
N LEU D 288 -32.05 8.76 -1.88
CA LEU D 288 -32.12 7.47 -1.23
C LEU D 288 -33.14 6.47 -1.74
N MET D 289 -32.84 5.21 -1.48
CA MET D 289 -33.74 4.12 -1.80
C MET D 289 -33.60 3.27 -0.54
N ILE D 290 -34.66 2.54 -0.17
CA ILE D 290 -34.58 1.71 1.02
C ILE D 290 -34.67 0.25 0.55
N GLY D 291 -33.77 -0.58 1.05
CA GLY D 291 -33.77 -1.98 0.63
C GLY D 291 -33.99 -2.98 1.74
N CYS D 292 -33.62 -4.23 1.48
CA CYS D 292 -33.78 -5.29 2.45
C CYS D 292 -32.76 -6.40 2.18
N MET D 293 -32.68 -7.35 3.11
CA MET D 293 -31.79 -8.47 2.96
C MET D 293 -32.68 -9.69 2.81
N GLY D 294 -32.92 -10.40 3.90
CA GLY D 294 -33.77 -11.58 3.83
C GLY D 294 -34.90 -11.56 4.85
N GLU D 295 -35.43 -10.38 5.17
CA GLU D 295 -36.50 -10.27 6.13
C GLU D 295 -37.80 -10.94 5.69
N SER D 296 -38.55 -11.45 6.66
CA SER D 296 -39.85 -12.05 6.41
C SER D 296 -40.80 -10.87 6.60
N SER D 297 -42.11 -11.09 6.46
CA SER D 297 -43.08 -10.00 6.61
C SER D 297 -42.88 -9.18 7.89
N LEU D 298 -42.62 -9.85 9.01
CA LEU D 298 -42.42 -9.15 10.27
C LEU D 298 -41.20 -8.22 10.20
N GLY D 299 -40.17 -8.64 9.49
CA GLY D 299 -38.98 -7.83 9.36
C GLY D 299 -39.16 -6.69 8.37
N ILE D 300 -39.86 -6.96 7.28
CA ILE D 300 -40.11 -5.96 6.26
C ILE D 300 -40.99 -4.84 6.82
N ASN D 301 -41.82 -5.19 7.82
CA ASN D 301 -42.70 -4.22 8.45
C ASN D 301 -41.89 -3.07 9.02
N GLN D 302 -40.71 -3.40 9.54
CA GLN D 302 -39.82 -2.41 10.15
C GLN D 302 -39.45 -1.34 9.14
N SER D 303 -39.10 -1.77 7.93
CA SER D 303 -38.71 -0.83 6.88
C SER D 303 -39.91 -0.11 6.28
N VAL D 304 -41.07 -0.78 6.27
CA VAL D 304 -42.26 -0.13 5.72
C VAL D 304 -42.64 1.06 6.59
N HIS D 305 -42.58 0.88 7.90
CA HIS D 305 -42.90 1.98 8.81
C HIS D 305 -41.83 3.07 8.71
N PHE D 306 -40.57 2.68 8.54
CA PHE D 306 -39.50 3.66 8.43
C PHE D 306 -39.72 4.51 7.19
N ALA D 307 -40.04 3.88 6.07
CA ALA D 307 -40.26 4.63 4.82
C ALA D 307 -41.52 5.49 4.90
N LEU D 308 -42.61 4.93 5.42
CA LEU D 308 -43.84 5.70 5.54
C LEU D 308 -43.64 6.91 6.44
N GLY D 309 -42.96 6.70 7.56
CA GLY D 309 -42.73 7.78 8.50
C GLY D 309 -41.85 8.91 7.98
N THR D 310 -40.68 8.56 7.45
CA THR D 310 -39.74 9.54 6.94
C THR D 310 -40.05 10.03 5.53
N GLY D 311 -40.68 9.19 4.72
CA GLY D 311 -41.00 9.56 3.35
C GLY D 311 -39.76 10.02 2.61
N ALA D 312 -38.60 9.57 3.05
CA ALA D 312 -37.32 9.98 2.46
C ALA D 312 -36.82 9.22 1.24
N PHE D 313 -37.56 8.22 0.77
CA PHE D 313 -37.07 7.41 -0.35
C PHE D 313 -37.71 7.59 -1.72
N GLU D 314 -36.86 7.63 -2.75
CA GLU D 314 -37.32 7.79 -4.13
C GLU D 314 -37.79 6.43 -4.63
N PHE D 315 -37.14 5.37 -4.16
CA PHE D 315 -37.48 4.00 -4.56
C PHE D 315 -37.48 3.09 -3.34
N HIS D 316 -38.30 2.04 -3.39
CA HIS D 316 -38.37 1.10 -2.28
C HIS D 316 -38.17 -0.32 -2.79
N ASP D 317 -37.18 -1.00 -2.23
CA ASP D 317 -36.89 -2.38 -2.61
C ASP D 317 -37.18 -3.23 -1.38
N LEU D 318 -38.46 -3.40 -1.09
CA LEU D 318 -38.89 -4.16 0.07
C LEU D 318 -39.72 -5.35 -0.43
N ASP D 319 -39.01 -6.32 -1.02
CA ASP D 319 -39.65 -7.50 -1.59
C ASP D 319 -39.18 -8.86 -1.07
N SER D 320 -38.28 -8.87 -0.08
CA SER D 320 -37.79 -10.12 0.45
C SER D 320 -38.90 -11.04 0.94
N HIS D 321 -39.87 -10.48 1.67
CA HIS D 321 -40.97 -11.27 2.19
C HIS D 321 -41.81 -11.87 1.06
N LEU D 322 -41.78 -11.22 -0.10
CA LEU D 322 -42.53 -11.70 -1.26
C LEU D 322 -41.80 -12.84 -1.95
N MET D 323 -40.51 -12.96 -1.67
CA MET D 323 -39.69 -14.01 -2.27
C MET D 323 -39.59 -15.25 -1.40
N LEU D 324 -39.96 -15.11 -0.14
CA LEU D 324 -39.91 -16.23 0.80
C LEU D 324 -41.29 -16.89 0.85
N LYS D 325 -41.34 -18.08 1.43
CA LYS D 325 -42.60 -18.81 1.57
C LYS D 325 -43.25 -18.48 2.91
N GLU D 326 -44.33 -17.70 2.87
CA GLU D 326 -45.07 -17.32 4.07
C GLU D 326 -46.57 -17.48 3.84
N GLU D 327 -47.24 -18.19 4.74
CA GLU D 327 -48.68 -18.40 4.62
C GLU D 327 -49.42 -17.38 5.48
N VAL D 328 -48.77 -16.92 6.54
CA VAL D 328 -49.36 -15.94 7.44
C VAL D 328 -48.61 -14.60 7.37
N PHE D 329 -49.36 -13.53 7.14
CA PHE D 329 -48.79 -12.18 7.05
C PHE D 329 -48.58 -11.64 8.47
N ARG D 330 -47.35 -11.24 8.78
CA ARG D 330 -47.05 -10.75 10.13
C ARG D 330 -46.65 -9.28 10.24
N GLY D 331 -46.84 -8.52 9.17
CA GLY D 331 -46.48 -7.11 9.23
C GLY D 331 -47.65 -6.26 9.70
N LYS D 332 -47.36 -5.07 10.21
CA LYS D 332 -48.40 -4.15 10.66
C LYS D 332 -48.63 -3.13 9.55
N PHE D 333 -48.86 -3.65 8.35
CA PHE D 333 -49.10 -2.82 7.18
C PHE D 333 -49.97 -3.61 6.20
N ILE D 334 -50.48 -2.91 5.19
CA ILE D 334 -51.33 -3.55 4.18
C ILE D 334 -50.59 -3.72 2.87
N GLN D 335 -50.43 -4.96 2.43
CA GLN D 335 -49.76 -5.23 1.17
C GLN D 335 -50.84 -5.40 0.11
N ASP D 336 -50.78 -4.58 -0.93
CA ASP D 336 -51.75 -4.63 -2.01
C ASP D 336 -50.99 -4.51 -3.32
N GLY D 337 -50.58 -5.65 -3.86
CA GLY D 337 -49.81 -5.63 -5.09
C GLY D 337 -48.48 -4.97 -4.71
N PRO D 338 -47.97 -4.04 -5.53
CA PRO D 338 -46.70 -3.40 -5.18
C PRO D 338 -46.89 -2.36 -4.07
N ARG D 339 -48.12 -1.98 -3.83
CA ARG D 339 -48.45 -0.97 -2.82
C ARG D 339 -48.42 -1.48 -1.38
N MET D 340 -47.95 -0.61 -0.50
CA MET D 340 -47.88 -0.91 0.93
C MET D 340 -48.43 0.32 1.65
N ARG D 341 -49.38 0.10 2.55
CA ARG D 341 -49.99 1.21 3.28
C ARG D 341 -50.10 1.03 4.78
N VAL D 342 -50.48 2.13 5.43
CA VAL D 342 -50.66 2.18 6.87
C VAL D 342 -52.13 1.87 7.16
N LYS D 343 -52.37 1.16 8.26
CA LYS D 343 -53.74 0.81 8.65
C LYS D 343 -54.34 1.81 9.64
#